data_2C9I
#
_entry.id   2C9I
#
_cell.length_a   71.880
_cell.length_b   135.126
_cell.length_c   95.071
_cell.angle_alpha   90.00
_cell.angle_beta   106.93
_cell.angle_gamma   90.00
#
_symmetry.space_group_name_H-M   'P 1 21 1'
#
loop_
_entity.id
_entity.type
_entity.pdbx_description
1 polymer 'GREEN FLUORESCENT PROTEIN ASFP499'
2 water water
#
_entity_poly.entity_id   1
_entity_poly.type   'polypeptide(L)'
_entity_poly.pdbx_seq_one_letter_code
;MYPSIKETMRVQLSMEGSVNYHAFKCTGKGEGKPYEGTQSLNITITEGGPLPFAFDILSHAF(CRQ)IKVFAKYPKEIPD
FFKQSLPGGFSWERVSTYEDGGVLSATQETSLQGDCIICKVKVLGTNFPANGPVMQKKTCGWEPSTETVIPRDGGLLLRD
TPALMLADGGHLSCFMETTYKSKKEVKLPELHFHHLRMEKLNISDDWKTVEQHESVVASYSQVPSKLGHN
;
_entity_poly.pdbx_strand_id   A,B,C,D,E,F,G,H
#
# COMPACT_ATOMS: atom_id res chain seq x y z
N MET A 1 21.57 2.76 18.06
CA MET A 1 21.72 3.45 16.75
C MET A 1 21.06 2.66 15.62
N TYR A 2 20.51 3.38 14.66
CA TYR A 2 19.81 2.79 13.52
C TYR A 2 20.77 2.28 12.45
N PRO A 3 20.40 1.18 11.74
CA PRO A 3 21.19 0.61 10.66
C PRO A 3 21.64 1.62 9.60
N SER A 4 22.94 1.61 9.32
CA SER A 4 23.59 2.44 8.29
C SER A 4 23.50 3.96 8.49
N ILE A 5 23.12 4.39 9.69
CA ILE A 5 23.06 5.81 10.03
C ILE A 5 24.26 6.17 10.92
N LYS A 6 25.19 6.95 10.37
CA LYS A 6 26.41 7.32 11.07
C LYS A 6 26.27 8.62 11.85
N GLU A 7 27.24 8.88 12.73
CA GLU A 7 27.25 10.08 13.59
C GLU A 7 27.21 11.36 12.76
N THR A 8 27.90 11.35 11.63
CA THR A 8 27.83 12.44 10.65
C THR A 8 27.58 11.87 9.24
N MET A 9 26.61 12.46 8.55
CA MET A 9 26.25 12.02 7.20
C MET A 9 26.26 13.19 6.23
N ARG A 10 26.51 12.89 4.95
CA ARG A 10 26.57 13.92 3.91
C ARG A 10 25.25 14.05 3.15
N VAL A 11 25.05 15.22 2.56
CA VAL A 11 23.83 15.51 1.81
C VAL A 11 24.15 15.90 0.36
N GLN A 12 23.41 15.29 -0.57
CA GLN A 12 23.45 15.65 -1.97
C GLN A 12 22.02 15.93 -2.44
N LEU A 13 21.75 17.18 -2.82
CA LEU A 13 20.41 17.58 -3.21
C LEU A 13 20.36 18.22 -4.59
N SER A 14 19.30 17.91 -5.32
CA SER A 14 18.98 18.60 -6.57
C SER A 14 17.53 19.05 -6.53
N MET A 15 17.29 20.27 -7.00
CA MET A 15 15.95 20.83 -7.04
C MET A 15 15.67 21.45 -8.41
N GLU A 16 14.47 21.21 -8.91
CA GLU A 16 13.99 21.86 -10.13
C GLU A 16 12.52 22.21 -10.00
N GLY A 17 12.09 23.21 -10.75
CA GLY A 17 10.68 23.61 -10.75
C GLY A 17 10.48 25.05 -11.14
N SER A 18 9.32 25.59 -10.76
CA SER A 18 8.93 26.94 -11.15
C SER A 18 8.03 27.60 -10.11
N VAL A 19 8.14 28.92 -10.02
CA VAL A 19 7.23 29.74 -9.21
C VAL A 19 6.81 30.96 -10.03
N ASN A 20 5.51 31.20 -10.12
CA ASN A 20 4.95 32.33 -10.86
C ASN A 20 5.63 32.55 -12.22
N TYR A 21 5.53 31.54 -13.08
CA TYR A 21 6.04 31.57 -14.47
C TYR A 21 7.57 31.45 -14.61
N HIS A 22 8.29 31.48 -13.51
CA HIS A 22 9.76 31.50 -13.55
C HIS A 22 10.39 30.16 -13.18
N ALA A 23 11.04 29.53 -14.15
CA ALA A 23 11.71 28.25 -13.96
C ALA A 23 13.13 28.42 -13.39
N PHE A 24 13.54 27.46 -12.56
CA PHE A 24 14.84 27.50 -11.88
C PHE A 24 15.34 26.11 -11.54
N LYS A 25 16.65 26.01 -11.29
CA LYS A 25 17.27 24.78 -10.80
C LYS A 25 18.25 25.09 -9.68
N CYS A 26 18.30 24.21 -8.67
CA CYS A 26 19.18 24.36 -7.53
C CYS A 26 19.86 23.04 -7.21
N THR A 27 21.09 23.11 -6.70
CA THR A 27 21.76 21.95 -6.14
C THR A 27 22.28 22.27 -4.74
N GLY A 28 22.37 21.24 -3.89
CA GLY A 28 22.81 21.42 -2.51
C GLY A 28 23.90 20.45 -2.11
N LYS A 29 24.90 20.96 -1.39
CA LYS A 29 25.95 20.16 -0.80
C LYS A 29 26.00 20.46 0.69
N GLY A 30 25.86 19.42 1.51
CA GLY A 30 25.82 19.62 2.96
C GLY A 30 26.22 18.43 3.81
N GLU A 31 26.13 18.62 5.12
CA GLU A 31 26.39 17.57 6.10
C GLU A 31 25.57 17.84 7.36
N GLY A 32 25.51 16.86 8.25
CA GLY A 32 24.82 17.02 9.53
C GLY A 32 25.06 15.91 10.53
N LYS A 33 24.47 16.07 11.70
CA LYS A 33 24.57 15.10 12.79
C LYS A 33 23.18 14.52 13.08
N PRO A 34 22.83 13.38 12.43
CA PRO A 34 21.49 12.80 12.52
C PRO A 34 20.98 12.62 13.96
N TYR A 35 21.84 12.18 14.87
CA TYR A 35 21.43 11.91 16.25
C TYR A 35 21.37 13.18 17.11
N GLU A 36 22.15 14.19 16.73
CA GLU A 36 22.12 15.49 17.41
C GLU A 36 21.04 16.41 16.82
N GLY A 37 20.53 16.04 15.64
CA GLY A 37 19.42 16.75 15.00
C GLY A 37 19.81 18.06 14.34
N THR A 38 21.06 18.17 13.92
CA THR A 38 21.56 19.38 13.26
C THR A 38 22.04 19.07 11.84
N GLN A 39 21.90 20.06 10.96
CA GLN A 39 22.34 19.94 9.56
C GLN A 39 22.64 21.28 8.92
N SER A 40 23.55 21.29 7.96
CA SER A 40 23.86 22.46 7.18
C SER A 40 23.80 22.11 5.70
N LEU A 41 23.34 23.05 4.88
CA LEU A 41 23.28 22.87 3.44
C LEU A 41 23.78 24.11 2.70
N ASN A 42 24.75 23.89 1.81
CA ASN A 42 25.24 24.96 0.95
C ASN A 42 24.55 24.85 -0.40
N ILE A 43 23.77 25.88 -0.73
CA ILE A 43 22.87 25.85 -1.89
C ILE A 43 23.37 26.79 -2.99
N THR A 44 23.49 26.25 -4.21
CA THR A 44 23.78 27.06 -5.38
C THR A 44 22.60 27.03 -6.36
N ILE A 45 22.19 28.22 -6.80
CA ILE A 45 21.15 28.34 -7.82
C ILE A 45 21.83 28.25 -9.19
N THR A 46 21.66 27.09 -9.82
CA THR A 46 22.39 26.76 -11.05
C THR A 46 21.72 27.32 -12.31
N GLU A 47 20.39 27.45 -12.27
CA GLU A 47 19.63 27.98 -13.39
C GLU A 47 18.54 28.93 -12.92
N GLY A 48 18.28 29.97 -13.71
CA GLY A 48 17.24 30.95 -13.41
C GLY A 48 17.76 32.19 -12.70
N GLY A 49 19.02 32.53 -12.98
CA GLY A 49 19.68 33.72 -12.44
C GLY A 49 19.42 33.98 -10.97
N PRO A 50 19.40 35.26 -10.56
CA PRO A 50 18.86 35.60 -9.26
C PRO A 50 17.35 35.41 -9.31
N LEU A 51 16.81 34.67 -8.34
CA LEU A 51 15.37 34.42 -8.26
C LEU A 51 14.59 35.74 -8.16
N PRO A 52 13.53 35.90 -8.97
CA PRO A 52 12.69 37.09 -8.91
C PRO A 52 11.71 37.04 -7.73
N PHE A 53 11.72 35.92 -7.00
CA PHE A 53 10.87 35.73 -5.84
C PHE A 53 11.73 35.45 -4.60
N ALA A 54 11.10 35.56 -3.43
CA ALA A 54 11.78 35.33 -2.15
C ALA A 54 12.31 33.90 -2.05
N PHE A 55 13.61 33.77 -1.80
CA PHE A 55 14.25 32.47 -1.63
C PHE A 55 13.61 31.66 -0.51
N ASP A 56 13.15 32.35 0.53
CA ASP A 56 12.54 31.74 1.72
C ASP A 56 11.45 30.70 1.43
N ILE A 57 10.71 30.87 0.34
CA ILE A 57 9.62 29.95 0.01
C ILE A 57 10.09 28.57 -0.45
N LEU A 58 11.41 28.43 -0.67
CA LEU A 58 12.01 27.17 -1.07
C LEU A 58 12.70 26.46 0.10
N SER A 59 12.94 27.19 1.18
CA SER A 59 13.72 26.70 2.32
C SER A 59 13.22 25.40 2.96
N HIS A 60 11.90 25.26 3.08
CA HIS A 60 11.29 24.04 3.65
C HIS A 60 11.54 22.81 2.78
N ALA A 61 11.56 23.02 1.46
CA ALA A 61 11.75 21.92 0.51
C ALA A 61 13.19 21.39 0.48
N PHE A 62 14.16 22.26 0.78
CA PHE A 62 15.56 21.87 0.80
C PHE A 62 15.87 20.81 1.88
N1 CRQ A 63 15.24 21.79 3.79
CA1 CRQ A 63 15.22 20.78 4.79
CB1 CRQ A 63 16.21 21.25 5.83
CG1 CRQ A 63 17.24 22.27 5.39
C1 CRQ A 63 13.85 20.67 5.35
N2 CRQ A 63 13.23 21.44 6.30
N3 CRQ A 63 13.02 19.70 4.98
C2 CRQ A 63 11.88 19.81 5.60
O2 CRQ A 63 10.85 19.05 5.46
CA2 CRQ A 63 12.00 20.89 6.44
CA3 CRQ A 63 13.31 18.78 4.00
CB2 CRQ A 63 10.98 21.27 7.25
CG2 CRQ A 63 10.86 22.24 8.11
CD1 CRQ A 63 9.64 22.32 8.77
CD2 CRQ A 63 11.86 23.17 8.39
CE1 CRQ A 63 9.41 23.33 9.71
CE2 CRQ A 63 11.63 24.17 9.34
CZ CRQ A 63 10.41 24.26 10.00
OH CRQ A 63 10.20 25.19 10.87
OE1 CRQ A 63 18.30 24.00 6.53
C3 CRQ A 63 13.84 17.43 4.40
O3 CRQ A 63 14.02 16.63 3.47
CD3 CRQ A 63 18.43 22.87 6.11
NE1 CRQ A 63 19.63 22.33 5.86
N ILE A 64 14.94 17.38 5.14
CA ILE A 64 15.62 16.08 5.38
C ILE A 64 15.46 15.73 6.85
N LYS A 65 14.37 15.03 7.17
CA LYS A 65 13.98 14.79 8.55
C LYS A 65 14.78 13.69 9.25
N VAL A 66 15.78 13.15 8.55
CA VAL A 66 16.74 12.21 9.14
C VAL A 66 17.55 12.91 10.25
N PHE A 67 17.77 14.21 10.08
CA PHE A 67 18.49 15.02 11.07
C PHE A 67 17.53 15.59 12.12
N ALA A 68 17.05 14.70 12.99
CA ALA A 68 16.20 15.09 14.11
C ALA A 68 16.60 14.32 15.35
N LYS A 69 16.62 15.01 16.48
CA LYS A 69 16.93 14.39 17.76
C LYS A 69 15.69 13.68 18.29
N TYR A 70 15.74 12.35 18.30
CA TYR A 70 14.63 11.52 18.78
C TYR A 70 14.96 10.84 20.10
N PRO A 71 13.99 10.84 21.04
CA PRO A 71 14.15 10.07 22.27
C PRO A 71 13.93 8.58 22.02
N LYS A 72 14.40 7.75 22.94
CA LYS A 72 14.36 6.29 22.78
C LYS A 72 12.94 5.74 22.61
N GLU A 73 11.99 6.29 23.36
CA GLU A 73 10.63 5.74 23.41
C GLU A 73 9.72 6.07 22.20
N ILE A 74 10.19 6.97 21.33
CA ILE A 74 9.45 7.29 20.11
C ILE A 74 10.17 6.74 18.88
N PRO A 75 9.51 5.85 18.12
CA PRO A 75 10.04 5.30 16.87
C PRO A 75 10.39 6.38 15.85
N ASP A 76 11.59 6.28 15.29
CA ASP A 76 12.12 7.27 14.35
C ASP A 76 11.83 6.80 12.92
N PHE A 77 10.74 7.29 12.35
CA PHE A 77 10.28 6.91 11.00
C PHE A 77 11.35 7.15 9.94
N PHE A 78 12.02 8.29 10.04
CA PHE A 78 12.92 8.76 8.99
C PHE A 78 14.24 8.00 8.95
N LYS A 79 14.80 7.71 10.12
CA LYS A 79 16.01 6.90 10.21
C LYS A 79 15.72 5.43 9.86
N GLN A 80 14.53 4.96 10.23
CA GLN A 80 14.06 3.62 9.86
C GLN A 80 13.92 3.47 8.35
N SER A 81 13.38 4.51 7.70
CA SER A 81 13.03 4.47 6.28
C SER A 81 14.17 4.80 5.32
N LEU A 82 15.23 5.42 5.83
CA LEU A 82 16.34 5.91 5.00
C LEU A 82 17.03 4.82 4.14
N PRO A 83 17.46 3.69 4.76
CA PRO A 83 18.18 2.68 3.98
C PRO A 83 17.40 2.15 2.78
N GLY A 84 16.11 1.86 2.98
CA GLY A 84 15.23 1.42 1.90
C GLY A 84 14.78 2.56 1.01
N GLY A 85 14.85 3.78 1.54
CA GLY A 85 14.41 4.98 0.82
C GLY A 85 13.02 5.42 1.24
N PHE A 86 12.78 6.72 1.17
CA PHE A 86 11.43 7.26 1.39
C PHE A 86 11.18 8.53 0.58
N SER A 87 9.91 8.93 0.51
CA SER A 87 9.52 10.10 -0.25
C SER A 87 8.55 10.97 0.54
N TRP A 88 8.58 12.28 0.29
CA TRP A 88 7.58 13.18 0.84
C TRP A 88 6.96 14.11 -0.19
N GLU A 89 5.73 14.52 0.07
CA GLU A 89 5.00 15.46 -0.77
C GLU A 89 4.28 16.47 0.11
N ARG A 90 4.20 17.70 -0.37
CA ARG A 90 3.74 18.83 0.45
C ARG A 90 2.94 19.87 -0.33
N VAL A 91 1.92 20.42 0.33
CA VAL A 91 1.24 21.64 -0.12
C VAL A 91 1.44 22.71 0.96
N SER A 92 1.96 23.86 0.55
CA SER A 92 2.08 25.02 1.43
C SER A 92 1.16 26.13 0.93
N THR A 93 0.12 26.42 1.70
CA THR A 93 -0.89 27.41 1.32
C THR A 93 -0.74 28.69 2.14
N TYR A 94 -0.33 29.76 1.45
CA TYR A 94 -0.08 31.06 2.08
C TYR A 94 -1.37 31.83 2.27
N GLU A 95 -1.43 32.62 3.35
CA GLU A 95 -2.64 33.37 3.72
C GLU A 95 -3.08 34.41 2.68
N ASP A 96 -2.16 34.81 1.79
CA ASP A 96 -2.48 35.79 0.74
C ASP A 96 -2.75 35.18 -0.65
N GLY A 97 -2.76 33.85 -0.74
CA GLY A 97 -3.18 33.18 -1.98
C GLY A 97 -2.17 32.27 -2.65
N GLY A 98 -0.89 32.45 -2.33
CA GLY A 98 0.18 31.64 -2.92
C GLY A 98 0.13 30.19 -2.49
N VAL A 99 0.33 29.28 -3.44
CA VAL A 99 0.37 27.84 -3.16
C VAL A 99 1.62 27.21 -3.76
N LEU A 100 2.41 26.55 -2.93
CA LEU A 100 3.63 25.89 -3.37
C LEU A 100 3.53 24.38 -3.18
N SER A 101 3.47 23.66 -4.30
CA SER A 101 3.44 22.20 -4.29
C SER A 101 4.85 21.65 -4.46
N ALA A 102 5.12 20.55 -3.74
CA ALA A 102 6.45 19.93 -3.77
C ALA A 102 6.38 18.41 -3.67
N THR A 103 7.31 17.76 -4.36
CA THR A 103 7.49 16.31 -4.26
C THR A 103 8.97 15.98 -4.16
N GLN A 104 9.30 14.97 -3.37
CA GLN A 104 10.70 14.68 -3.03
C GLN A 104 10.96 13.19 -2.84
N GLU A 105 12.12 12.76 -3.30
CA GLU A 105 12.59 11.38 -3.13
C GLU A 105 13.90 11.39 -2.35
N THR A 106 13.96 10.58 -1.30
CA THR A 106 15.17 10.46 -0.47
C THR A 106 15.70 9.04 -0.53
N SER A 107 16.99 8.90 -0.80
CA SER A 107 17.67 7.60 -0.79
C SER A 107 19.05 7.67 -0.13
N LEU A 108 19.69 6.52 0.04
CA LEU A 108 20.97 6.43 0.74
C LEU A 108 21.99 5.54 0.02
N GLN A 109 23.16 6.11 -0.26
CA GLN A 109 24.29 5.37 -0.80
C GLN A 109 25.52 5.70 0.04
N GLY A 110 26.02 4.70 0.77
CA GLY A 110 27.16 4.90 1.67
C GLY A 110 26.79 5.81 2.83
N ASP A 111 27.50 6.93 2.94
CA ASP A 111 27.19 7.94 3.96
C ASP A 111 26.49 9.15 3.33
N CYS A 112 26.06 9.00 2.09
CA CYS A 112 25.46 10.10 1.32
C CYS A 112 23.94 9.98 1.24
N ILE A 113 23.26 10.97 1.81
CA ILE A 113 21.81 11.09 1.70
C ILE A 113 21.48 11.90 0.45
N ILE A 114 20.90 11.25 -0.55
CA ILE A 114 20.60 11.94 -1.80
C ILE A 114 19.12 12.32 -1.91
N CYS A 115 18.88 13.58 -2.26
CA CYS A 115 17.54 14.15 -2.31
C CYS A 115 17.23 14.71 -3.70
N LYS A 116 16.08 14.32 -4.23
CA LYS A 116 15.58 14.85 -5.51
C LYS A 116 14.26 15.56 -5.27
N VAL A 117 14.24 16.87 -5.49
CA VAL A 117 13.05 17.69 -5.21
C VAL A 117 12.48 18.32 -6.48
N LYS A 118 11.15 18.28 -6.61
CA LYS A 118 10.43 19.00 -7.65
C LYS A 118 9.46 19.99 -7.00
N VAL A 119 9.42 21.22 -7.54
CA VAL A 119 8.65 22.30 -6.94
C VAL A 119 7.78 23.02 -7.99
N LEU A 120 6.53 23.30 -7.64
CA LEU A 120 5.64 24.06 -8.51
C LEU A 120 4.78 25.01 -7.69
N GLY A 121 5.06 26.30 -7.83
CA GLY A 121 4.34 27.35 -7.09
C GLY A 121 3.60 28.29 -8.00
N THR A 122 2.35 28.60 -7.63
CA THR A 122 1.48 29.46 -8.43
C THR A 122 0.66 30.40 -7.55
N ASN A 123 -0.01 31.37 -8.19
CA ASN A 123 -0.99 32.24 -7.53
C ASN A 123 -0.46 33.14 -6.41
N PHE A 124 0.85 33.33 -6.35
CA PHE A 124 1.44 34.28 -5.43
C PHE A 124 1.10 35.70 -5.87
N PRO A 125 0.62 36.55 -4.94
CA PRO A 125 0.26 37.93 -5.29
C PRO A 125 1.44 38.65 -5.92
N ALA A 126 1.20 39.30 -7.07
CA ALA A 126 2.25 40.01 -7.79
C ALA A 126 2.89 41.12 -6.96
N ASN A 127 2.09 41.73 -6.09
CA ASN A 127 2.56 42.83 -5.24
C ASN A 127 2.76 42.42 -3.77
N GLY A 128 2.72 41.11 -3.52
CA GLY A 128 2.93 40.57 -2.18
C GLY A 128 4.40 40.51 -1.79
N PRO A 129 4.70 40.24 -0.50
CA PRO A 129 6.07 40.20 0.01
C PRO A 129 6.95 39.12 -0.61
N VAL A 130 6.34 38.03 -1.08
CA VAL A 130 7.08 36.93 -1.71
C VAL A 130 7.63 37.34 -3.08
N MET A 131 6.76 37.84 -3.95
CA MET A 131 7.16 38.21 -5.31
C MET A 131 7.96 39.51 -5.37
N GLN A 132 7.80 40.36 -4.36
CA GLN A 132 8.56 41.61 -4.27
C GLN A 132 9.83 41.46 -3.42
N LYS A 133 10.09 40.22 -2.99
CA LYS A 133 11.27 39.88 -2.17
C LYS A 133 11.43 40.76 -0.91
N LYS A 134 10.40 40.75 -0.07
CA LYS A 134 10.40 41.54 1.16
C LYS A 134 10.27 40.64 2.40
N THR A 135 10.91 39.46 2.33
CA THR A 135 10.87 38.50 3.42
C THR A 135 12.22 38.41 4.13
N CYS A 136 12.22 38.01 5.39
CA CYS A 136 13.43 38.02 6.22
C CYS A 136 13.68 36.72 6.96
N GLY A 137 13.32 35.60 6.34
CA GLY A 137 13.53 34.29 6.93
C GLY A 137 12.38 33.82 7.80
N TRP A 138 12.35 32.52 8.07
CA TRP A 138 11.27 31.92 8.85
C TRP A 138 11.52 31.98 10.34
N GLU A 139 10.44 32.09 11.10
CA GLU A 139 10.48 31.91 12.54
C GLU A 139 10.71 30.42 12.85
N PRO A 140 11.15 30.09 14.08
CA PRO A 140 11.08 28.69 14.47
C PRO A 140 9.62 28.23 14.51
N SER A 141 9.41 26.92 14.41
CA SER A 141 8.06 26.37 14.42
C SER A 141 8.03 24.99 15.09
N THR A 142 6.82 24.49 15.31
CA THR A 142 6.63 23.13 15.76
C THR A 142 5.61 22.40 14.88
N GLU A 143 6.02 21.24 14.37
CA GLU A 143 5.22 20.45 13.45
C GLU A 143 4.56 19.31 14.21
N THR A 144 3.33 18.98 13.81
CA THR A 144 2.60 17.84 14.39
C THR A 144 2.81 16.61 13.52
N VAL A 145 3.31 15.54 14.12
CA VAL A 145 3.59 14.29 13.42
C VAL A 145 2.46 13.28 13.69
N ILE A 146 1.71 12.95 12.65
CA ILE A 146 0.57 12.04 12.75
C ILE A 146 0.83 10.76 11.92
N PRO A 147 0.71 9.58 12.56
CA PRO A 147 0.76 8.33 11.78
C PRO A 147 -0.52 8.14 10.96
N ARG A 148 -0.38 7.75 9.70
CA ARG A 148 -1.53 7.60 8.80
C ARG A 148 -1.29 6.58 7.67
N ASP A 149 -2.07 5.49 7.72
CA ASP A 149 -1.95 4.35 6.79
C ASP A 149 -0.55 4.05 6.27
N GLY A 150 0.29 3.46 7.13
CA GLY A 150 1.62 3.02 6.76
C GLY A 150 2.68 4.10 6.69
N GLY A 151 2.24 5.36 6.72
CA GLY A 151 3.14 6.50 6.64
C GLY A 151 2.84 7.58 7.65
N LEU A 152 3.20 8.81 7.29
CA LEU A 152 3.06 9.97 8.16
C LEU A 152 2.33 11.12 7.49
N LEU A 153 1.60 11.88 8.30
CA LEU A 153 1.09 13.18 7.90
C LEU A 153 1.61 14.22 8.88
N LEU A 154 2.36 15.19 8.34
CA LEU A 154 2.92 16.27 9.16
C LEU A 154 2.22 17.59 8.84
N ARG A 155 1.78 18.28 9.89
CA ARG A 155 1.08 19.54 9.74
C ARG A 155 1.74 20.66 10.56
N ASP A 156 1.80 21.84 9.97
CA ASP A 156 2.49 22.98 10.58
C ASP A 156 1.85 24.29 10.11
N THR A 157 2.03 25.35 10.89
CA THR A 157 1.64 26.70 10.49
C THR A 157 2.84 27.67 10.62
N PRO A 158 3.85 27.52 9.75
CA PRO A 158 5.04 28.37 9.89
C PRO A 158 4.77 29.84 9.54
N ALA A 159 5.46 30.73 10.24
CA ALA A 159 5.32 32.17 10.02
C ALA A 159 6.62 32.73 9.43
N LEU A 160 6.46 33.48 8.34
CA LEU A 160 7.58 34.06 7.63
C LEU A 160 7.74 35.53 8.01
N MET A 161 8.91 35.88 8.53
CA MET A 161 9.21 37.26 8.94
C MET A 161 9.29 38.17 7.71
N LEU A 162 8.79 39.39 7.87
CA LEU A 162 8.72 40.35 6.77
C LEU A 162 9.56 41.59 7.01
N ALA A 163 9.86 42.31 5.93
CA ALA A 163 10.68 43.52 5.99
C ALA A 163 10.06 44.63 6.85
N ASP A 164 8.73 44.70 6.88
CA ASP A 164 8.01 45.72 7.65
C ASP A 164 7.92 45.40 9.15
N GLY A 165 8.28 44.18 9.52
CA GLY A 165 8.26 43.76 10.92
C GLY A 165 7.12 42.81 11.26
N GLY A 166 6.21 42.62 10.29
CA GLY A 166 5.08 41.71 10.46
C GLY A 166 5.39 40.29 10.04
N HIS A 167 4.34 39.49 9.85
CA HIS A 167 4.49 38.09 9.47
C HIS A 167 3.54 37.67 8.36
N LEU A 168 4.01 36.76 7.52
CA LEU A 168 3.18 36.09 6.53
C LEU A 168 3.18 34.61 6.85
N SER A 169 2.00 34.06 7.13
CA SER A 169 1.90 32.66 7.52
C SER A 169 1.40 31.77 6.38
N CYS A 170 1.75 30.49 6.46
CA CYS A 170 1.21 29.49 5.55
C CYS A 170 0.86 28.22 6.33
N PHE A 171 -0.06 27.44 5.79
CA PHE A 171 -0.36 26.13 6.33
C PHE A 171 0.40 25.07 5.53
N MET A 172 1.15 24.22 6.23
CA MET A 172 1.90 23.15 5.58
C MET A 172 1.28 21.79 5.87
N GLU A 173 1.12 20.99 4.83
CA GLU A 173 0.60 19.63 4.95
C GLU A 173 1.53 18.71 4.15
N THR A 174 2.21 17.81 4.85
CA THR A 174 3.24 16.96 4.24
C THR A 174 2.98 15.47 4.50
N THR A 175 2.95 14.69 3.42
CA THR A 175 2.78 13.24 3.50
C THR A 175 4.11 12.53 3.29
N TYR A 176 4.32 11.44 4.04
CA TYR A 176 5.54 10.64 3.95
C TYR A 176 5.23 9.19 3.63
N LYS A 177 5.94 8.63 2.64
CA LYS A 177 5.76 7.22 2.28
C LYS A 177 7.10 6.50 2.23
N SER A 178 7.16 5.39 2.95
CA SER A 178 8.38 4.58 3.00
C SER A 178 8.33 3.52 1.91
N LYS A 179 9.50 3.24 1.32
CA LYS A 179 9.64 2.17 0.34
C LYS A 179 9.46 0.81 0.99
N LYS A 180 10.00 0.68 2.20
CA LYS A 180 9.90 -0.55 3.00
C LYS A 180 9.11 -0.28 4.28
N GLU A 181 8.38 -1.28 4.74
CA GLU A 181 7.56 -1.20 5.95
C GLU A 181 8.43 -0.90 7.17
N VAL A 182 7.99 0.06 7.98
CA VAL A 182 8.70 0.46 9.20
C VAL A 182 7.73 0.57 10.38
N LYS A 183 8.27 0.68 11.59
CA LYS A 183 7.45 0.79 12.80
C LYS A 183 7.01 2.23 13.02
N LEU A 184 5.71 2.47 12.88
CA LEU A 184 5.12 3.82 12.98
C LEU A 184 5.08 4.33 14.42
N PRO A 185 5.41 5.62 14.62
CA PRO A 185 5.31 6.21 15.95
C PRO A 185 3.86 6.61 16.27
N GLU A 186 3.61 6.93 17.53
CA GLU A 186 2.35 7.55 17.92
C GLU A 186 2.51 9.05 17.74
N LEU A 187 1.41 9.80 17.74
CA LEU A 187 1.44 11.24 17.52
C LEU A 187 2.44 11.95 18.43
N HIS A 188 3.27 12.80 17.84
CA HIS A 188 4.25 13.61 18.58
C HIS A 188 4.57 14.89 17.81
N PHE A 189 5.62 15.59 18.23
CA PHE A 189 5.94 16.90 17.66
C PHE A 189 7.40 17.04 17.23
N HIS A 190 7.62 17.88 16.23
CA HIS A 190 8.95 18.32 15.83
C HIS A 190 9.07 19.81 16.16
N HIS A 191 10.06 20.17 16.96
CA HIS A 191 10.37 21.56 17.22
C HIS A 191 11.57 21.94 16.36
N LEU A 192 11.35 22.86 15.41
CA LEU A 192 12.35 23.18 14.39
C LEU A 192 12.84 24.63 14.46
N ARG A 193 14.07 24.86 14.04
CA ARG A 193 14.56 26.20 13.73
C ARG A 193 15.47 26.18 12.51
N MET A 194 14.97 26.76 11.42
CA MET A 194 15.64 26.76 10.13
C MET A 194 16.08 28.18 9.78
N GLU A 195 17.38 28.38 9.58
CA GLU A 195 17.96 29.71 9.41
C GLU A 195 18.97 29.82 8.28
N LYS A 196 18.91 30.92 7.54
CA LYS A 196 19.93 31.27 6.55
C LYS A 196 21.10 31.96 7.25
N LEU A 197 22.31 31.47 7.02
CA LEU A 197 23.49 31.98 7.70
C LEU A 197 24.32 32.91 6.83
N ASN A 198 24.50 32.53 5.57
CA ASN A 198 25.29 33.31 4.62
C ASN A 198 24.63 33.36 3.25
N ILE A 199 24.69 34.53 2.61
CA ILE A 199 24.16 34.72 1.26
C ILE A 199 25.21 35.44 0.41
N SER A 200 25.48 34.90 -0.78
CA SER A 200 26.40 35.53 -1.72
C SER A 200 25.79 36.81 -2.28
N ASP A 201 26.65 37.77 -2.62
CA ASP A 201 26.21 39.09 -3.09
C ASP A 201 25.53 39.11 -4.46
N ASP A 202 25.63 38.00 -5.18
CA ASP A 202 24.91 37.82 -6.45
C ASP A 202 23.65 36.96 -6.27
N TRP A 203 23.38 36.57 -5.02
CA TRP A 203 22.22 35.76 -4.63
C TRP A 203 22.14 34.37 -5.27
N LYS A 204 23.31 33.83 -5.64
CA LYS A 204 23.40 32.50 -6.25
C LYS A 204 23.82 31.41 -5.25
N THR A 205 24.39 31.82 -4.12
CA THR A 205 24.83 30.90 -3.09
C THR A 205 24.27 31.28 -1.72
N VAL A 206 23.74 30.29 -1.02
CA VAL A 206 23.15 30.49 0.31
C VAL A 206 23.38 29.28 1.23
N GLU A 207 23.86 29.57 2.43
CA GLU A 207 24.06 28.55 3.46
C GLU A 207 22.86 28.53 4.39
N GLN A 208 22.30 27.34 4.60
CA GLN A 208 21.11 27.16 5.42
C GLN A 208 21.35 26.09 6.49
N HIS A 209 20.98 26.42 7.73
CA HIS A 209 21.15 25.51 8.86
C HIS A 209 19.79 25.17 9.48
N GLU A 210 19.68 23.98 10.06
CA GLU A 210 18.46 23.53 10.72
C GLU A 210 18.76 22.67 11.96
N SER A 211 18.02 22.92 13.04
CA SER A 211 18.05 22.07 14.22
C SER A 211 16.64 21.56 14.52
N VAL A 212 16.53 20.25 14.79
CA VAL A 212 15.24 19.61 15.06
C VAL A 212 15.29 18.77 16.32
N VAL A 213 14.30 18.97 17.20
CA VAL A 213 14.10 18.12 18.37
C VAL A 213 12.70 17.51 18.29
N ALA A 214 12.63 16.19 18.41
CA ALA A 214 11.36 15.48 18.46
C ALA A 214 10.99 15.14 19.90
N SER A 215 9.73 15.36 20.24
CA SER A 215 9.26 15.14 21.61
C SER A 215 7.74 15.01 21.68
N TYR A 216 7.26 14.32 22.70
CA TYR A 216 5.86 14.40 23.08
C TYR A 216 5.61 15.77 23.69
N SER A 217 4.34 16.11 23.91
CA SER A 217 3.96 17.35 24.56
C SER A 217 4.65 17.49 25.92
N GLN A 218 5.11 18.70 26.23
CA GLN A 218 5.79 18.99 27.49
C GLN A 218 4.81 19.13 28.67
N VAL A 219 3.56 19.45 28.36
CA VAL A 219 2.55 19.68 29.39
C VAL A 219 1.93 18.39 29.92
N PRO A 220 1.85 18.23 31.26
CA PRO A 220 1.35 17.03 31.93
C PRO A 220 -0.09 16.67 31.56
N SER A 221 -0.40 15.38 31.63
CA SER A 221 -1.74 14.86 31.32
C SER A 221 -2.46 14.39 32.58
N LYS A 222 -3.77 14.60 32.60
CA LYS A 222 -4.62 14.14 33.70
C LYS A 222 -5.13 12.73 33.46
N LEU A 223 -5.12 12.32 32.19
CA LEU A 223 -5.64 11.01 31.77
C LEU A 223 -4.55 9.98 31.50
N GLY A 224 -3.30 10.35 31.77
CA GLY A 224 -2.16 9.46 31.57
C GLY A 224 -1.76 9.28 30.11
N HIS A 225 -2.11 10.26 29.28
CA HIS A 225 -1.76 10.25 27.86
C HIS A 225 -0.39 10.88 27.61
N ASN A 226 0.30 10.38 26.59
CA ASN A 226 1.56 10.98 26.15
C ASN A 226 1.34 12.39 25.59
N TYR B 2 0.54 41.04 37.61
CA TYR B 2 -0.48 41.76 36.79
C TYR B 2 -1.67 42.21 37.66
N PRO B 3 -2.08 43.48 37.52
CA PRO B 3 -3.16 44.05 38.33
C PRO B 3 -4.48 43.30 38.19
N SER B 4 -5.15 43.07 39.32
CA SER B 4 -6.48 42.45 39.39
C SER B 4 -6.51 40.93 39.12
N ILE B 5 -5.33 40.35 38.86
CA ILE B 5 -5.22 38.92 38.62
C ILE B 5 -4.70 38.22 39.88
N LYS B 6 -5.54 37.38 40.48
CA LYS B 6 -5.20 36.69 41.72
C LYS B 6 -4.65 35.30 41.44
N GLU B 7 -4.07 34.66 42.46
CA GLU B 7 -3.47 33.33 42.32
C GLU B 7 -4.47 32.28 41.85
N THR B 8 -5.74 32.46 42.24
CA THR B 8 -6.84 31.63 41.73
C THR B 8 -8.05 32.50 41.35
N MET B 9 -8.63 32.23 40.19
CA MET B 9 -9.77 32.98 39.67
C MET B 9 -10.88 32.03 39.20
N ARG B 10 -12.11 32.53 39.22
CA ARG B 10 -13.27 31.71 38.84
C ARG B 10 -13.84 32.09 37.47
N VAL B 11 -14.61 31.18 36.89
CA VAL B 11 -15.15 31.37 35.55
C VAL B 11 -16.67 31.22 35.51
N GLN B 12 -17.34 32.19 34.90
CA GLN B 12 -18.76 32.08 34.57
C GLN B 12 -18.90 32.18 33.05
N LEU B 13 -19.41 31.12 32.43
CA LEU B 13 -19.47 31.04 30.97
C LEU B 13 -20.89 30.75 30.47
N SER B 14 -21.27 31.41 29.38
CA SER B 14 -22.49 31.10 28.66
C SER B 14 -22.17 30.91 27.18
N MET B 15 -22.74 29.86 26.58
CA MET B 15 -22.58 29.59 25.15
C MET B 15 -23.91 29.34 24.47
N GLU B 16 -24.10 29.95 23.31
CA GLU B 16 -25.22 29.63 22.44
C GLU B 16 -24.76 29.45 21.00
N GLY B 17 -25.47 28.63 20.25
CA GLY B 17 -25.15 28.44 18.84
C GLY B 17 -25.83 27.25 18.19
N SER B 18 -25.33 26.88 17.01
CA SER B 18 -25.86 25.77 16.26
C SER B 18 -24.79 25.10 15.41
N VAL B 19 -24.90 23.78 15.27
CA VAL B 19 -24.05 22.99 14.38
C VAL B 19 -24.95 22.08 13.56
N ASN B 20 -24.77 22.11 12.25
CA ASN B 20 -25.57 21.30 11.32
C ASN B 20 -27.07 21.32 11.64
N TYR B 21 -27.66 22.51 11.58
CA TYR B 21 -29.11 22.74 11.78
C TYR B 21 -29.60 22.58 13.22
N HIS B 22 -28.70 22.22 14.14
CA HIS B 22 -29.11 21.92 15.52
C HIS B 22 -28.70 23.00 16.53
N ALA B 23 -29.71 23.70 17.07
CA ALA B 23 -29.49 24.75 18.05
C ALA B 23 -29.29 24.19 19.46
N PHE B 24 -28.46 24.87 20.24
CA PHE B 24 -28.14 24.44 21.61
C PHE B 24 -27.64 25.61 22.45
N LYS B 25 -27.72 25.43 23.76
CA LYS B 25 -27.14 26.38 24.71
C LYS B 25 -26.41 25.65 25.84
N CYS B 26 -25.31 26.23 26.29
CA CYS B 26 -24.49 25.66 27.36
C CYS B 26 -24.13 26.74 28.38
N THR B 27 -23.95 26.33 29.63
CA THR B 27 -23.37 27.20 30.64
C THR B 27 -22.15 26.51 31.28
N GLY B 28 -21.19 27.32 31.71
CA GLY B 28 -19.96 26.80 32.33
C GLY B 28 -19.65 27.48 33.64
N LYS B 29 -19.26 26.67 34.62
CA LYS B 29 -18.84 27.17 35.93
C LYS B 29 -17.54 26.47 36.30
N GLY B 30 -16.50 27.27 36.59
CA GLY B 30 -15.21 26.71 36.90
C GLY B 30 -14.24 27.64 37.60
N GLU B 31 -12.98 27.22 37.65
CA GLU B 31 -11.90 27.99 38.27
C GLU B 31 -10.55 27.57 37.71
N GLY B 32 -9.50 28.25 38.12
CA GLY B 32 -8.14 27.90 37.71
C GLY B 32 -7.07 28.79 38.32
N LYS B 33 -5.82 28.45 38.06
CA LYS B 33 -4.68 29.22 38.54
C LYS B 33 -4.01 29.91 37.33
N PRO B 34 -4.25 31.22 37.16
CA PRO B 34 -3.79 31.99 36.00
C PRO B 34 -2.27 31.97 35.78
N TYR B 35 -1.50 32.08 36.87
CA TYR B 35 -0.03 32.12 36.78
C TYR B 35 0.58 30.73 36.60
N GLU B 36 -0.16 29.71 37.04
CA GLU B 36 0.27 28.32 36.90
C GLU B 36 -0.17 27.75 35.55
N GLY B 37 -1.15 28.42 34.93
CA GLY B 37 -1.61 28.07 33.58
C GLY B 37 -2.57 26.90 33.52
N THR B 38 -3.29 26.66 34.61
CA THR B 38 -4.24 25.56 34.70
C THR B 38 -5.67 26.07 34.92
N GLN B 39 -6.65 25.31 34.43
CA GLN B 39 -8.06 25.65 34.61
C GLN B 39 -8.98 24.44 34.49
N SER B 40 -10.11 24.50 35.20
CA SER B 40 -11.15 23.48 35.12
C SER B 40 -12.49 24.15 34.88
N LEU B 41 -13.37 23.48 34.14
CA LEU B 41 -14.69 24.00 33.83
C LEU B 41 -15.73 22.90 33.83
N ASN B 42 -16.81 23.11 34.60
CA ASN B 42 -17.94 22.19 34.63
C ASN B 42 -19.03 22.70 33.70
N ILE B 43 -19.27 21.96 32.64
CA ILE B 43 -20.19 22.37 31.58
C ILE B 43 -21.49 21.60 31.63
N THR B 44 -22.61 22.33 31.60
CA THR B 44 -23.93 21.72 31.48
C THR B 44 -24.65 22.21 30.22
N ILE B 45 -25.20 21.26 29.47
CA ILE B 45 -25.98 21.56 28.28
C ILE B 45 -27.41 21.87 28.71
N THR B 46 -27.76 23.15 28.65
CA THR B 46 -29.04 23.63 29.16
C THR B 46 -30.16 23.53 28.13
N GLU B 47 -29.82 23.67 26.85
CA GLU B 47 -30.77 23.57 25.76
C GLU B 47 -30.23 22.76 24.60
N GLY B 48 -31.10 22.05 23.91
CA GLY B 48 -30.73 21.23 22.76
C GLY B 48 -30.53 19.77 23.08
N GLY B 49 -31.17 19.30 24.15
CA GLY B 49 -31.11 17.90 24.61
C GLY B 49 -29.71 17.33 24.64
N PRO B 50 -29.58 16.01 24.40
CA PRO B 50 -28.25 15.46 24.12
C PRO B 50 -27.83 15.87 22.71
N LEU B 51 -26.60 16.35 22.57
CA LEU B 51 -26.08 16.83 21.30
C LEU B 51 -25.98 15.70 20.26
N PRO B 52 -26.48 15.94 19.04
CA PRO B 52 -26.39 14.94 17.97
C PRO B 52 -25.02 14.92 17.31
N PHE B 53 -24.14 15.84 17.73
CA PHE B 53 -22.77 15.91 17.23
C PHE B 53 -21.77 15.74 18.37
N ALA B 54 -20.51 15.44 18.01
CA ALA B 54 -19.43 15.25 18.98
C ALA B 54 -19.21 16.52 19.79
N PHE B 55 -19.22 16.39 21.12
CA PHE B 55 -18.99 17.52 22.02
C PHE B 55 -17.61 18.14 21.82
N ASP B 56 -16.65 17.32 21.38
CA ASP B 56 -15.27 17.75 21.15
C ASP B 56 -15.11 19.01 20.30
N ILE B 57 -16.03 19.23 19.35
CA ILE B 57 -15.93 20.38 18.45
C ILE B 57 -16.26 21.71 19.13
N LEU B 58 -16.73 21.65 20.37
CA LEU B 58 -17.05 22.84 21.15
C LEU B 58 -15.97 23.18 22.17
N SER B 59 -15.09 22.22 22.44
CA SER B 59 -14.12 22.30 23.53
C SER B 59 -13.16 23.49 23.46
N HIS B 60 -12.66 23.79 22.26
CA HIS B 60 -11.78 24.95 22.06
C HIS B 60 -12.48 26.26 22.40
N ALA B 61 -13.78 26.33 22.14
CA ALA B 61 -14.56 27.54 22.41
C ALA B 61 -14.79 27.74 23.90
N PHE B 62 -14.87 26.64 24.65
CA PHE B 62 -14.97 26.69 26.11
C PHE B 62 -13.63 27.10 26.73
N1 CRQ B 63 -12.49 26.62 26.21
CA1 CRQ B 63 -11.31 26.97 26.74
CB1 CRQ B 63 -10.80 25.77 27.49
CG1 CRQ B 63 -10.75 25.56 28.97
C1 CRQ B 63 -10.40 27.30 25.61
N2 CRQ B 63 -9.45 26.49 25.01
N3 CRQ B 63 -10.37 28.49 24.98
C2 CRQ B 63 -9.49 28.48 24.01
O2 CRQ B 63 -9.21 29.45 23.22
CA2 CRQ B 63 -8.89 27.24 24.02
CA3 CRQ B 63 -11.21 29.54 25.27
CB2 CRQ B 63 -7.92 26.93 23.14
CG2 CRQ B 63 -7.21 25.86 22.93
CD1 CRQ B 63 -6.28 25.92 21.90
CD2 CRQ B 63 -7.32 24.66 23.66
CE1 CRQ B 63 -5.47 24.83 21.58
CE2 CRQ B 63 -6.50 23.57 23.35
CZ CRQ B 63 -5.57 23.65 22.31
OH CRQ B 63 -4.81 22.64 22.02
OE1 CRQ B 63 -10.75 23.23 29.21
C3 CRQ B 63 -10.62 30.65 26.11
O3 CRQ B 63 -11.33 31.66 26.26
CD3 CRQ B 63 -10.90 24.30 29.77
NE1 CRQ B 63 -11.30 24.39 31.04
N ILE B 64 -10.03 30.36 27.26
CA ILE B 64 -9.71 31.41 28.28
C ILE B 64 -8.20 31.46 28.50
N LYS B 65 -7.51 32.21 27.64
CA LYS B 65 -6.05 32.24 27.65
C LYS B 65 -5.43 33.02 28.81
N VAL B 66 -6.30 33.52 29.70
CA VAL B 66 -5.87 34.13 30.97
C VAL B 66 -5.12 33.08 31.80
N PHE B 67 -5.56 31.82 31.69
CA PHE B 67 -4.90 30.71 32.37
C PHE B 67 -3.79 30.13 31.50
N ALA B 68 -2.68 30.86 31.45
CA ALA B 68 -1.50 30.45 30.70
C ALA B 68 -0.26 30.88 31.47
N LYS B 69 0.69 29.96 31.61
CA LYS B 69 1.93 30.24 32.33
C LYS B 69 2.89 31.03 31.44
N TYR B 70 3.10 32.29 31.80
CA TYR B 70 3.95 33.20 31.02
C TYR B 70 5.27 33.50 31.74
N PRO B 71 6.38 33.51 30.98
CA PRO B 71 7.66 33.95 31.54
C PRO B 71 7.72 35.47 31.65
N LYS B 72 8.58 35.96 32.53
CA LYS B 72 8.79 37.40 32.75
C LYS B 72 9.14 38.16 31.46
N GLU B 73 9.92 37.51 30.58
CA GLU B 73 10.48 38.15 29.38
C GLU B 73 9.45 38.41 28.28
N ILE B 74 8.33 37.69 28.33
CA ILE B 74 7.28 37.83 27.30
C ILE B 74 6.03 38.50 27.89
N PRO B 75 5.62 39.64 27.31
CA PRO B 75 4.39 40.31 27.72
C PRO B 75 3.16 39.40 27.60
N ASP B 76 2.33 39.41 28.64
CA ASP B 76 1.13 38.58 28.72
C ASP B 76 -0.08 39.39 28.27
N PHE B 77 -0.43 39.24 26.98
CA PHE B 77 -1.53 39.99 26.38
C PHE B 77 -2.85 39.79 27.11
N PHE B 78 -3.12 38.55 27.52
CA PHE B 78 -4.40 38.15 28.08
C PHE B 78 -4.64 38.67 29.49
N LYS B 79 -3.59 38.61 30.32
CA LYS B 79 -3.66 39.15 31.68
C LYS B 79 -3.67 40.68 31.68
N GLN B 80 -2.97 41.27 30.72
CA GLN B 80 -2.98 42.71 30.51
C GLN B 80 -4.36 43.22 30.10
N SER B 81 -5.03 42.45 29.24
CA SER B 81 -6.29 42.87 28.63
C SER B 81 -7.53 42.56 29.48
N LEU B 82 -7.37 41.67 30.46
CA LEU B 82 -8.52 41.20 31.27
C LEU B 82 -9.32 42.32 31.96
N PRO B 83 -8.65 43.19 32.75
CA PRO B 83 -9.42 44.22 33.47
C PRO B 83 -10.25 45.14 32.57
N GLY B 84 -9.69 45.52 31.42
CA GLY B 84 -10.40 46.35 30.46
C GLY B 84 -11.33 45.54 29.57
N GLY B 85 -11.06 44.24 29.47
CA GLY B 85 -11.86 43.34 28.64
C GLY B 85 -11.20 43.07 27.29
N PHE B 86 -11.43 41.87 26.77
CA PHE B 86 -10.97 41.50 25.43
C PHE B 86 -11.92 40.50 24.77
N SER B 87 -11.80 40.38 23.45
CA SER B 87 -12.63 39.46 22.68
C SER B 87 -11.79 38.59 21.76
N TRP B 88 -12.32 37.41 21.42
CA TRP B 88 -11.67 36.55 20.43
C TRP B 88 -12.67 35.96 19.43
N GLU B 89 -12.18 35.73 18.21
CA GLU B 89 -12.98 35.11 17.15
C GLU B 89 -12.17 34.05 16.43
N ARG B 90 -12.83 32.98 16.01
CA ARG B 90 -12.13 31.82 15.46
C ARG B 90 -12.85 31.17 14.29
N VAL B 91 -12.07 30.64 13.36
CA VAL B 91 -12.56 29.71 12.34
C VAL B 91 -11.77 28.42 12.48
N SER B 92 -12.49 27.32 12.67
CA SER B 92 -11.89 25.99 12.68
C SER B 92 -12.34 25.25 11.43
N THR B 93 -11.37 24.87 10.60
CA THR B 93 -11.65 24.20 9.33
C THR B 93 -11.16 22.76 9.35
N TYR B 94 -12.11 21.82 9.35
CA TYR B 94 -11.80 20.39 9.42
C TYR B 94 -11.46 19.82 8.04
N GLU B 95 -10.56 18.84 8.02
CA GLU B 95 -10.08 18.26 6.77
C GLU B 95 -11.17 17.58 5.92
N ASP B 96 -12.26 17.17 6.57
CA ASP B 96 -13.36 16.49 5.87
C ASP B 96 -14.56 17.39 5.53
N GLY B 97 -14.41 18.70 5.70
CA GLY B 97 -15.41 19.66 5.23
C GLY B 97 -16.07 20.58 6.25
N GLY B 98 -16.07 20.17 7.51
CA GLY B 98 -16.72 20.94 8.58
C GLY B 98 -16.02 22.25 8.89
N VAL B 99 -16.80 23.30 9.10
CA VAL B 99 -16.27 24.63 9.46
C VAL B 99 -17.01 25.19 10.68
N LEU B 100 -16.26 25.40 11.77
CA LEU B 100 -16.82 25.95 12.99
C LEU B 100 -16.35 27.37 13.23
N SER B 101 -17.30 28.31 13.15
CA SER B 101 -17.04 29.72 13.44
C SER B 101 -17.47 30.06 14.86
N ALA B 102 -16.69 30.91 15.52
CA ALA B 102 -16.97 31.30 16.90
C ALA B 102 -16.57 32.73 17.22
N THR B 103 -17.35 33.37 18.10
CA THR B 103 -17.01 34.68 18.64
C THR B 103 -17.21 34.69 20.15
N GLN B 104 -16.37 35.44 20.86
CA GLN B 104 -16.38 35.41 22.32
C GLN B 104 -16.02 36.76 22.93
N GLU B 105 -16.65 37.06 24.07
CA GLU B 105 -16.38 38.27 24.84
C GLU B 105 -15.93 37.88 26.25
N THR B 106 -14.81 38.45 26.68
CA THR B 106 -14.25 38.19 28.01
C THR B 106 -14.17 39.47 28.82
N SER B 107 -14.70 39.43 30.04
CA SER B 107 -14.65 40.55 30.96
C SER B 107 -14.37 40.09 32.38
N LEU B 108 -14.10 41.03 33.28
CA LEU B 108 -13.78 40.72 34.66
C LEU B 108 -14.62 41.53 35.64
N GLN B 109 -15.24 40.82 36.59
CA GLN B 109 -15.94 41.42 37.71
C GLN B 109 -15.50 40.68 38.97
N GLY B 110 -14.79 41.37 39.86
CA GLY B 110 -14.23 40.76 41.05
C GLY B 110 -13.18 39.72 40.71
N ASP B 111 -13.41 38.48 41.15
CA ASP B 111 -12.54 37.36 40.80
C ASP B 111 -13.17 36.47 39.72
N CYS B 112 -14.26 36.96 39.14
CA CYS B 112 -15.04 36.19 38.19
C CYS B 112 -14.75 36.60 36.75
N ILE B 113 -14.08 35.72 36.01
CA ILE B 113 -13.84 35.90 34.57
C ILE B 113 -15.09 35.42 33.84
N ILE B 114 -15.81 36.36 33.22
CA ILE B 114 -17.08 36.03 32.60
C ILE B 114 -16.97 35.96 31.07
N CYS B 115 -17.51 34.88 30.51
CA CYS B 115 -17.35 34.57 29.08
C CYS B 115 -18.69 34.39 28.39
N LYS B 116 -18.87 35.10 27.28
CA LYS B 116 -20.04 34.91 26.42
C LYS B 116 -19.58 34.41 25.05
N VAL B 117 -19.94 33.17 24.74
CA VAL B 117 -19.52 32.54 23.49
C VAL B 117 -20.69 32.34 22.54
N LYS B 118 -20.45 32.60 21.25
CA LYS B 118 -21.41 32.22 20.20
C LYS B 118 -20.70 31.35 19.17
N VAL B 119 -21.37 30.28 18.77
CA VAL B 119 -20.79 29.28 17.87
C VAL B 119 -21.73 29.02 16.68
N LEU B 120 -21.14 28.85 15.49
CA LEU B 120 -21.91 28.49 14.30
C LEU B 120 -21.11 27.53 13.43
N GLY B 121 -21.55 26.26 13.40
CA GLY B 121 -20.90 25.22 12.62
C GLY B 121 -21.78 24.71 11.49
N THR B 122 -21.19 24.56 10.31
CA THR B 122 -21.90 24.08 9.12
C THR B 122 -21.02 23.13 8.30
N ASN B 123 -21.64 22.46 7.33
CA ASN B 123 -20.96 21.63 6.33
C ASN B 123 -20.19 20.42 6.86
N PHE B 124 -20.52 19.99 8.08
CA PHE B 124 -19.97 18.76 8.64
C PHE B 124 -20.60 17.56 7.93
N PRO B 125 -19.77 16.64 7.40
CA PRO B 125 -20.29 15.46 6.70
C PRO B 125 -21.22 14.64 7.59
N ALA B 126 -22.42 14.35 7.09
CA ALA B 126 -23.45 13.63 7.85
C ALA B 126 -22.98 12.27 8.36
N ASN B 127 -22.15 11.60 7.57
CA ASN B 127 -21.58 10.30 7.95
C ASN B 127 -20.16 10.40 8.53
N GLY B 128 -19.71 11.63 8.76
CA GLY B 128 -18.39 11.87 9.34
C GLY B 128 -18.35 11.62 10.83
N PRO B 129 -17.15 11.42 11.40
CA PRO B 129 -16.96 11.09 12.82
C PRO B 129 -17.51 12.13 13.81
N VAL B 130 -17.59 13.39 13.38
CA VAL B 130 -18.14 14.46 14.21
C VAL B 130 -19.65 14.28 14.39
N MET B 131 -20.37 14.12 13.27
CA MET B 131 -21.82 13.97 13.30
C MET B 131 -22.25 12.58 13.79
N GLN B 132 -21.35 11.61 13.67
CA GLN B 132 -21.60 10.24 14.13
C GLN B 132 -21.17 10.03 15.58
N LYS B 133 -20.59 11.06 16.18
CA LYS B 133 -20.09 11.04 17.56
C LYS B 133 -19.09 9.91 17.81
N LYS B 134 -18.09 9.82 16.92
CA LYS B 134 -17.06 8.79 17.00
C LYS B 134 -15.67 9.40 17.21
N THR B 135 -15.61 10.42 18.07
CA THR B 135 -14.36 11.10 18.41
C THR B 135 -14.00 10.82 19.88
N CYS B 136 -12.71 10.91 20.19
CA CYS B 136 -12.21 10.53 21.52
C CYS B 136 -11.32 11.59 22.16
N GLY B 137 -11.66 12.86 21.96
CA GLY B 137 -10.92 13.97 22.55
C GLY B 137 -9.74 14.44 21.71
N TRP B 138 -9.25 15.63 22.04
CA TRP B 138 -8.15 16.24 21.29
C TRP B 138 -6.79 15.81 21.82
N GLU B 139 -5.83 15.72 20.91
CA GLU B 139 -4.43 15.57 21.27
C GLU B 139 -3.95 16.91 21.84
N PRO B 140 -2.84 16.89 22.61
CA PRO B 140 -2.23 18.17 22.96
C PRO B 140 -1.73 18.86 21.69
N SER B 141 -1.58 20.17 21.73
CA SER B 141 -1.12 20.91 20.55
C SER B 141 -0.21 22.06 20.94
N THR B 142 0.36 22.70 19.93
CA THR B 142 1.14 23.91 20.13
C THR B 142 0.70 24.99 19.14
N GLU B 143 0.39 26.16 19.70
CA GLU B 143 -0.21 27.26 18.96
C GLU B 143 0.83 28.38 18.78
N THR B 144 0.82 29.00 17.60
CA THR B 144 1.73 30.09 17.31
C THR B 144 1.05 31.43 17.59
N VAL B 145 1.67 32.22 18.46
CA VAL B 145 1.15 33.54 18.84
C VAL B 145 1.86 34.63 18.04
N ILE B 146 1.09 35.34 17.22
CA ILE B 146 1.62 36.35 16.31
C ILE B 146 1.02 37.72 16.61
N PRO B 147 1.87 38.73 16.90
CA PRO B 147 1.37 40.10 17.05
C PRO B 147 0.90 40.65 15.71
N ARG B 148 -0.33 41.16 15.67
CA ARG B 148 -0.89 41.72 14.44
C ARG B 148 -1.88 42.86 14.72
N ASP B 149 -1.65 44.00 14.07
CA ASP B 149 -2.64 45.08 14.01
C ASP B 149 -3.21 45.45 15.40
N GLY B 150 -2.35 45.63 16.40
CA GLY B 150 -2.79 46.03 17.74
C GLY B 150 -3.33 44.90 18.61
N GLY B 151 -3.43 43.71 18.03
CA GLY B 151 -3.90 42.53 18.74
C GLY B 151 -3.05 41.31 18.44
N LEU B 152 -3.69 40.15 18.46
CA LEU B 152 -3.01 38.88 18.21
C LEU B 152 -3.70 38.06 17.15
N LEU B 153 -2.91 37.28 16.41
CA LEU B 153 -3.44 36.22 15.57
C LEU B 153 -2.78 34.89 15.95
N LEU B 154 -3.59 33.96 16.42
CA LEU B 154 -3.10 32.65 16.82
C LEU B 154 -3.47 31.58 15.79
N ARG B 155 -2.48 30.78 15.41
CA ARG B 155 -2.69 29.72 14.43
C ARG B 155 -2.24 28.36 14.97
N ASP B 156 -3.06 27.34 14.73
CA ASP B 156 -2.83 26.01 15.25
C ASP B 156 -3.31 24.97 14.24
N THR B 157 -2.75 23.76 14.34
CA THR B 157 -3.24 22.61 13.58
C THR B 157 -3.55 21.43 14.50
N PRO B 158 -4.60 21.55 15.33
CA PRO B 158 -4.92 20.50 16.30
C PRO B 158 -5.43 19.21 15.67
N ALA B 159 -5.15 18.09 16.34
CA ALA B 159 -5.58 16.78 15.88
C ALA B 159 -6.57 16.15 16.85
N LEU B 160 -7.71 15.71 16.33
CA LEU B 160 -8.76 15.09 17.13
C LEU B 160 -8.71 13.57 16.97
N MET B 161 -8.62 12.88 18.11
CA MET B 161 -8.54 11.42 18.12
C MET B 161 -9.88 10.78 17.77
N LEU B 162 -9.83 9.69 17.02
CA LEU B 162 -11.05 9.03 16.53
C LEU B 162 -11.22 7.62 17.11
N ALA B 163 -12.46 7.13 17.08
CA ALA B 163 -12.82 5.82 17.64
C ALA B 163 -12.15 4.66 16.91
N ASP B 164 -11.87 4.84 15.62
CA ASP B 164 -11.21 3.81 14.81
C ASP B 164 -9.70 3.74 15.02
N GLY B 165 -9.17 4.68 15.81
CA GLY B 165 -7.75 4.71 16.17
C GLY B 165 -6.94 5.76 15.43
N GLY B 166 -7.57 6.44 14.49
CA GLY B 166 -6.89 7.47 13.69
C GLY B 166 -7.10 8.88 14.22
N HIS B 167 -6.88 9.86 13.34
CA HIS B 167 -7.03 11.27 13.69
C HIS B 167 -7.84 12.03 12.66
N LEU B 168 -8.55 13.06 13.12
CA LEU B 168 -9.18 14.04 12.24
C LEU B 168 -8.60 15.41 12.57
N SER B 169 -7.87 15.97 11.61
CA SER B 169 -7.17 17.23 11.82
C SER B 169 -8.00 18.44 11.37
N CYS B 170 -7.78 19.57 12.05
CA CYS B 170 -8.39 20.82 11.64
C CYS B 170 -7.39 21.98 11.73
N PHE B 171 -7.65 23.04 10.99
CA PHE B 171 -6.86 24.27 11.11
C PHE B 171 -7.64 25.27 11.95
N MET B 172 -6.95 25.95 12.86
CA MET B 172 -7.55 27.01 13.66
C MET B 172 -6.87 28.35 13.40
N GLU B 173 -7.69 29.38 13.14
CA GLU B 173 -7.21 30.75 13.04
C GLU B 173 -8.01 31.60 14.03
N THR B 174 -7.33 32.16 15.02
CA THR B 174 -7.98 32.90 16.09
C THR B 174 -7.45 34.32 16.21
N THR B 175 -8.37 35.29 16.21
CA THR B 175 -8.02 36.70 16.37
C THR B 175 -8.34 37.17 17.79
N TYR B 176 -7.55 38.11 18.31
CA TYR B 176 -7.75 38.68 19.64
C TYR B 176 -7.73 40.21 19.59
N LYS B 177 -8.68 40.83 20.27
CA LYS B 177 -8.76 42.29 20.34
C LYS B 177 -9.09 42.74 21.76
N SER B 178 -8.26 43.63 22.29
CA SER B 178 -8.50 44.20 23.60
C SER B 178 -9.28 45.49 23.48
N LYS B 179 -10.03 45.83 24.52
CA LYS B 179 -10.78 47.09 24.57
C LYS B 179 -9.83 48.26 24.81
N LYS B 180 -8.76 48.01 25.56
CA LYS B 180 -7.72 49.00 25.84
C LYS B 180 -6.40 48.53 25.22
N GLU B 181 -5.59 49.47 24.74
CA GLU B 181 -4.29 49.14 24.15
C GLU B 181 -3.33 48.60 25.21
N VAL B 182 -2.72 47.45 24.93
CA VAL B 182 -1.75 46.83 25.83
C VAL B 182 -0.42 46.57 25.12
N LYS B 183 0.60 46.23 25.90
CA LYS B 183 1.93 45.91 25.35
C LYS B 183 1.90 44.61 24.57
N LEU B 184 2.24 44.70 23.29
CA LEU B 184 2.25 43.53 22.40
C LEU B 184 3.51 42.68 22.59
N PRO B 185 3.34 41.35 22.66
CA PRO B 185 4.49 40.46 22.72
C PRO B 185 5.12 40.25 21.34
N GLU B 186 6.35 39.78 21.31
CA GLU B 186 6.95 39.28 20.07
C GLU B 186 6.47 37.85 19.85
N LEU B 187 6.66 37.33 18.65
CA LEU B 187 6.13 36.00 18.29
C LEU B 187 6.65 34.91 19.23
N HIS B 188 5.72 34.08 19.70
CA HIS B 188 6.04 32.96 20.59
C HIS B 188 4.99 31.86 20.48
N PHE B 189 5.04 30.91 21.41
CA PHE B 189 4.20 29.72 21.33
C PHE B 189 3.40 29.44 22.60
N HIS B 190 2.26 28.79 22.40
CA HIS B 190 1.46 28.22 23.48
C HIS B 190 1.54 26.70 23.33
N HIS B 191 1.91 26.00 24.39
CA HIS B 191 1.86 24.54 24.43
C HIS B 191 0.68 24.16 25.32
N LEU B 192 -0.31 23.49 24.73
CA LEU B 192 -1.59 23.28 25.41
C LEU B 192 -1.94 21.80 25.51
N ARG B 193 -2.73 21.46 26.53
CA ARG B 193 -3.37 20.16 26.62
C ARG B 193 -4.76 20.29 27.24
N MET B 194 -5.77 20.06 26.43
CA MET B 194 -7.17 20.19 26.82
C MET B 194 -7.82 18.81 26.86
N GLU B 195 -8.38 18.46 28.02
CA GLU B 195 -8.91 17.11 28.24
C GLU B 195 -10.28 17.11 28.92
N LYS B 196 -11.16 16.22 28.44
CA LYS B 196 -12.42 15.94 29.12
C LYS B 196 -12.15 14.89 30.19
N LEU B 197 -12.53 15.19 31.44
CA LEU B 197 -12.25 14.29 32.55
C LEU B 197 -13.44 13.41 32.94
N ASN B 198 -14.64 13.96 32.81
CA ASN B 198 -15.87 13.24 33.14
C ASN B 198 -17.04 13.60 32.21
N ILE B 199 -17.91 12.62 31.96
CA ILE B 199 -19.10 12.83 31.13
C ILE B 199 -20.29 12.06 31.72
N SER B 200 -21.41 12.76 31.92
CA SER B 200 -22.59 12.18 32.56
C SER B 200 -23.38 11.25 31.64
N ASP B 201 -24.17 10.36 32.24
CA ASP B 201 -24.96 9.37 31.51
C ASP B 201 -26.00 9.96 30.57
N ASP B 202 -26.59 11.09 30.97
CA ASP B 202 -27.59 11.77 30.15
C ASP B 202 -26.96 12.64 29.05
N TRP B 203 -25.62 12.69 29.03
CA TRP B 203 -24.85 13.46 28.04
C TRP B 203 -25.03 14.97 28.19
N LYS B 204 -25.42 15.40 29.39
CA LYS B 204 -25.73 16.82 29.65
C LYS B 204 -24.65 17.54 30.45
N THR B 205 -23.80 16.78 31.15
CA THR B 205 -22.76 17.35 32.00
C THR B 205 -21.38 16.82 31.64
N VAL B 206 -20.40 17.72 31.57
CA VAL B 206 -19.04 17.38 31.16
C VAL B 206 -18.00 18.25 31.87
N GLU B 207 -16.97 17.60 32.41
CA GLU B 207 -15.88 18.28 33.10
C GLU B 207 -14.67 18.39 32.17
N GLN B 208 -14.16 19.60 32.00
CA GLN B 208 -13.06 19.86 31.07
C GLN B 208 -11.89 20.60 31.73
N HIS B 209 -10.69 20.06 31.55
CA HIS B 209 -9.47 20.63 32.12
C HIS B 209 -8.49 21.06 31.03
N GLU B 210 -7.74 22.13 31.29
CA GLU B 210 -6.72 22.61 30.35
C GLU B 210 -5.48 23.12 31.08
N SER B 211 -4.31 22.80 30.51
CA SER B 211 -3.04 23.35 30.98
C SER B 211 -2.31 23.99 29.80
N VAL B 212 -1.77 25.19 30.03
CA VAL B 212 -1.11 25.97 28.98
C VAL B 212 0.21 26.56 29.48
N VAL B 213 1.26 26.39 28.67
CA VAL B 213 2.56 27.01 28.94
C VAL B 213 2.98 27.85 27.74
N ALA B 214 3.30 29.11 27.99
CA ALA B 214 3.79 30.01 26.96
C ALA B 214 5.31 30.08 27.00
N SER B 215 5.94 30.04 25.82
CA SER B 215 7.39 30.04 25.72
C SER B 215 7.86 30.38 24.32
N TYR B 216 9.08 30.93 24.23
CA TYR B 216 9.81 30.98 22.98
C TYR B 216 10.24 29.56 22.62
N SER B 217 10.67 29.37 21.38
CA SER B 217 11.16 28.07 20.92
C SER B 217 12.32 27.56 21.78
N GLN B 218 12.32 26.27 22.06
CA GLN B 218 13.36 25.63 22.87
C GLN B 218 14.68 25.43 22.12
N VAL B 219 14.60 25.32 20.80
CA VAL B 219 15.78 25.03 19.98
C VAL B 219 16.68 26.27 19.77
N PRO B 220 18.00 26.10 19.99
CA PRO B 220 19.01 27.18 19.89
C PRO B 220 19.05 27.88 18.54
N SER B 221 19.45 29.14 18.55
CA SER B 221 19.54 29.97 17.36
C SER B 221 21.00 30.29 17.00
N LYS B 222 21.28 30.26 15.70
CA LYS B 222 22.61 30.61 15.19
C LYS B 222 22.74 32.12 14.96
N LEU B 223 21.59 32.81 14.93
CA LEU B 223 21.54 34.23 14.59
C LEU B 223 21.21 35.14 15.79
N GLY B 224 21.06 34.54 16.97
CA GLY B 224 20.74 35.29 18.18
C GLY B 224 19.31 35.77 18.26
N HIS B 225 18.41 35.04 17.60
CA HIS B 225 16.98 35.34 17.63
C HIS B 225 16.26 34.51 18.68
N ASN B 226 15.17 35.05 19.23
CA ASN B 226 14.34 34.32 20.17
C ASN B 226 13.61 33.15 19.51
N MET C 1 -47.37 22.84 -12.02
CA MET C 1 -47.03 23.74 -10.89
C MET C 1 -47.09 23.03 -9.53
N TYR C 2 -46.45 23.62 -8.53
CA TYR C 2 -46.21 22.97 -7.24
C TYR C 2 -47.22 23.36 -6.15
N PRO C 3 -47.56 22.40 -5.27
CA PRO C 3 -48.54 22.59 -4.19
C PRO C 3 -48.27 23.81 -3.30
N SER C 4 -49.33 24.59 -3.06
CA SER C 4 -49.31 25.78 -2.19
C SER C 4 -48.33 26.89 -2.60
N ILE C 5 -47.80 26.80 -3.82
CA ILE C 5 -46.94 27.84 -4.36
C ILE C 5 -47.77 28.75 -5.27
N LYS C 6 -47.93 30.01 -4.86
CA LYS C 6 -48.76 30.97 -5.58
C LYS C 6 -47.93 31.84 -6.52
N GLU C 7 -48.60 32.45 -7.50
CA GLU C 7 -48.00 33.39 -8.44
C GLU C 7 -47.24 34.52 -7.71
N THR C 8 -47.83 35.01 -6.62
CA THR C 8 -47.21 36.03 -5.78
C THR C 8 -47.17 35.54 -4.34
N MET C 9 -45.99 35.60 -3.72
CA MET C 9 -45.81 35.17 -2.34
C MET C 9 -45.01 36.21 -1.55
N ARG C 10 -45.41 36.43 -0.29
CA ARG C 10 -44.76 37.41 0.58
C ARG C 10 -43.63 36.78 1.38
N VAL C 11 -42.73 37.63 1.88
CA VAL C 11 -41.57 37.17 2.66
C VAL C 11 -41.45 37.92 3.98
N GLN C 12 -41.35 37.16 5.07
CA GLN C 12 -41.05 37.70 6.39
C GLN C 12 -39.71 37.14 6.84
N LEU C 13 -38.74 38.02 7.07
CA LEU C 13 -37.38 37.60 7.39
C LEU C 13 -36.84 38.24 8.66
N SER C 14 -36.10 37.45 9.44
CA SER C 14 -35.39 37.93 10.62
C SER C 14 -33.95 37.44 10.61
N MET C 15 -33.02 38.34 10.90
CA MET C 15 -31.60 38.01 10.95
C MET C 15 -30.95 38.53 12.22
N GLU C 16 -30.13 37.68 12.83
CA GLU C 16 -29.29 38.08 13.96
C GLU C 16 -27.87 37.55 13.71
N GLY C 17 -26.88 38.23 14.28
CA GLY C 17 -25.51 37.75 14.18
C GLY C 17 -24.45 38.78 14.49
N SER C 18 -23.20 38.43 14.12
CA SER C 18 -22.06 39.30 14.34
C SER C 18 -21.01 39.11 13.26
N VAL C 19 -20.31 40.20 12.93
CA VAL C 19 -19.16 40.17 12.04
C VAL C 19 -18.05 41.01 12.67
N ASN C 20 -16.87 40.40 12.81
CA ASN C 20 -15.71 41.06 13.41
C ASN C 20 -16.05 41.78 14.73
N TYR C 21 -16.54 41.00 15.69
CA TYR C 21 -16.90 41.46 17.04
C TYR C 21 -18.19 42.30 17.12
N HIS C 22 -18.69 42.77 15.97
CA HIS C 22 -19.85 43.67 15.96
C HIS C 22 -21.18 42.93 15.76
N ALA C 23 -22.01 42.95 16.80
CA ALA C 23 -23.32 42.30 16.78
C ALA C 23 -24.39 43.18 16.13
N PHE C 24 -25.34 42.54 15.45
CA PHE C 24 -26.41 43.24 14.74
C PHE C 24 -27.67 42.39 14.62
N LYS C 25 -28.78 43.06 14.31
CA LYS C 25 -30.04 42.40 14.00
C LYS C 25 -30.73 43.05 12.81
N CYS C 26 -31.35 42.24 11.96
CA CYS C 26 -32.01 42.72 10.75
C CYS C 26 -33.39 42.09 10.57
N THR C 27 -34.28 42.84 9.93
CA THR C 27 -35.60 42.34 9.57
C THR C 27 -35.86 42.61 8.09
N GLY C 28 -36.65 41.74 7.47
CA GLY C 28 -36.93 41.83 6.04
C GLY C 28 -38.39 41.58 5.68
N LYS C 29 -38.97 42.51 4.95
CA LYS C 29 -40.31 42.34 4.40
C LYS C 29 -40.29 42.60 2.90
N GLY C 30 -40.86 41.68 2.14
CA GLY C 30 -40.94 41.81 0.69
C GLY C 30 -41.85 40.78 0.07
N GLU C 31 -41.69 40.61 -1.23
CA GLU C 31 -42.48 39.64 -2.00
C GLU C 31 -41.77 39.30 -3.31
N GLY C 32 -42.35 38.38 -4.08
CA GLY C 32 -41.81 38.02 -5.38
C GLY C 32 -42.68 37.05 -6.14
N LYS C 33 -42.21 36.66 -7.32
CA LYS C 33 -42.92 35.72 -8.18
C LYS C 33 -42.09 34.44 -8.30
N PRO C 34 -42.46 33.40 -7.53
CA PRO C 34 -41.72 32.13 -7.48
C PRO C 34 -41.44 31.51 -8.85
N TYR C 35 -42.45 31.47 -9.72
CA TYR C 35 -42.32 30.85 -11.03
C TYR C 35 -41.56 31.74 -12.03
N GLU C 36 -41.58 33.04 -11.81
CA GLU C 36 -40.83 33.98 -12.64
C GLU C 36 -39.37 34.09 -12.20
N GLY C 37 -39.11 33.76 -10.93
CA GLY C 37 -37.76 33.79 -10.38
C GLY C 37 -37.28 35.17 -9.97
N THR C 38 -38.22 36.05 -9.63
CA THR C 38 -37.90 37.42 -9.22
C THR C 38 -38.41 37.70 -7.81
N GLN C 39 -37.66 38.49 -7.04
CA GLN C 39 -38.03 38.84 -5.66
C GLN C 39 -37.44 40.16 -5.19
N SER C 40 -38.16 40.81 -4.27
CA SER C 40 -37.70 42.05 -3.64
C SER C 40 -37.75 41.92 -2.12
N LEU C 41 -36.84 42.62 -1.44
CA LEU C 41 -36.79 42.60 0.02
C LEU C 41 -36.41 43.96 0.60
N ASN C 42 -37.31 44.51 1.41
CA ASN C 42 -37.03 45.74 2.13
C ASN C 42 -36.44 45.41 3.50
N ILE C 43 -35.16 45.71 3.65
CA ILE C 43 -34.39 45.34 4.84
C ILE C 43 -34.14 46.55 5.74
N THR C 44 -34.39 46.37 7.03
CA THR C 44 -34.04 47.37 8.04
C THR C 44 -33.13 46.79 9.11
N ILE C 45 -32.10 47.54 9.47
CA ILE C 45 -31.17 47.16 10.53
C ILE C 45 -31.71 47.67 11.87
N THR C 46 -32.23 46.74 12.67
CA THR C 46 -32.88 47.09 13.94
C THR C 46 -31.90 47.32 15.07
N GLU C 47 -30.85 46.50 15.13
CA GLU C 47 -29.78 46.63 16.11
C GLU C 47 -28.42 46.61 15.42
N GLY C 48 -27.49 47.40 15.91
CA GLY C 48 -26.15 47.47 15.32
C GLY C 48 -25.93 48.75 14.53
N GLY C 49 -26.89 49.67 14.62
CA GLY C 49 -26.81 51.00 14.01
C GLY C 49 -26.26 51.01 12.59
N PRO C 50 -25.36 51.97 12.30
CA PRO C 50 -24.61 51.92 11.05
C PRO C 50 -23.55 50.82 11.14
N LEU C 51 -23.67 49.82 10.27
CA LEU C 51 -22.74 48.69 10.24
C LEU C 51 -21.32 49.14 9.92
N PRO C 52 -20.34 48.73 10.77
CA PRO C 52 -18.94 49.10 10.55
C PRO C 52 -18.28 48.26 9.45
N PHE C 53 -19.03 47.31 8.89
CA PHE C 53 -18.57 46.49 7.79
C PHE C 53 -19.48 46.67 6.57
N ALA C 54 -19.01 46.20 5.42
CA ALA C 54 -19.77 46.28 4.17
C ALA C 54 -21.04 45.43 4.25
N PHE C 55 -22.19 46.05 4.01
CA PHE C 55 -23.48 45.37 4.03
C PHE C 55 -23.53 44.21 3.04
N ASP C 56 -22.78 44.35 1.94
CA ASP C 56 -22.72 43.35 0.87
C ASP C 56 -22.47 41.92 1.32
N ILE C 57 -21.73 41.74 2.42
CA ILE C 57 -21.40 40.40 2.91
C ILE C 57 -22.59 39.69 3.55
N LEU C 58 -23.70 40.40 3.72
CA LEU C 58 -24.92 39.84 4.28
C LEU C 58 -25.96 39.52 3.20
N SER C 59 -25.75 40.08 2.01
CA SER C 59 -26.71 40.01 0.90
C SER C 59 -27.12 38.60 0.49
N HIS C 60 -26.16 37.68 0.45
CA HIS C 60 -26.43 36.28 0.10
C HIS C 60 -27.30 35.58 1.13
N ALA C 61 -27.19 35.98 2.39
CA ALA C 61 -27.97 35.39 3.47
C ALA C 61 -29.43 35.85 3.45
N PHE C 62 -29.66 37.07 2.96
CA PHE C 62 -31.01 37.59 2.75
C PHE C 62 -31.69 36.91 1.57
N1 CRQ C 63 -31.00 36.73 0.43
CA1 CRQ C 63 -31.49 35.98 -0.57
CB1 CRQ C 63 -31.87 36.86 -1.78
CG1 CRQ C 63 -33.07 37.80 -1.94
C1 CRQ C 63 -30.52 34.93 -1.04
N2 CRQ C 63 -29.61 35.09 -2.08
N3 CRQ C 63 -30.37 33.66 -0.58
C2 CRQ C 63 -29.43 33.04 -1.25
O2 CRQ C 63 -29.05 31.83 -1.06
CA2 CRQ C 63 -28.94 33.91 -2.20
CA3 CRQ C 63 -30.96 32.94 0.44
CB2 CRQ C 63 -27.96 33.49 -3.03
CG2 CRQ C 63 -27.29 34.04 -4.01
CD1 CRQ C 63 -26.33 33.23 -4.61
CD2 CRQ C 63 -27.47 35.35 -4.48
CE1 CRQ C 63 -25.54 33.70 -5.68
CE2 CRQ C 63 -26.68 35.81 -5.54
CZ CRQ C 63 -25.72 34.99 -6.14
OH CRQ C 63 -25.00 35.44 -7.13
OE1 CRQ C 63 -32.24 39.77 -2.98
C3 CRQ C 63 -32.21 33.43 1.13
O3 CRQ C 63 -32.89 32.56 1.69
CD3 CRQ C 63 -33.11 39.30 -2.26
NE1 CRQ C 63 -34.31 39.90 -2.17
N ILE C 64 -33.46 32.93 -0.83
CA ILE C 64 -34.77 32.25 -0.83
C ILE C 64 -34.93 31.71 -2.23
N LYS C 65 -34.42 30.49 -2.43
CA LYS C 65 -34.34 29.87 -3.75
C LYS C 65 -35.70 29.39 -4.26
N VAL C 66 -36.75 29.65 -3.47
CA VAL C 66 -38.13 29.43 -3.89
C VAL C 66 -38.42 30.28 -5.13
N PHE C 67 -37.83 31.49 -5.16
CA PHE C 67 -37.96 32.40 -6.29
C PHE C 67 -36.90 32.10 -7.35
N ALA C 68 -37.15 31.04 -8.12
CA ALA C 68 -36.27 30.63 -9.20
C ALA C 68 -37.10 30.14 -10.39
N LYS C 69 -36.72 30.58 -11.59
CA LYS C 69 -37.38 30.15 -12.81
C LYS C 69 -36.86 28.76 -13.23
N TYR C 70 -37.69 27.75 -13.00
CA TYR C 70 -37.33 26.36 -13.30
C TYR C 70 -38.05 25.82 -14.52
N PRO C 71 -37.31 25.17 -15.43
CA PRO C 71 -37.94 24.48 -16.57
C PRO C 71 -38.67 23.22 -16.11
N LYS C 72 -39.69 22.83 -16.88
CA LYS C 72 -40.54 21.67 -16.55
C LYS C 72 -39.74 20.38 -16.33
N GLU C 73 -38.72 20.18 -17.15
CA GLU C 73 -37.95 18.92 -17.14
C GLU C 73 -36.91 18.80 -16.02
N ILE C 74 -36.77 19.86 -15.21
CA ILE C 74 -35.89 19.82 -14.02
C ILE C 74 -36.71 19.97 -12.74
N PRO C 75 -36.62 18.99 -11.82
CA PRO C 75 -37.32 19.04 -10.54
C PRO C 75 -36.92 20.25 -9.70
N ASP C 76 -37.93 20.98 -9.23
CA ASP C 76 -37.74 22.17 -8.41
C ASP C 76 -37.71 21.78 -6.94
N PHE C 77 -36.50 21.57 -6.42
CA PHE C 77 -36.29 21.14 -5.03
C PHE C 77 -36.93 22.09 -4.01
N PHE C 78 -36.78 23.38 -4.26
CA PHE C 78 -37.16 24.43 -3.30
C PHE C 78 -38.67 24.63 -3.19
N LYS C 79 -39.37 24.60 -4.32
CA LYS C 79 -40.83 24.68 -4.33
C LYS C 79 -41.46 23.40 -3.77
N GLN C 80 -40.81 22.28 -4.00
CA GLN C 80 -41.21 20.99 -3.43
C GLN C 80 -41.09 20.98 -1.91
N SER C 81 -40.03 21.60 -1.41
CA SER C 81 -39.66 21.51 0.01
C SER C 81 -40.31 22.58 0.90
N LEU C 82 -40.80 23.66 0.30
CA LEU C 82 -41.37 24.79 1.05
C LEU C 82 -42.52 24.42 2.00
N PRO C 83 -43.55 23.69 1.51
CA PRO C 83 -44.70 23.37 2.37
C PRO C 83 -44.33 22.63 3.66
N GLY C 84 -43.41 21.67 3.56
CA GLY C 84 -42.93 20.95 4.73
C GLY C 84 -41.84 21.71 5.46
N GLY C 85 -41.22 22.66 4.76
CA GLY C 85 -40.13 23.45 5.31
C GLY C 85 -38.78 22.90 4.90
N PHE C 86 -37.78 23.78 4.85
CA PHE C 86 -36.39 23.37 4.61
C PHE C 86 -35.40 24.33 5.26
N SER C 87 -34.14 23.91 5.31
CA SER C 87 -33.09 24.72 5.90
C SER C 87 -31.87 24.76 4.99
N TRP C 88 -31.12 25.86 5.05
CA TRP C 88 -29.82 25.95 4.37
C TRP C 88 -28.72 26.46 5.29
N GLU C 89 -27.50 25.97 5.04
CA GLU C 89 -26.32 26.39 5.78
C GLU C 89 -25.16 26.68 4.82
N ARG C 90 -24.35 27.69 5.15
CA ARG C 90 -23.36 28.20 4.21
C ARG C 90 -22.04 28.60 4.86
N VAL C 91 -20.94 28.36 4.14
CA VAL C 91 -19.65 28.96 4.45
C VAL C 91 -19.22 29.77 3.23
N SER C 92 -18.93 31.05 3.46
CA SER C 92 -18.37 31.92 2.43
C SER C 92 -16.95 32.28 2.83
N THR C 93 -15.99 31.89 1.99
CA THR C 93 -14.57 32.08 2.28
C THR C 93 -13.94 33.09 1.31
N TYR C 94 -13.63 34.27 1.83
CA TYR C 94 -13.09 35.36 1.03
C TYR C 94 -11.59 35.20 0.79
N GLU C 95 -11.12 35.68 -0.37
CA GLU C 95 -9.74 35.46 -0.81
C GLU C 95 -8.68 36.16 0.07
N ASP C 96 -9.10 37.14 0.85
CA ASP C 96 -8.17 37.84 1.74
C ASP C 96 -8.23 37.37 3.21
N GLY C 97 -9.06 36.37 3.50
CA GLY C 97 -9.09 35.75 4.82
C GLY C 97 -10.43 35.62 5.52
N GLY C 98 -11.34 36.56 5.26
CA GLY C 98 -12.64 36.59 5.91
C GLY C 98 -13.50 35.36 5.67
N VAL C 99 -14.19 34.92 6.72
CA VAL C 99 -15.08 33.75 6.63
C VAL C 99 -16.44 34.07 7.26
N LEU C 100 -17.50 33.94 6.45
CA LEU C 100 -18.85 34.20 6.91
C LEU C 100 -19.67 32.91 6.94
N SER C 101 -20.03 32.49 8.15
CA SER C 101 -20.87 31.31 8.35
C SER C 101 -22.33 31.73 8.53
N ALA C 102 -23.23 30.94 7.95
CA ALA C 102 -24.67 31.24 8.01
C ALA C 102 -25.53 29.99 8.10
N THR C 103 -26.61 30.09 8.86
CA THR C 103 -27.62 29.03 8.95
C THR C 103 -29.02 29.65 8.86
N GLN C 104 -29.94 28.94 8.22
CA GLN C 104 -31.26 29.50 7.93
C GLN C 104 -32.36 28.46 7.90
N GLU C 105 -33.52 28.81 8.45
CA GLU C 105 -34.70 27.97 8.44
C GLU C 105 -35.82 28.65 7.62
N THR C 106 -36.40 27.91 6.69
CA THR C 106 -37.49 28.40 5.85
C THR C 106 -38.78 27.63 6.12
N SER C 107 -39.87 28.36 6.31
CA SER C 107 -41.19 27.76 6.55
C SER C 107 -42.30 28.52 5.81
N LEU C 108 -43.47 27.91 5.74
CA LEU C 108 -44.60 28.49 5.01
C LEU C 108 -45.87 28.56 5.86
N GLN C 109 -46.48 29.74 5.90
CA GLN C 109 -47.78 29.94 6.54
C GLN C 109 -48.65 30.83 5.66
N GLY C 110 -49.60 30.20 4.98
CA GLY C 110 -50.45 30.88 4.01
C GLY C 110 -49.68 31.21 2.74
N ASP C 111 -49.55 32.49 2.45
CA ASP C 111 -48.77 32.97 1.30
C ASP C 111 -47.45 33.60 1.75
N CYS C 112 -47.14 33.43 3.04
CA CYS C 112 -45.99 34.07 3.66
C CYS C 112 -44.83 33.10 3.86
N ILE C 113 -43.70 33.39 3.21
CA ILE C 113 -42.47 32.61 3.37
C ILE C 113 -41.68 33.19 4.55
N ILE C 114 -41.59 32.40 5.62
CA ILE C 114 -40.95 32.86 6.85
C ILE C 114 -39.48 32.39 6.89
N CYS C 115 -38.58 33.36 7.04
CA CYS C 115 -37.13 33.10 7.03
C CYS C 115 -36.48 33.55 8.33
N LYS C 116 -35.68 32.67 8.92
CA LYS C 116 -34.94 32.96 10.14
C LYS C 116 -33.46 32.67 9.93
N VAL C 117 -32.65 33.73 9.91
CA VAL C 117 -31.23 33.63 9.55
C VAL C 117 -30.32 33.95 10.74
N LYS C 118 -29.26 33.16 10.88
CA LYS C 118 -28.19 33.43 11.83
C LYS C 118 -26.86 33.53 11.10
N VAL C 119 -26.08 34.56 11.41
CA VAL C 119 -24.84 34.87 10.71
C VAL C 119 -23.67 35.02 11.67
N LEU C 120 -22.52 34.46 11.32
CA LEU C 120 -21.30 34.63 12.10
C LEU C 120 -20.11 34.84 11.19
N GLY C 121 -19.50 36.03 11.27
CA GLY C 121 -18.35 36.39 10.44
C GLY C 121 -17.12 36.72 11.27
N THR C 122 -15.99 36.15 10.89
CA THR C 122 -14.72 36.37 11.59
C THR C 122 -13.55 36.50 10.61
N ASN C 123 -12.40 36.91 11.14
CA ASN C 123 -11.13 36.95 10.41
C ASN C 123 -11.09 37.83 9.15
N PHE C 124 -12.03 38.77 9.04
CA PHE C 124 -11.98 39.76 7.97
C PHE C 124 -10.87 40.76 8.26
N PRO C 125 -10.01 41.03 7.24
CA PRO C 125 -8.88 41.95 7.42
C PRO C 125 -9.33 43.35 7.86
N ALA C 126 -8.67 43.89 8.88
CA ALA C 126 -9.02 45.19 9.44
C ALA C 126 -8.97 46.32 8.41
N ASN C 127 -7.97 46.29 7.53
CA ASN C 127 -7.79 47.33 6.53
C ASN C 127 -8.31 46.93 5.13
N GLY C 128 -8.90 45.74 5.05
CA GLY C 128 -9.48 45.24 3.80
C GLY C 128 -10.76 45.97 3.39
N PRO C 129 -11.22 45.75 2.14
CA PRO C 129 -12.38 46.45 1.59
C PRO C 129 -13.71 46.20 2.32
N VAL C 130 -13.85 45.03 2.95
CA VAL C 130 -15.07 44.70 3.70
C VAL C 130 -15.19 45.55 4.97
N MET C 131 -14.12 45.58 5.76
CA MET C 131 -14.10 46.33 7.02
C MET C 131 -13.94 47.84 6.82
N GLN C 132 -13.42 48.24 5.66
CA GLN C 132 -13.29 49.66 5.32
C GLN C 132 -14.47 50.16 4.46
N LYS C 133 -15.46 49.29 4.26
CA LYS C 133 -16.68 49.61 3.50
C LYS C 133 -16.38 50.21 2.12
N LYS C 134 -15.56 49.49 1.35
CA LYS C 134 -15.16 49.93 0.02
C LYS C 134 -15.67 48.99 -1.07
N THR C 135 -16.88 48.47 -0.86
CA THR C 135 -17.49 47.54 -1.81
C THR C 135 -18.68 48.18 -2.53
N CYS C 136 -18.99 47.68 -3.73
CA CYS C 136 -19.99 48.30 -4.60
C CYS C 136 -21.01 47.31 -5.14
N GLY C 137 -21.35 46.32 -4.33
CA GLY C 137 -22.32 45.30 -4.72
C GLY C 137 -21.70 44.14 -5.48
N TRP C 138 -22.45 43.06 -5.63
CA TRP C 138 -21.96 41.84 -6.26
C TRP C 138 -22.18 41.83 -7.76
N GLU C 139 -21.32 41.09 -8.46
CA GLU C 139 -21.52 40.76 -9.86
C GLU C 139 -22.58 39.66 -9.95
N PRO C 140 -23.18 39.47 -11.15
CA PRO C 140 -23.98 38.26 -11.34
C PRO C 140 -23.10 37.01 -11.28
N SER C 141 -23.69 35.87 -10.95
CA SER C 141 -22.92 34.63 -10.85
C SER C 141 -23.70 33.41 -11.34
N THR C 142 -22.99 32.30 -11.46
CA THR C 142 -23.60 31.01 -11.79
C THR C 142 -23.27 30.01 -10.68
N GLU C 143 -24.31 29.44 -10.09
CA GLU C 143 -24.18 28.48 -9.01
C GLU C 143 -24.39 27.06 -9.54
N THR C 144 -23.56 26.13 -9.08
CA THR C 144 -23.70 24.72 -9.47
C THR C 144 -24.55 23.97 -8.46
N VAL C 145 -25.69 23.47 -8.91
CA VAL C 145 -26.61 22.71 -8.07
C VAL C 145 -26.31 21.21 -8.18
N ILE C 146 -25.78 20.64 -7.10
CA ILE C 146 -25.42 19.22 -7.05
C ILE C 146 -26.31 18.47 -6.07
N PRO C 147 -26.99 17.40 -6.53
CA PRO C 147 -27.74 16.55 -5.62
C PRO C 147 -26.79 15.71 -4.76
N ARG C 148 -27.05 15.64 -3.45
CA ARG C 148 -26.18 14.91 -2.53
C ARG C 148 -26.93 14.36 -1.31
N ASP C 149 -27.06 13.03 -1.27
CA ASP C 149 -27.80 12.29 -0.22
C ASP C 149 -29.04 12.97 0.35
N GLY C 150 -30.12 12.93 -0.42
CA GLY C 150 -31.43 13.43 0.01
C GLY C 150 -31.63 14.93 -0.07
N GLY C 151 -30.53 15.68 -0.16
CA GLY C 151 -30.58 17.13 -0.23
C GLY C 151 -29.75 17.71 -1.37
N LEU C 152 -29.35 18.97 -1.20
CA LEU C 152 -28.60 19.70 -2.22
C LEU C 152 -27.28 20.28 -1.70
N LEU C 153 -26.27 20.27 -2.56
CA LEU C 153 -25.04 21.02 -2.34
C LEU C 153 -24.83 22.02 -3.47
N LEU C 154 -24.76 23.31 -3.11
CA LEU C 154 -24.57 24.36 -4.11
C LEU C 154 -23.21 25.03 -3.95
N ARG C 155 -22.48 25.13 -5.07
CA ARG C 155 -21.17 25.77 -5.08
C ARG C 155 -21.09 26.90 -6.08
N ASP C 156 -20.43 27.98 -5.68
CA ASP C 156 -20.35 29.21 -6.47
C ASP C 156 -19.07 29.95 -6.11
N THR C 157 -18.58 30.76 -7.03
CA THR C 157 -17.45 31.65 -6.78
C THR C 157 -17.81 33.10 -7.11
N PRO C 158 -18.68 33.73 -6.30
CA PRO C 158 -19.14 35.09 -6.59
C PRO C 158 -18.05 36.15 -6.42
N ALA C 159 -18.12 37.20 -7.24
CA ALA C 159 -17.15 38.29 -7.22
C ALA C 159 -17.78 39.59 -6.74
N LEU C 160 -17.16 40.22 -5.75
CA LEU C 160 -17.65 41.47 -5.17
C LEU C 160 -16.92 42.66 -5.78
N MET C 161 -17.69 43.60 -6.33
CA MET C 161 -17.14 44.81 -6.94
C MET C 161 -16.59 45.76 -5.87
N LEU C 162 -15.42 46.33 -6.14
CA LEU C 162 -14.75 47.20 -5.18
C LEU C 162 -14.73 48.66 -5.65
N ALA C 163 -14.50 49.57 -4.71
CA ALA C 163 -14.44 51.01 -4.99
C ALA C 163 -13.33 51.40 -5.97
N ASP C 164 -12.20 50.69 -5.89
CA ASP C 164 -11.06 50.94 -6.77
C ASP C 164 -11.25 50.41 -8.20
N GLY C 165 -12.40 49.78 -8.44
CA GLY C 165 -12.70 49.22 -9.76
C GLY C 165 -12.32 47.75 -9.90
N GLY C 166 -11.68 47.22 -8.86
CA GLY C 166 -11.27 45.81 -8.85
C GLY C 166 -12.35 44.89 -8.30
N HIS C 167 -11.96 43.65 -8.01
CA HIS C 167 -12.88 42.66 -7.45
C HIS C 167 -12.30 41.93 -6.25
N LEU C 168 -13.17 41.56 -5.32
CA LEU C 168 -12.83 40.65 -4.23
C LEU C 168 -13.73 39.43 -4.33
N SER C 169 -13.14 38.26 -4.50
CA SER C 169 -13.92 37.04 -4.68
C SER C 169 -13.95 36.17 -3.44
N CYS C 170 -14.99 35.34 -3.35
CA CYS C 170 -15.11 34.36 -2.28
C CYS C 170 -15.67 33.04 -2.85
N PHE C 171 -15.36 31.94 -2.18
CA PHE C 171 -15.95 30.66 -2.52
C PHE C 171 -17.13 30.39 -1.60
N MET C 172 -18.26 30.01 -2.18
CA MET C 172 -19.46 29.70 -1.41
C MET C 172 -19.78 28.21 -1.46
N GLU C 173 -20.05 27.63 -0.31
CA GLU C 173 -20.53 26.26 -0.22
C GLU C 173 -21.79 26.20 0.64
N THR C 174 -22.90 25.81 0.02
CA THR C 174 -24.21 25.86 0.68
C THR C 174 -24.89 24.49 0.66
N THR C 175 -25.33 24.05 1.84
CA THR C 175 -26.06 22.79 1.99
C THR C 175 -27.56 23.04 2.17
N TYR C 176 -28.38 22.14 1.64
CA TYR C 176 -29.83 22.22 1.76
C TYR C 176 -30.41 20.90 2.27
N LYS C 177 -31.24 20.97 3.31
CA LYS C 177 -31.95 19.81 3.81
C LYS C 177 -33.45 20.07 3.88
N SER C 178 -34.22 19.12 3.35
CA SER C 178 -35.67 19.18 3.35
C SER C 178 -36.24 18.40 4.52
N LYS C 179 -37.31 18.92 5.12
CA LYS C 179 -38.01 18.22 6.21
C LYS C 179 -38.68 16.94 5.72
N LYS C 180 -39.33 17.03 4.56
CA LYS C 180 -40.00 15.89 3.94
C LYS C 180 -39.17 15.37 2.77
N GLU C 181 -39.38 14.10 2.42
CA GLU C 181 -38.71 13.48 1.28
C GLU C 181 -39.15 14.14 -0.04
N VAL C 182 -38.16 14.52 -0.85
CA VAL C 182 -38.40 15.30 -2.06
C VAL C 182 -37.65 14.70 -3.24
N LYS C 183 -38.24 14.79 -4.43
CA LYS C 183 -37.62 14.28 -5.65
C LYS C 183 -36.45 15.17 -6.07
N LEU C 184 -35.25 14.59 -6.04
CA LEU C 184 -34.01 15.31 -6.32
C LEU C 184 -33.77 15.52 -7.81
N PRO C 185 -33.26 16.71 -8.19
CA PRO C 185 -32.92 16.95 -9.59
C PRO C 185 -31.55 16.37 -9.95
N GLU C 186 -31.26 16.31 -11.24
CA GLU C 186 -29.91 16.01 -11.72
C GLU C 186 -29.09 17.30 -11.61
N LEU C 187 -27.77 17.20 -11.76
CA LEU C 187 -26.90 18.37 -11.69
C LEU C 187 -27.28 19.42 -12.73
N HIS C 188 -27.45 20.66 -12.27
CA HIS C 188 -27.77 21.79 -13.14
C HIS C 188 -27.21 23.10 -12.58
N PHE C 189 -27.68 24.23 -13.12
CA PHE C 189 -27.15 25.53 -12.76
C PHE C 189 -28.21 26.57 -12.39
N HIS C 190 -27.82 27.47 -11.49
CA HIS C 190 -28.59 28.66 -11.16
C HIS C 190 -27.84 29.86 -11.71
N HIS C 191 -28.49 30.65 -12.56
CA HIS C 191 -27.92 31.90 -13.04
C HIS C 191 -28.56 33.05 -12.26
N LEU C 192 -27.76 33.73 -11.45
CA LEU C 192 -28.26 34.71 -10.48
C LEU C 192 -27.82 36.14 -10.79
N ARG C 193 -28.65 37.09 -10.37
CA ARG C 193 -28.24 38.49 -10.28
C ARG C 193 -28.94 39.18 -9.11
N MET C 194 -28.14 39.53 -8.10
CA MET C 194 -28.63 40.11 -6.86
C MET C 194 -28.07 41.53 -6.71
N GLU C 195 -28.97 42.51 -6.63
CA GLU C 195 -28.61 43.92 -6.65
C GLU C 195 -29.25 44.73 -5.53
N LYS C 196 -28.51 45.70 -4.99
CA LYS C 196 -29.04 46.67 -4.04
C LYS C 196 -29.69 47.80 -4.83
N LEU C 197 -31.00 47.98 -4.64
CA LEU C 197 -31.76 49.00 -5.36
C LEU C 197 -31.65 50.38 -4.72
N ASN C 198 -32.03 50.46 -3.44
CA ASN C 198 -31.98 51.72 -2.70
C ASN C 198 -31.27 51.59 -1.35
N ILE C 199 -30.60 52.67 -0.95
CA ILE C 199 -29.94 52.75 0.34
C ILE C 199 -30.33 54.06 1.02
N SER C 200 -30.86 53.97 2.23
CA SER C 200 -31.27 55.15 3.00
C SER C 200 -30.07 55.91 3.53
N ASP C 201 -30.28 57.19 3.85
CA ASP C 201 -29.21 58.09 4.29
C ASP C 201 -28.61 57.70 5.65
N ASP C 202 -29.43 57.12 6.52
CA ASP C 202 -28.96 56.65 7.82
C ASP C 202 -28.31 55.26 7.74
N TRP C 203 -28.29 54.70 6.54
CA TRP C 203 -27.71 53.37 6.26
C TRP C 203 -28.42 52.22 6.98
N LYS C 204 -29.60 52.50 7.52
CA LYS C 204 -30.40 51.50 8.25
C LYS C 204 -31.36 50.72 7.36
N THR C 205 -31.80 51.33 6.26
CA THR C 205 -32.74 50.70 5.35
C THR C 205 -32.15 50.49 3.96
N VAL C 206 -32.37 49.31 3.41
CA VAL C 206 -31.81 48.93 2.11
C VAL C 206 -32.76 48.00 1.34
N GLU C 207 -32.96 48.31 0.06
CA GLU C 207 -33.81 47.51 -0.82
C GLU C 207 -32.94 46.58 -1.67
N GLN C 208 -33.31 45.31 -1.71
CA GLN C 208 -32.54 44.30 -2.42
C GLN C 208 -33.41 43.47 -3.36
N HIS C 209 -32.97 43.35 -4.61
CA HIS C 209 -33.66 42.58 -5.64
C HIS C 209 -32.81 41.40 -6.13
N GLU C 210 -33.48 40.33 -6.54
CA GLU C 210 -32.81 39.16 -7.10
C GLU C 210 -33.61 38.49 -8.20
N SER C 211 -32.93 38.10 -9.28
CA SER C 211 -33.52 37.30 -10.34
C SER C 211 -32.73 36.01 -10.54
N VAL C 212 -33.44 34.89 -10.68
CA VAL C 212 -32.81 33.57 -10.80
C VAL C 212 -33.40 32.78 -11.97
N VAL C 213 -32.51 32.20 -12.77
CA VAL C 213 -32.89 31.29 -13.83
C VAL C 213 -32.16 29.96 -13.66
N ALA C 214 -32.92 28.89 -13.46
CA ALA C 214 -32.37 27.54 -13.36
C ALA C 214 -32.34 26.90 -14.75
N SER C 215 -31.24 26.21 -15.06
CA SER C 215 -31.05 25.61 -16.38
C SER C 215 -29.91 24.59 -16.41
N TYR C 216 -29.98 23.66 -17.36
CA TYR C 216 -28.84 22.84 -17.74
C TYR C 216 -27.88 23.72 -18.54
N SER C 217 -26.72 23.16 -18.88
CA SER C 217 -25.73 23.87 -19.69
C SER C 217 -26.24 24.14 -21.11
N GLN C 218 -25.89 25.30 -21.65
CA GLN C 218 -26.29 25.69 -23.00
C GLN C 218 -25.42 25.05 -24.08
N VAL C 219 -24.19 24.70 -23.72
CA VAL C 219 -23.21 24.16 -24.66
C VAL C 219 -23.53 22.70 -25.03
N PRO C 220 -23.63 22.41 -26.35
CA PRO C 220 -23.97 21.09 -26.86
C PRO C 220 -23.02 19.97 -26.41
N SER C 221 -23.53 18.75 -26.36
CA SER C 221 -22.78 17.59 -25.91
C SER C 221 -22.52 16.60 -27.05
N LYS C 222 -21.33 16.01 -27.06
CA LYS C 222 -20.97 14.97 -28.01
C LYS C 222 -21.38 13.59 -27.48
N LEU C 223 -21.53 13.50 -26.17
CA LEU C 223 -21.85 12.24 -25.50
C LEU C 223 -23.34 12.12 -25.14
N GLY C 224 -24.10 13.19 -25.34
CA GLY C 224 -25.53 13.21 -25.07
C GLY C 224 -25.89 13.52 -23.63
N HIS C 225 -24.95 14.08 -22.88
CA HIS C 225 -25.18 14.49 -21.49
C HIS C 225 -25.94 15.80 -21.42
N ASN C 226 -26.72 15.98 -20.35
CA ASN C 226 -27.39 17.25 -20.07
C ASN C 226 -26.38 18.29 -19.61
N MET D 1 -12.25 40.16 -36.25
CA MET D 1 -11.14 39.29 -36.72
C MET D 1 -9.82 39.67 -36.03
N TYR D 2 -9.23 38.70 -35.35
CA TYR D 2 -7.95 38.91 -34.65
C TYR D 2 -6.76 38.49 -35.51
N PRO D 3 -5.67 39.29 -35.47
CA PRO D 3 -4.46 39.01 -36.24
C PRO D 3 -3.86 37.63 -35.97
N SER D 4 -3.52 36.92 -37.04
CA SER D 4 -2.85 35.62 -37.01
C SER D 4 -3.73 34.44 -36.56
N ILE D 5 -5.01 34.72 -36.26
CA ILE D 5 -5.96 33.69 -35.88
C ILE D 5 -6.76 33.25 -37.10
N LYS D 6 -6.62 31.97 -37.45
CA LYS D 6 -7.28 31.42 -38.64
C LYS D 6 -8.48 30.55 -38.27
N GLU D 7 -9.37 30.33 -39.24
CA GLU D 7 -10.63 29.62 -39.02
C GLU D 7 -10.47 28.23 -38.40
N THR D 8 -9.38 27.56 -38.75
CA THR D 8 -8.99 26.29 -38.13
C THR D 8 -7.49 26.28 -37.84
N MET D 9 -7.14 25.96 -36.59
CA MET D 9 -5.74 25.95 -36.16
C MET D 9 -5.36 24.64 -35.48
N ARG D 10 -4.10 24.23 -35.67
CA ARG D 10 -3.58 22.99 -35.12
C ARG D 10 -2.91 23.18 -33.75
N VAL D 11 -2.82 22.09 -32.99
CA VAL D 11 -2.25 22.13 -31.64
C VAL D 11 -1.14 21.09 -31.47
N GLN D 12 -0.06 21.51 -30.80
CA GLN D 12 1.03 20.60 -30.43
C GLN D 12 1.32 20.77 -28.94
N LEU D 13 1.06 19.71 -28.17
CA LEU D 13 1.15 19.79 -26.71
C LEU D 13 2.12 18.76 -26.12
N SER D 14 2.88 19.20 -25.11
CA SER D 14 3.72 18.32 -24.32
C SER D 14 3.46 18.57 -22.83
N MET D 15 3.30 17.49 -22.07
CA MET D 15 3.06 17.55 -20.63
C MET D 15 4.01 16.63 -19.88
N GLU D 16 4.53 17.13 -18.76
CA GLU D 16 5.28 16.29 -17.82
C GLU D 16 4.93 16.66 -16.38
N GLY D 17 5.04 15.68 -15.48
CA GLY D 17 4.77 15.93 -14.08
C GLY D 17 4.59 14.69 -13.25
N SER D 18 3.98 14.86 -12.08
CA SER D 18 3.77 13.77 -11.13
C SER D 18 2.53 14.01 -10.26
N VAL D 19 1.83 12.92 -9.95
CA VAL D 19 0.71 12.93 -9.03
C VAL D 19 0.89 11.79 -8.03
N ASN D 20 0.88 12.11 -6.74
CA ASN D 20 1.07 11.13 -5.67
C ASN D 20 2.27 10.20 -5.89
N TYR D 21 3.45 10.81 -5.92
CA TYR D 21 4.74 10.11 -6.07
C TYR D 21 5.01 9.51 -7.46
N HIS D 22 4.03 9.56 -8.36
CA HIS D 22 4.16 8.89 -9.65
C HIS D 22 4.40 9.84 -10.82
N ALA D 23 5.56 9.69 -11.45
CA ALA D 23 5.98 10.55 -12.57
C ALA D 23 5.44 10.05 -13.91
N PHE D 24 5.16 10.98 -14.82
CA PHE D 24 4.60 10.67 -16.14
C PHE D 24 4.91 11.75 -17.17
N LYS D 25 4.76 11.39 -18.44
CA LYS D 25 4.82 12.35 -19.55
C LYS D 25 3.71 12.08 -20.57
N CYS D 26 3.18 13.14 -21.15
CA CYS D 26 2.12 13.05 -22.15
C CYS D 26 2.39 13.99 -23.34
N THR D 27 1.92 13.59 -24.52
CA THR D 27 1.93 14.47 -25.69
C THR D 27 0.55 14.57 -26.32
N GLY D 28 0.28 15.69 -26.96
CA GLY D 28 -1.02 15.94 -27.59
C GLY D 28 -0.90 16.56 -28.96
N LYS D 29 -1.74 16.10 -29.89
CA LYS D 29 -1.82 16.68 -31.23
C LYS D 29 -3.28 16.87 -31.56
N GLY D 30 -3.65 18.09 -31.93
CA GLY D 30 -5.06 18.40 -32.15
C GLY D 30 -5.36 19.48 -33.15
N GLU D 31 -6.66 19.74 -33.31
CA GLU D 31 -7.17 20.76 -34.21
C GLU D 31 -8.37 21.44 -33.53
N GLY D 32 -8.82 22.55 -34.10
CA GLY D 32 -10.01 23.21 -33.59
C GLY D 32 -10.39 24.45 -34.37
N LYS D 33 -11.57 24.99 -34.08
CA LYS D 33 -12.05 26.22 -34.72
C LYS D 33 -12.11 27.33 -33.66
N PRO D 34 -11.08 28.20 -33.63
CA PRO D 34 -10.92 29.23 -32.61
C PRO D 34 -12.13 30.15 -32.43
N TYR D 35 -12.72 30.61 -33.54
CA TYR D 35 -13.86 31.51 -33.50
C TYR D 35 -15.16 30.80 -33.13
N GLU D 36 -15.23 29.50 -33.41
CA GLU D 36 -16.42 28.70 -33.10
C GLU D 36 -16.32 28.07 -31.70
N GLY D 37 -15.16 28.19 -31.09
CA GLY D 37 -14.95 27.76 -29.71
C GLY D 37 -14.88 26.26 -29.48
N THR D 38 -14.58 25.52 -30.54
CA THR D 38 -14.46 24.07 -30.46
C THR D 38 -13.03 23.60 -30.72
N GLN D 39 -12.65 22.49 -30.08
CA GLN D 39 -11.32 21.89 -30.24
C GLN D 39 -11.32 20.40 -29.92
N SER D 40 -10.35 19.70 -30.50
CA SER D 40 -10.12 18.29 -30.19
C SER D 40 -8.63 18.05 -29.99
N LEU D 41 -8.30 17.07 -29.14
CA LEU D 41 -6.92 16.73 -28.85
C LEU D 41 -6.73 15.23 -28.71
N ASN D 42 -5.79 14.68 -29.48
CA ASN D 42 -5.40 13.28 -29.36
C ASN D 42 -4.22 13.15 -28.42
N ILE D 43 -4.47 12.58 -27.25
CA ILE D 43 -3.48 12.52 -26.18
C ILE D 43 -2.83 11.14 -26.09
N THR D 44 -1.50 11.13 -25.99
CA THR D 44 -0.73 9.90 -25.78
C THR D 44 0.06 9.99 -24.49
N ILE D 45 -0.06 8.95 -23.66
CA ILE D 45 0.80 8.82 -22.48
C ILE D 45 2.09 8.15 -22.90
N THR D 46 3.18 8.92 -22.90
CA THR D 46 4.46 8.48 -23.42
C THR D 46 5.34 7.85 -22.34
N GLU D 47 5.26 8.39 -21.13
CA GLU D 47 5.99 7.87 -19.98
C GLU D 47 5.06 7.73 -18.79
N GLY D 48 5.37 6.78 -17.90
CA GLY D 48 4.56 6.53 -16.71
C GLY D 48 3.54 5.43 -16.90
N GLY D 49 3.69 4.66 -17.99
CA GLY D 49 2.82 3.52 -18.31
C GLY D 49 1.34 3.83 -18.20
N PRO D 50 0.54 2.83 -17.77
CA PRO D 50 -0.84 3.14 -17.39
C PRO D 50 -0.87 3.95 -16.11
N LEU D 51 -1.56 5.09 -16.13
CA LEU D 51 -1.65 5.99 -14.97
C LEU D 51 -2.34 5.33 -13.78
N PRO D 52 -1.69 5.35 -12.60
CA PRO D 52 -2.27 4.78 -11.38
C PRO D 52 -3.33 5.69 -10.76
N PHE D 53 -3.56 6.85 -11.39
CA PHE D 53 -4.59 7.78 -10.95
C PHE D 53 -5.57 8.08 -12.09
N ALA D 54 -6.70 8.69 -11.74
CA ALA D 54 -7.72 9.05 -12.72
C ALA D 54 -7.19 10.08 -13.71
N PHE D 55 -7.28 9.74 -15.00
CA PHE D 55 -6.84 10.65 -16.07
C PHE D 55 -7.58 11.99 -16.02
N ASP D 56 -8.83 11.95 -15.56
CA ASP D 56 -9.70 13.12 -15.46
C ASP D 56 -9.06 14.35 -14.81
N ILE D 57 -8.17 14.13 -13.84
CA ILE D 57 -7.54 15.24 -13.11
C ILE D 57 -6.51 16.01 -13.93
N LEU D 58 -6.20 15.51 -15.13
CA LEU D 58 -5.26 16.16 -16.04
C LEU D 58 -5.97 16.90 -17.17
N SER D 59 -7.26 16.60 -17.35
CA SER D 59 -8.06 17.11 -18.47
C SER D 59 -8.06 18.64 -18.62
N HIS D 60 -8.18 19.35 -17.49
CA HIS D 60 -8.17 20.82 -17.48
C HIS D 60 -6.83 21.41 -17.94
N ALA D 61 -5.75 20.68 -17.66
CA ALA D 61 -4.41 21.13 -18.06
C ALA D 61 -4.14 20.91 -19.55
N PHE D 62 -4.89 19.99 -20.16
CA PHE D 62 -4.81 19.75 -21.60
C PHE D 62 -5.59 20.81 -22.37
N1 CRQ D 63 -6.85 21.10 -22.03
CA1 CRQ D 63 -7.40 22.22 -22.48
CB1 CRQ D 63 -8.35 22.01 -23.65
CG1 CRQ D 63 -9.42 20.96 -23.91
C1 CRQ D 63 -7.99 23.08 -21.41
N2 CRQ D 63 -9.23 23.00 -20.78
N3 CRQ D 63 -7.36 24.15 -20.90
C2 CRQ D 63 -8.08 24.71 -19.95
O2 CRQ D 63 -7.75 25.74 -19.25
CA2 CRQ D 63 -9.26 24.02 -19.88
CA3 CRQ D 63 -6.08 24.52 -21.19
CB2 CRQ D 63 -10.20 24.43 -18.99
CG2 CRQ D 63 -11.39 24.03 -18.66
CD1 CRQ D 63 -11.99 24.79 -17.66
CD2 CRQ D 63 -12.08 22.95 -19.21
CE1 CRQ D 63 -13.27 24.50 -17.19
CE2 CRQ D 63 -13.37 22.64 -18.74
CZ CRQ D 63 -13.96 23.41 -17.74
OH CRQ D 63 -15.16 23.13 -17.31
OE1 CRQ D 63 -10.45 18.97 -24.53
C3 CRQ D 63 -5.82 25.39 -22.40
O3 CRQ D 63 -4.63 25.60 -22.66
CD3 CRQ D 63 -9.48 19.71 -24.75
NE1 CRQ D 63 -8.87 19.64 -25.94
N ILE D 64 -6.55 25.29 -23.50
CA ILE D 64 -6.29 26.21 -24.66
C ILE D 64 -7.49 27.12 -24.90
N LYS D 65 -7.51 28.25 -24.20
CA LYS D 65 -8.65 29.18 -24.20
C LYS D 65 -8.78 29.98 -25.50
N VAL D 66 -7.86 29.77 -26.43
CA VAL D 66 -7.93 30.36 -27.77
C VAL D 66 -9.19 29.86 -28.48
N PHE D 67 -9.59 28.63 -28.17
CA PHE D 67 -10.80 28.03 -28.72
C PHE D 67 -12.01 28.36 -27.84
N ALA D 68 -12.47 29.60 -27.95
CA ALA D 68 -13.63 30.09 -27.21
C ALA D 68 -14.45 31.01 -28.11
N LYS D 69 -15.77 30.80 -28.12
CA LYS D 69 -16.68 31.61 -28.92
C LYS D 69 -16.97 32.94 -28.21
N TYR D 70 -16.39 34.02 -28.73
CA TYR D 70 -16.49 35.34 -28.12
C TYR D 70 -17.41 36.29 -28.90
N PRO D 71 -18.27 37.03 -28.18
CA PRO D 71 -19.06 38.07 -28.81
C PRO D 71 -18.20 39.29 -29.12
N LYS D 72 -18.61 40.07 -30.12
CA LYS D 72 -17.87 41.26 -30.55
C LYS D 72 -17.66 42.29 -29.42
N GLU D 73 -18.67 42.42 -28.57
CA GLU D 73 -18.67 43.39 -27.46
C GLU D 73 -17.63 43.10 -26.36
N ILE D 74 -17.24 41.84 -26.23
CA ILE D 74 -16.26 41.45 -25.21
C ILE D 74 -14.90 41.11 -25.82
N PRO D 75 -13.86 41.89 -25.45
CA PRO D 75 -12.49 41.66 -25.91
C PRO D 75 -12.00 40.25 -25.59
N ASP D 76 -11.42 39.59 -26.59
CA ASP D 76 -10.92 38.23 -26.47
C ASP D 76 -9.44 38.27 -26.08
N PHE D 77 -9.19 38.14 -24.77
CA PHE D 77 -7.82 38.18 -24.22
C PHE D 77 -6.89 37.15 -24.84
N PHE D 78 -7.40 35.95 -25.09
CA PHE D 78 -6.58 34.81 -25.50
C PHE D 78 -6.17 34.85 -26.97
N LYS D 79 -7.07 35.33 -27.83
CA LYS D 79 -6.76 35.53 -29.24
C LYS D 79 -5.82 36.72 -29.44
N GLN D 80 -5.97 37.73 -28.58
CA GLN D 80 -5.09 38.90 -28.56
C GLN D 80 -3.67 38.52 -28.15
N SER D 81 -3.56 37.61 -27.18
CA SER D 81 -2.28 37.26 -26.56
C SER D 81 -1.48 36.22 -27.31
N LEU D 82 -2.14 35.44 -28.19
CA LEU D 82 -1.50 34.30 -28.87
C LEU D 82 -0.24 34.65 -29.67
N PRO D 83 -0.29 35.66 -30.57
CA PRO D 83 0.87 35.98 -31.39
C PRO D 83 2.14 36.30 -30.57
N GLY D 84 1.99 37.12 -29.54
CA GLY D 84 3.10 37.45 -28.65
C GLY D 84 3.38 36.35 -27.65
N GLY D 85 2.37 35.52 -27.40
CA GLY D 85 2.46 34.41 -26.45
C GLY D 85 1.85 34.73 -25.10
N PHE D 86 1.44 33.69 -24.39
CA PHE D 86 0.96 33.84 -23.03
C PHE D 86 1.20 32.59 -22.17
N SER D 87 0.94 32.71 -20.88
CA SER D 87 1.14 31.62 -19.95
C SER D 87 0.02 31.60 -18.92
N TRP D 88 -0.33 30.41 -18.44
CA TRP D 88 -1.29 30.29 -17.35
C TRP D 88 -0.79 29.37 -16.24
N GLU D 89 -1.25 29.63 -15.02
CA GLU D 89 -0.96 28.80 -13.86
C GLU D 89 -2.24 28.57 -13.06
N ARG D 90 -2.33 27.41 -12.41
CA ARG D 90 -3.58 26.98 -11.77
C ARG D 90 -3.34 26.15 -10.51
N VAL D 91 -4.18 26.38 -9.51
CA VAL D 91 -4.29 25.48 -8.36
C VAL D 91 -5.69 24.87 -8.37
N SER D 92 -5.75 23.53 -8.36
CA SER D 92 -7.03 22.82 -8.26
C SER D 92 -7.12 22.11 -6.92
N THR D 93 -8.06 22.55 -6.09
CA THR D 93 -8.21 22.04 -4.73
C THR D 93 -9.47 21.17 -4.59
N TYR D 94 -9.26 19.86 -4.42
CA TYR D 94 -10.36 18.90 -4.32
C TYR D 94 -10.90 18.83 -2.89
N GLU D 95 -12.20 18.54 -2.77
CA GLU D 95 -12.89 18.56 -1.48
C GLU D 95 -12.44 17.48 -0.49
N ASP D 96 -11.76 16.45 -0.98
CA ASP D 96 -11.25 15.38 -0.12
C ASP D 96 -9.74 15.51 0.21
N GLY D 97 -9.11 16.58 -0.26
CA GLY D 97 -7.74 16.89 0.12
C GLY D 97 -6.73 17.06 -1.02
N GLY D 98 -7.04 16.46 -2.16
CA GLY D 98 -6.15 16.52 -3.33
C GLY D 98 -5.89 17.93 -3.84
N VAL D 99 -4.63 18.23 -4.13
CA VAL D 99 -4.24 19.52 -4.69
C VAL D 99 -3.35 19.32 -5.91
N LEU D 100 -3.80 19.84 -7.05
CA LEU D 100 -3.05 19.75 -8.30
C LEU D 100 -2.63 21.12 -8.79
N SER D 101 -1.33 21.34 -8.87
CA SER D 101 -0.77 22.60 -9.35
C SER D 101 -0.23 22.44 -10.76
N ALA D 102 -0.48 23.44 -11.61
CA ALA D 102 -0.07 23.39 -13.01
C ALA D 102 0.42 24.73 -13.54
N THR D 103 1.47 24.68 -14.37
CA THR D 103 1.96 25.84 -15.10
C THR D 103 2.06 25.51 -16.59
N GLN D 104 1.80 26.50 -17.44
CA GLN D 104 1.72 26.26 -18.87
C GLN D 104 2.20 27.46 -19.68
N GLU D 105 2.85 27.19 -20.81
CA GLU D 105 3.25 28.23 -21.75
C GLU D 105 2.60 27.99 -23.11
N THR D 106 2.06 29.05 -23.69
CA THR D 106 1.43 28.99 -25.01
C THR D 106 2.14 29.96 -25.96
N SER D 107 2.54 29.44 -27.12
CA SER D 107 3.16 30.25 -28.16
C SER D 107 2.65 29.83 -29.54
N LEU D 108 2.87 30.69 -30.54
CA LEU D 108 2.38 30.44 -31.89
C LEU D 108 3.50 30.42 -32.93
N GLN D 109 3.46 29.39 -33.78
CA GLN D 109 4.37 29.28 -34.92
C GLN D 109 3.59 28.89 -36.16
N GLY D 110 3.23 29.88 -36.96
CA GLY D 110 2.42 29.68 -38.17
C GLY D 110 0.96 29.49 -37.81
N ASP D 111 0.46 28.27 -38.03
CA ASP D 111 -0.91 27.91 -37.68
C ASP D 111 -0.94 26.92 -36.51
N CYS D 112 0.24 26.65 -35.94
CA CYS D 112 0.38 25.67 -34.87
C CYS D 112 0.52 26.32 -33.50
N ILE D 113 -0.47 26.07 -32.65
CA ILE D 113 -0.45 26.53 -31.26
C ILE D 113 0.30 25.50 -30.43
N ILE D 114 1.46 25.90 -29.91
CA ILE D 114 2.28 24.96 -29.13
C ILE D 114 2.10 25.19 -27.62
N CYS D 115 1.86 24.09 -26.91
CA CYS D 115 1.56 24.13 -25.48
C CYS D 115 2.55 23.26 -24.70
N LYS D 116 3.17 23.85 -23.68
CA LYS D 116 4.09 23.13 -22.80
C LYS D 116 3.59 23.22 -21.36
N VAL D 117 3.18 22.07 -20.83
CA VAL D 117 2.52 22.01 -19.51
C VAL D 117 3.38 21.27 -18.49
N LYS D 118 3.41 21.78 -17.26
CA LYS D 118 4.02 21.09 -16.13
C LYS D 118 2.99 20.93 -15.01
N VAL D 119 2.96 19.74 -14.42
CA VAL D 119 1.92 19.36 -13.45
C VAL D 119 2.53 18.75 -12.18
N LEU D 120 2.01 19.16 -11.02
CA LEU D 120 2.44 18.59 -9.74
C LEU D 120 1.26 18.43 -8.80
N GLY D 121 0.89 17.17 -8.53
CA GLY D 121 -0.24 16.84 -7.67
C GLY D 121 0.17 16.07 -6.43
N THR D 122 -0.37 16.47 -5.28
CA THR D 122 -0.08 15.82 -4.00
C THR D 122 -1.33 15.75 -3.13
N ASN D 123 -1.22 14.98 -2.04
CA ASN D 123 -2.25 14.90 -0.98
C ASN D 123 -3.60 14.31 -1.38
N PHE D 124 -3.64 13.59 -2.50
CA PHE D 124 -4.83 12.87 -2.92
C PHE D 124 -5.01 11.65 -2.03
N PRO D 125 -6.22 11.48 -1.43
CA PRO D 125 -6.48 10.35 -0.54
C PRO D 125 -6.17 9.03 -1.22
N ALA D 126 -5.32 8.22 -0.58
CA ALA D 126 -4.88 6.93 -1.14
C ALA D 126 -6.05 6.03 -1.55
N ASN D 127 -7.18 6.16 -0.85
CA ASN D 127 -8.36 5.36 -1.13
C ASN D 127 -9.55 6.19 -1.65
N GLY D 128 -9.26 7.39 -2.15
CA GLY D 128 -10.28 8.25 -2.75
C GLY D 128 -10.55 7.85 -4.19
N PRO D 129 -11.61 8.44 -4.80
CA PRO D 129 -12.01 8.09 -6.17
C PRO D 129 -10.94 8.38 -7.24
N VAL D 130 -10.10 9.39 -7.01
CA VAL D 130 -9.03 9.74 -7.94
C VAL D 130 -7.96 8.66 -8.00
N MET D 131 -7.40 8.30 -6.84
CA MET D 131 -6.32 7.32 -6.75
C MET D 131 -6.79 5.88 -6.99
N GLN D 132 -8.10 5.66 -6.84
CA GLN D 132 -8.68 4.34 -7.11
C GLN D 132 -9.36 4.26 -8.48
N LYS D 133 -9.21 5.33 -9.26
CA LYS D 133 -9.73 5.41 -10.63
C LYS D 133 -11.23 5.07 -10.73
N LYS D 134 -12.04 5.82 -9.99
CA LYS D 134 -13.49 5.62 -9.98
C LYS D 134 -14.24 6.88 -10.43
N THR D 135 -13.61 7.64 -11.33
CA THR D 135 -14.20 8.86 -11.88
C THR D 135 -14.71 8.62 -13.29
N CYS D 136 -15.72 9.38 -13.70
CA CYS D 136 -16.40 9.15 -14.98
C CYS D 136 -16.49 10.40 -15.86
N GLY D 137 -15.51 11.30 -15.75
CA GLY D 137 -15.49 12.52 -16.53
C GLY D 137 -16.11 13.72 -15.83
N TRP D 138 -15.79 14.91 -16.33
CA TRP D 138 -16.26 16.15 -15.74
C TRP D 138 -17.62 16.58 -16.29
N GLU D 139 -18.40 17.23 -15.43
CA GLU D 139 -19.64 17.89 -15.84
C GLU D 139 -19.30 19.17 -16.61
N PRO D 140 -20.27 19.73 -17.35
CA PRO D 140 -20.07 21.09 -17.85
C PRO D 140 -20.02 22.08 -16.68
N SER D 141 -19.36 23.22 -16.88
CA SER D 141 -19.26 24.22 -15.83
C SER D 141 -19.26 25.65 -16.38
N THR D 142 -19.39 26.62 -15.48
CA THR D 142 -19.28 28.03 -15.82
C THR D 142 -18.11 28.65 -15.06
N GLU D 143 -17.17 29.22 -15.80
CA GLU D 143 -15.98 29.85 -15.23
C GLU D 143 -16.14 31.37 -15.20
N THR D 144 -15.62 32.01 -14.16
CA THR D 144 -15.71 33.46 -14.01
C THR D 144 -14.38 34.11 -14.44
N VAL D 145 -14.47 34.99 -15.44
CA VAL D 145 -13.30 35.68 -15.99
C VAL D 145 -13.18 37.08 -15.39
N ILE D 146 -12.13 37.29 -14.59
CA ILE D 146 -11.91 38.56 -13.89
C ILE D 146 -10.62 39.23 -14.39
N PRO D 147 -10.73 40.50 -14.86
CA PRO D 147 -9.53 41.26 -15.19
C PRO D 147 -8.77 41.67 -13.93
N ARG D 148 -7.45 41.52 -13.94
CA ARG D 148 -6.62 41.82 -12.76
C ARG D 148 -5.15 42.07 -13.09
N ASP D 149 -4.70 43.28 -12.73
CA ASP D 149 -3.41 43.86 -13.17
C ASP D 149 -2.78 43.29 -14.45
N GLY D 150 -3.30 43.76 -15.57
CA GLY D 150 -2.72 43.47 -16.88
C GLY D 150 -3.03 42.10 -17.41
N GLY D 151 -3.62 41.24 -16.58
CA GLY D 151 -3.94 39.88 -16.96
C GLY D 151 -5.33 39.45 -16.54
N LEU D 152 -5.48 38.15 -16.32
CA LEU D 152 -6.77 37.55 -15.96
C LEU D 152 -6.66 36.65 -14.73
N LEU D 153 -7.73 36.64 -13.94
CA LEU D 153 -7.94 35.65 -12.90
C LEU D 153 -9.22 34.90 -13.25
N LEU D 154 -9.13 33.58 -13.37
CA LEU D 154 -10.29 32.75 -13.65
C LEU D 154 -10.61 31.81 -12.49
N ARG D 155 -11.87 31.82 -12.06
CA ARG D 155 -12.32 30.99 -10.94
C ARG D 155 -13.52 30.12 -11.32
N ASP D 156 -13.48 28.86 -10.89
CA ASP D 156 -14.50 27.88 -11.24
C ASP D 156 -14.67 26.88 -10.09
N THR D 157 -15.84 26.23 -10.06
CA THR D 157 -16.06 25.11 -9.15
C THR D 157 -16.57 23.87 -9.91
N PRO D 158 -15.68 23.24 -10.69
CA PRO D 158 -16.09 22.10 -11.52
C PRO D 158 -16.44 20.86 -10.69
N ALA D 159 -17.40 20.08 -11.18
CA ALA D 159 -17.83 18.85 -10.52
C ALA D 159 -17.46 17.63 -11.35
N LEU D 160 -16.77 16.70 -10.72
CA LEU D 160 -16.30 15.48 -11.38
C LEU D 160 -17.24 14.32 -11.07
N MET D 161 -17.78 13.71 -12.12
CA MET D 161 -18.72 12.58 -11.98
C MET D 161 -18.01 11.34 -11.46
N LEU D 162 -18.70 10.59 -10.59
CA LEU D 162 -18.13 9.40 -9.97
C LEU D 162 -18.89 8.14 -10.35
N ALA D 163 -18.22 7.00 -10.22
CA ALA D 163 -18.80 5.69 -10.57
C ALA D 163 -20.00 5.32 -9.70
N ASP D 164 -19.99 5.79 -8.44
CA ASP D 164 -21.10 5.54 -7.52
C ASP D 164 -22.34 6.40 -7.84
N GLY D 165 -22.23 7.25 -8.84
CA GLY D 165 -23.34 8.10 -9.28
C GLY D 165 -23.33 9.50 -8.69
N GLY D 166 -22.39 9.74 -7.78
CA GLY D 166 -22.25 11.05 -7.11
C GLY D 166 -21.29 11.98 -7.82
N HIS D 167 -20.85 13.00 -7.09
CA HIS D 167 -19.92 14.00 -7.62
C HIS D 167 -18.79 14.30 -6.65
N LEU D 168 -17.62 14.58 -7.22
CA LEU D 168 -16.49 15.10 -6.45
C LEU D 168 -16.12 16.47 -7.02
N SER D 169 -16.28 17.50 -6.19
CA SER D 169 -16.06 18.86 -6.63
C SER D 169 -14.68 19.38 -6.25
N CYS D 170 -14.16 20.30 -7.06
CA CYS D 170 -12.91 20.99 -6.73
C CYS D 170 -13.04 22.49 -7.02
N PHE D 171 -12.19 23.29 -6.37
CA PHE D 171 -12.10 24.71 -6.67
C PHE D 171 -10.91 24.97 -7.56
N MET D 172 -11.10 25.77 -8.61
CA MET D 172 -10.02 26.12 -9.54
C MET D 172 -9.73 27.62 -9.49
N GLU D 173 -8.45 27.96 -9.36
CA GLU D 173 -8.00 29.34 -9.48
C GLU D 173 -6.89 29.42 -10.52
N THR D 174 -7.19 30.06 -11.64
CA THR D 174 -6.27 30.12 -12.78
C THR D 174 -5.85 31.56 -13.09
N THR D 175 -4.56 31.79 -13.22
CA THR D 175 -4.02 33.11 -13.55
C THR D 175 -3.46 33.12 -14.98
N TYR D 176 -3.69 34.23 -15.69
CA TYR D 176 -3.22 34.37 -17.07
C TYR D 176 -2.32 35.60 -17.21
N LYS D 177 -1.26 35.44 -17.99
CA LYS D 177 -0.31 36.53 -18.21
C LYS D 177 0.24 36.52 -19.63
N SER D 178 0.02 37.63 -20.34
CA SER D 178 0.48 37.76 -21.72
C SER D 178 1.87 38.40 -21.78
N LYS D 179 2.66 37.99 -22.77
CA LYS D 179 3.97 38.58 -23.03
C LYS D 179 3.86 40.04 -23.47
N LYS D 180 2.82 40.34 -24.25
CA LYS D 180 2.58 41.69 -24.75
C LYS D 180 1.30 42.29 -24.16
N GLU D 181 1.24 43.61 -24.15
CA GLU D 181 0.09 44.35 -23.59
C GLU D 181 -1.16 44.14 -24.45
N VAL D 182 -2.26 43.84 -23.77
CA VAL D 182 -3.49 43.42 -24.42
C VAL D 182 -4.67 44.23 -23.86
N LYS D 183 -5.73 44.36 -24.65
CA LYS D 183 -6.94 45.04 -24.20
C LYS D 183 -7.79 44.09 -23.34
N LEU D 184 -7.86 44.40 -22.05
CA LEU D 184 -8.57 43.57 -21.07
C LEU D 184 -10.09 43.69 -21.20
N PRO D 185 -10.81 42.57 -21.02
CA PRO D 185 -12.27 42.63 -21.00
C PRO D 185 -12.78 43.04 -19.62
N GLU D 186 -14.07 43.34 -19.55
CA GLU D 186 -14.76 43.52 -18.27
C GLU D 186 -15.15 42.12 -17.79
N LEU D 187 -15.59 42.00 -16.54
CA LEU D 187 -15.92 40.68 -15.98
C LEU D 187 -17.01 39.98 -16.80
N HIS D 188 -16.76 38.70 -17.11
CA HIS D 188 -17.71 37.88 -17.87
C HIS D 188 -17.51 36.40 -17.57
N PHE D 189 -18.18 35.55 -18.34
CA PHE D 189 -18.21 34.12 -18.07
C PHE D 189 -17.84 33.25 -19.26
N HIS D 190 -17.24 32.11 -18.96
CA HIS D 190 -17.03 31.03 -19.92
C HIS D 190 -17.98 29.90 -19.58
N HIS D 191 -18.69 29.40 -20.58
CA HIS D 191 -19.51 28.20 -20.41
C HIS D 191 -18.83 27.05 -21.14
N LEU D 192 -18.31 26.11 -20.36
CA LEU D 192 -17.45 25.04 -20.89
C LEU D 192 -18.15 23.68 -20.87
N ARG D 193 -17.81 22.84 -21.85
CA ARG D 193 -18.10 21.41 -21.78
C ARG D 193 -16.93 20.62 -22.35
N MET D 194 -16.27 19.88 -21.47
CA MET D 194 -15.07 19.12 -21.80
C MET D 194 -15.36 17.64 -21.64
N GLU D 195 -15.17 16.88 -22.72
CA GLU D 195 -15.55 15.46 -22.75
C GLU D 195 -14.48 14.56 -23.35
N LYS D 196 -14.30 13.39 -22.73
CA LYS D 196 -13.43 12.35 -23.28
C LYS D 196 -14.23 11.52 -24.28
N LEU D 197 -13.90 11.67 -25.57
CA LEU D 197 -14.65 11.01 -26.64
C LEU D 197 -14.24 9.55 -26.84
N ASN D 198 -12.94 9.28 -26.70
CA ASN D 198 -12.41 7.93 -26.89
C ASN D 198 -11.29 7.58 -25.92
N ILE D 199 -11.31 6.34 -25.45
CA ILE D 199 -10.28 5.80 -24.56
C ILE D 199 -9.78 4.48 -25.15
N SER D 200 -8.47 4.41 -25.39
CA SER D 200 -7.84 3.20 -25.91
C SER D 200 -7.93 2.06 -24.91
N ASP D 201 -7.96 0.83 -25.41
CA ASP D 201 -8.15 -0.37 -24.59
C ASP D 201 -7.04 -0.59 -23.56
N ASP D 202 -5.83 -0.13 -23.89
CA ASP D 202 -4.67 -0.30 -23.00
C ASP D 202 -4.32 0.98 -22.22
N TRP D 203 -5.20 1.98 -22.30
CA TRP D 203 -5.03 3.27 -21.60
C TRP D 203 -3.76 4.04 -21.97
N LYS D 204 -3.39 4.02 -23.25
CA LYS D 204 -2.24 4.81 -23.73
C LYS D 204 -2.69 6.02 -24.55
N THR D 205 -3.90 5.96 -25.09
CA THR D 205 -4.42 6.99 -25.98
C THR D 205 -5.84 7.43 -25.58
N VAL D 206 -6.07 8.74 -25.59
CA VAL D 206 -7.38 9.30 -25.24
C VAL D 206 -7.70 10.54 -26.08
N GLU D 207 -8.91 10.56 -26.64
CA GLU D 207 -9.40 11.67 -27.44
C GLU D 207 -10.25 12.58 -26.58
N GLN D 208 -9.87 13.86 -26.49
CA GLN D 208 -10.59 14.82 -25.66
C GLN D 208 -11.08 16.01 -26.47
N HIS D 209 -12.35 16.37 -26.27
CA HIS D 209 -12.99 17.47 -26.98
C HIS D 209 -13.53 18.53 -26.02
N GLU D 210 -13.52 19.78 -26.46
CA GLU D 210 -14.00 20.90 -25.65
C GLU D 210 -14.72 21.95 -26.48
N SER D 211 -15.85 22.45 -25.94
CA SER D 211 -16.57 23.57 -26.52
C SER D 211 -16.74 24.67 -25.49
N VAL D 212 -16.45 25.91 -25.88
CA VAL D 212 -16.49 27.06 -24.97
C VAL D 212 -17.29 28.20 -25.59
N VAL D 213 -18.20 28.76 -24.79
CA VAL D 213 -18.97 29.95 -25.19
C VAL D 213 -18.77 31.04 -24.13
N ALA D 214 -18.27 32.20 -24.57
CA ALA D 214 -18.06 33.34 -23.68
C ALA D 214 -19.24 34.30 -23.77
N SER D 215 -19.68 34.80 -22.61
CA SER D 215 -20.85 35.66 -22.54
C SER D 215 -20.98 36.38 -21.19
N TYR D 216 -21.66 37.54 -21.21
CA TYR D 216 -22.16 38.14 -19.99
C TYR D 216 -23.33 37.30 -19.47
N SER D 217 -23.82 37.63 -18.27
CA SER D 217 -24.98 36.95 -17.71
C SER D 217 -26.23 37.19 -18.54
N GLN D 218 -27.06 36.16 -18.68
CA GLN D 218 -28.33 36.26 -19.42
C GLN D 218 -29.42 36.93 -18.57
N VAL D 219 -29.16 37.04 -17.26
CA VAL D 219 -30.13 37.60 -16.32
C VAL D 219 -30.16 39.13 -16.40
N PRO D 220 -31.35 39.71 -16.62
CA PRO D 220 -31.55 41.17 -16.72
C PRO D 220 -31.13 41.94 -15.47
N SER D 221 -30.63 43.14 -15.68
CA SER D 221 -30.16 44.00 -14.59
C SER D 221 -31.10 45.17 -14.34
N LYS D 222 -31.26 45.52 -13.06
CA LYS D 222 -32.07 46.67 -12.65
C LYS D 222 -31.24 47.95 -12.64
N LEU D 223 -29.92 47.81 -12.51
CA LEU D 223 -29.02 48.95 -12.37
C LEU D 223 -28.25 49.28 -13.64
N GLY D 224 -28.54 48.57 -14.72
CA GLY D 224 -27.93 48.82 -16.03
C GLY D 224 -26.52 48.27 -16.18
N HIS D 225 -26.19 47.26 -15.37
CA HIS D 225 -24.88 46.61 -15.47
C HIS D 225 -24.93 45.43 -16.44
N ASN D 226 -23.78 45.10 -17.02
CA ASN D 226 -23.66 43.92 -17.86
C ASN D 226 -23.76 42.64 -17.04
N MET E 1 3.51 -15.60 -41.46
CA MET E 1 4.13 -16.83 -42.01
C MET E 1 5.57 -17.05 -41.51
N TYR E 2 5.95 -18.32 -41.36
CA TYR E 2 7.30 -18.70 -40.95
C TYR E 2 8.02 -19.44 -42.06
N PRO E 3 8.96 -18.75 -42.72
CA PRO E 3 9.61 -19.23 -43.94
C PRO E 3 10.36 -20.56 -43.81
N SER E 4 11.06 -20.75 -42.70
CA SER E 4 11.97 -21.89 -42.56
C SER E 4 11.32 -23.11 -41.91
N ILE E 5 10.11 -22.94 -41.42
CA ILE E 5 9.38 -24.00 -40.78
C ILE E 5 8.37 -24.60 -41.74
N LYS E 6 8.68 -25.81 -42.23
CA LYS E 6 7.84 -26.49 -43.21
C LYS E 6 6.70 -27.25 -42.54
N GLU E 7 5.81 -27.80 -43.36
CA GLU E 7 4.69 -28.62 -42.88
C GLU E 7 5.15 -29.85 -42.12
N THR E 8 6.28 -30.42 -42.56
CA THR E 8 6.93 -31.52 -41.88
C THR E 8 8.39 -31.14 -41.60
N MET E 9 8.79 -31.28 -40.35
CA MET E 9 10.17 -31.00 -39.93
C MET E 9 10.77 -32.21 -39.22
N ARG E 10 12.05 -32.45 -39.44
CA ARG E 10 12.76 -33.58 -38.83
C ARG E 10 13.48 -33.15 -37.56
N VAL E 11 13.71 -34.11 -36.67
CA VAL E 11 14.36 -33.86 -35.38
C VAL E 11 15.58 -34.74 -35.17
N GLN E 12 16.67 -34.12 -34.72
CA GLN E 12 17.86 -34.84 -34.28
C GLN E 12 18.16 -34.43 -32.84
N LEU E 13 18.13 -35.39 -31.92
CA LEU E 13 18.27 -35.10 -30.50
C LEU E 13 19.39 -35.90 -29.84
N SER E 14 20.08 -35.25 -28.90
CA SER E 14 21.07 -35.92 -28.06
C SER E 14 20.84 -35.54 -26.59
N MET E 15 20.79 -36.55 -25.72
CA MET E 15 20.62 -36.35 -24.29
C MET E 15 21.74 -37.00 -23.49
N GLU E 16 22.25 -36.28 -22.49
CA GLU E 16 23.20 -36.83 -21.53
C GLU E 16 22.86 -36.36 -20.11
N GLY E 17 23.15 -37.20 -19.14
CA GLY E 17 22.93 -36.83 -17.75
C GLY E 17 22.99 -37.99 -16.78
N SER E 18 22.38 -37.80 -15.61
CA SER E 18 22.35 -38.82 -14.56
C SER E 18 21.15 -38.63 -13.64
N VAL E 19 20.61 -39.75 -13.16
CA VAL E 19 19.58 -39.77 -12.14
C VAL E 19 20.01 -40.77 -11.06
N ASN E 20 19.94 -40.34 -9.81
CA ASN E 20 20.33 -41.16 -8.66
C ASN E 20 21.60 -41.98 -8.89
N TYR E 21 22.72 -41.28 -9.07
CA TYR E 21 24.06 -41.87 -9.22
C TYR E 21 24.32 -42.58 -10.56
N HIS E 22 23.32 -42.62 -11.43
CA HIS E 22 23.43 -43.40 -12.67
C HIS E 22 23.51 -42.54 -13.93
N ALA E 23 24.69 -42.52 -14.54
CA ALA E 23 24.95 -41.77 -15.78
C ALA E 23 24.45 -42.53 -17.01
N PHE E 24 23.99 -41.77 -18.01
CA PHE E 24 23.42 -42.35 -19.23
C PHE E 24 23.46 -41.36 -20.39
N LYS E 25 23.31 -41.90 -21.60
CA LYS E 25 23.16 -41.10 -22.81
C LYS E 25 22.03 -41.62 -23.68
N CYS E 26 21.33 -40.70 -24.34
CA CYS E 26 20.25 -41.04 -25.27
C CYS E 26 20.38 -40.25 -26.57
N THR E 27 19.95 -40.87 -27.66
CA THR E 27 19.82 -40.17 -28.94
C THR E 27 18.40 -40.32 -29.47
N GLY E 28 17.95 -39.31 -30.22
CA GLY E 28 16.59 -39.31 -30.75
C GLY E 28 16.52 -38.94 -32.22
N LYS E 29 15.75 -39.72 -32.97
CA LYS E 29 15.46 -39.42 -34.37
C LYS E 29 13.96 -39.28 -34.52
N GLY E 30 13.50 -38.13 -35.00
CA GLY E 30 12.08 -37.86 -35.07
C GLY E 30 11.59 -37.05 -36.25
N GLU E 31 10.26 -36.94 -36.35
CA GLU E 31 9.61 -36.10 -37.34
C GLU E 31 8.33 -35.53 -36.71
N GLY E 32 7.83 -34.44 -37.28
CA GLY E 32 6.60 -33.84 -36.77
C GLY E 32 5.93 -32.87 -37.71
N LYS E 33 4.73 -32.44 -37.32
CA LYS E 33 3.96 -31.45 -38.04
C LYS E 33 3.79 -30.22 -37.15
N PRO E 34 4.66 -29.20 -37.34
CA PRO E 34 4.69 -28.02 -36.46
C PRO E 34 3.36 -27.27 -36.38
N TYR E 35 2.64 -27.21 -37.49
CA TYR E 35 1.40 -26.46 -37.57
C TYR E 35 0.18 -27.29 -37.11
N GLU E 36 0.29 -28.61 -37.22
CA GLU E 36 -0.72 -29.52 -36.69
C GLU E 36 -0.52 -29.73 -35.19
N GLY E 37 0.70 -29.50 -34.72
CA GLY E 37 1.05 -29.63 -33.31
C GLY E 37 1.33 -31.05 -32.87
N THR E 38 1.77 -31.89 -33.81
CA THR E 38 2.07 -33.29 -33.53
C THR E 38 3.53 -33.61 -33.82
N GLN E 39 4.09 -34.53 -33.05
CA GLN E 39 5.48 -34.97 -33.23
C GLN E 39 5.70 -36.41 -32.76
N SER E 40 6.71 -37.05 -33.34
CA SER E 40 7.10 -38.40 -32.96
C SER E 40 8.62 -38.46 -32.80
N LEU E 41 9.09 -39.22 -31.81
CA LEU E 41 10.51 -39.36 -31.58
C LEU E 41 10.90 -40.80 -31.27
N ASN E 42 11.85 -41.32 -32.04
CA ASN E 42 12.41 -42.65 -31.82
C ASN E 42 13.67 -42.53 -30.97
N ILE E 43 13.55 -42.96 -29.71
CA ILE E 43 14.62 -42.78 -28.73
C ILE E 43 15.37 -44.08 -28.49
N THR E 44 16.70 -44.00 -28.57
CA THR E 44 17.56 -45.13 -28.22
C THR E 44 18.55 -44.76 -27.12
N ILE E 45 18.58 -45.57 -26.08
CA ILE E 45 19.54 -45.41 -24.98
C ILE E 45 20.89 -45.94 -25.46
N THR E 46 21.87 -45.04 -25.57
CA THR E 46 23.16 -45.37 -26.16
C THR E 46 24.23 -45.71 -25.13
N GLU E 47 24.15 -45.07 -23.96
CA GLU E 47 25.06 -45.35 -22.85
C GLU E 47 24.29 -45.48 -21.54
N GLY E 48 24.85 -46.21 -20.59
CA GLY E 48 24.21 -46.44 -19.30
C GLY E 48 23.30 -47.66 -19.29
N GLY E 49 23.47 -48.52 -20.31
CA GLY E 49 22.72 -49.78 -20.43
C GLY E 49 21.22 -49.63 -20.26
N PRO E 50 20.57 -50.66 -19.68
CA PRO E 50 19.18 -50.51 -19.29
C PRO E 50 19.05 -49.65 -18.04
N LEU E 51 18.14 -48.68 -18.08
CA LEU E 51 18.00 -47.69 -17.01
C LEU E 51 17.43 -48.28 -15.72
N PRO E 52 18.03 -47.92 -14.56
CA PRO E 52 17.55 -48.38 -13.26
C PRO E 52 16.41 -47.51 -12.69
N PHE E 53 16.03 -46.48 -13.42
CA PHE E 53 14.91 -45.62 -13.05
C PHE E 53 13.86 -45.58 -14.15
N ALA E 54 12.64 -45.19 -13.78
CA ALA E 54 11.54 -45.09 -14.73
C ALA E 54 11.87 -44.14 -15.88
N PHE E 55 11.69 -44.61 -17.11
CA PHE E 55 11.96 -43.79 -18.30
C PHE E 55 11.06 -42.56 -18.36
N ASP E 56 9.86 -42.67 -17.78
CA ASP E 56 8.86 -41.59 -17.78
C ASP E 56 9.38 -40.24 -17.28
N ILE E 57 10.37 -40.26 -16.38
CA ILE E 57 10.91 -39.02 -15.82
C ILE E 57 11.83 -38.25 -16.80
N LEU E 58 12.08 -38.86 -17.96
CA LEU E 58 12.88 -38.24 -19.02
C LEU E 58 12.02 -37.70 -20.15
N SER E 59 10.77 -38.16 -20.19
CA SER E 59 9.85 -37.89 -21.32
C SER E 59 9.63 -36.40 -21.63
N HIS E 60 9.43 -35.58 -20.59
CA HIS E 60 9.23 -34.14 -20.76
C HIS E 60 10.45 -33.46 -21.36
N ALA E 61 11.64 -33.98 -21.06
CA ALA E 61 12.88 -33.42 -21.59
C ALA E 61 13.09 -33.75 -23.07
N PHE E 62 12.51 -34.87 -23.51
CA PHE E 62 12.55 -35.26 -24.92
C PHE E 62 11.61 -34.41 -25.75
N1 CRQ E 63 10.32 -34.26 -25.38
CA1 CRQ E 63 9.58 -33.32 -25.95
CB1 CRQ E 63 8.62 -33.86 -26.96
CG1 CRQ E 63 7.79 -35.12 -26.95
C1 CRQ E 63 8.96 -32.39 -24.95
N2 CRQ E 63 7.79 -32.51 -24.22
N3 CRQ E 63 9.51 -31.22 -24.63
C2 CRQ E 63 8.80 -30.58 -23.72
O2 CRQ E 63 9.06 -29.44 -23.20
CA2 CRQ E 63 7.71 -31.37 -23.46
CA3 CRQ E 63 10.71 -30.80 -25.14
CB2 CRQ E 63 6.79 -30.95 -22.57
CG2 CRQ E 63 5.69 -31.44 -22.11
CD1 CRQ E 63 5.03 -30.64 -21.16
CD2 CRQ E 63 5.12 -32.66 -22.48
CE1 CRQ E 63 3.83 -31.05 -20.59
CE2 CRQ E 63 3.91 -33.07 -21.90
CZ CRQ E 63 3.27 -32.26 -20.96
OH CRQ E 63 2.15 -32.64 -20.42
OE1 CRQ E 63 7.00 -37.22 -27.49
C3 CRQ E 63 10.65 -29.75 -26.20
O3 CRQ E 63 11.72 -29.18 -26.45
CD3 CRQ E 63 7.80 -36.36 -27.81
NE1 CRQ E 63 8.33 -36.34 -29.04
N ILE E 64 10.01 -30.01 -27.34
CA ILE E 64 10.17 -29.18 -28.58
C ILE E 64 8.84 -28.53 -28.91
N LYS E 65 8.64 -27.32 -28.39
CA LYS E 65 7.36 -26.62 -28.47
C LYS E 65 7.10 -25.96 -29.83
N VAL E 66 7.97 -26.23 -30.80
CA VAL E 66 7.76 -25.84 -32.19
C VAL E 66 6.57 -26.63 -32.75
N PHE E 67 6.41 -27.86 -32.25
CA PHE E 67 5.28 -28.71 -32.62
C PHE E 67 4.08 -28.44 -31.71
N ALA E 68 3.45 -27.29 -31.93
CA ALA E 68 2.29 -26.87 -31.16
C ALA E 68 1.31 -26.14 -32.06
N LYS E 69 0.04 -26.49 -31.97
CA LYS E 69 -1.01 -25.83 -32.75
C LYS E 69 -1.35 -24.48 -32.15
N TYR E 70 -0.97 -23.42 -32.86
CA TYR E 70 -1.17 -22.04 -32.41
C TYR E 70 -2.20 -21.31 -33.27
N PRO E 71 -3.14 -20.60 -32.62
CA PRO E 71 -4.10 -19.78 -33.35
C PRO E 71 -3.46 -18.49 -33.86
N LYS E 72 -4.06 -17.90 -34.90
CA LYS E 72 -3.56 -16.67 -35.52
C LYS E 72 -3.37 -15.51 -34.54
N GLU E 73 -4.29 -15.38 -33.59
CA GLU E 73 -4.31 -14.25 -32.67
C GLU E 73 -3.29 -14.30 -31.52
N ILE E 74 -2.65 -15.44 -31.32
CA ILE E 74 -1.64 -15.58 -30.26
C ILE E 74 -0.23 -15.76 -30.86
N PRO E 75 0.69 -14.85 -30.54
CA PRO E 75 2.09 -14.92 -30.98
C PRO E 75 2.76 -16.26 -30.60
N ASP E 76 3.39 -16.89 -31.58
CA ASP E 76 4.05 -18.18 -31.40
C ASP E 76 5.53 -17.96 -31.11
N PHE E 77 5.88 -17.96 -29.83
CA PHE E 77 7.26 -17.74 -29.36
C PHE E 77 8.26 -18.72 -29.99
N PHE E 78 7.87 -19.98 -30.05
CA PHE E 78 8.77 -21.08 -30.44
C PHE E 78 9.05 -21.10 -31.94
N LYS E 79 8.03 -20.83 -32.74
CA LYS E 79 8.19 -20.74 -34.19
C LYS E 79 8.97 -19.47 -34.60
N GLN E 80 8.75 -18.39 -33.87
CA GLN E 80 9.49 -17.14 -34.08
C GLN E 80 10.96 -17.29 -33.72
N SER E 81 11.24 -18.05 -32.67
CA SER E 81 12.59 -18.17 -32.11
C SER E 81 13.46 -19.26 -32.74
N LEU E 82 12.84 -20.20 -33.46
CA LEU E 82 13.54 -21.35 -34.05
C LEU E 82 14.72 -20.96 -34.96
N PRO E 83 14.50 -20.08 -35.97
CA PRO E 83 15.59 -19.72 -36.88
C PRO E 83 16.84 -19.20 -36.16
N GLY E 84 16.65 -18.27 -35.22
CA GLY E 84 17.76 -17.69 -34.46
C GLY E 84 18.27 -18.61 -33.38
N GLY E 85 17.43 -19.54 -32.95
CA GLY E 85 17.77 -20.48 -31.88
C GLY E 85 17.23 -20.04 -30.53
N PHE E 86 16.78 -21.02 -29.74
CA PHE E 86 16.32 -20.75 -28.38
C PHE E 86 16.66 -21.88 -27.43
N SER E 87 16.53 -21.62 -26.14
CA SER E 87 16.86 -22.59 -25.10
C SER E 87 15.76 -22.64 -24.03
N TRP E 88 15.64 -23.80 -23.37
CA TRP E 88 14.77 -23.91 -22.21
C TRP E 88 15.43 -24.63 -21.03
N GLU E 89 14.97 -24.28 -19.83
CA GLU E 89 15.45 -24.91 -18.58
C GLU E 89 14.27 -25.21 -17.68
N ARG E 90 14.39 -26.28 -16.88
CA ARG E 90 13.26 -26.79 -16.10
C ARG E 90 13.68 -27.41 -14.77
N VAL E 91 12.86 -27.18 -13.75
CA VAL E 91 12.92 -27.93 -12.50
C VAL E 91 11.62 -28.72 -12.35
N SER E 92 11.74 -30.04 -12.23
CA SER E 92 10.58 -30.89 -11.97
C SER E 92 10.67 -31.45 -10.55
N THR E 93 9.69 -31.09 -9.71
CA THR E 93 9.70 -31.43 -8.29
C THR E 93 8.59 -32.43 -7.96
N TYR E 94 8.99 -33.67 -7.68
CA TYR E 94 8.06 -34.75 -7.39
C TYR E 94 7.59 -34.72 -5.93
N GLU E 95 6.32 -35.09 -5.72
CA GLU E 95 5.70 -34.99 -4.39
C GLU E 95 6.37 -35.86 -3.31
N ASP E 96 7.17 -36.83 -3.73
CA ASP E 96 7.80 -37.76 -2.80
C ASP E 96 9.32 -37.58 -2.62
N GLY E 97 9.85 -36.46 -3.11
CA GLY E 97 11.25 -36.10 -2.86
C GLY E 97 12.13 -35.86 -4.08
N GLY E 98 11.84 -36.55 -5.18
CA GLY E 98 12.64 -36.47 -6.39
C GLY E 98 12.63 -35.09 -7.05
N VAL E 99 13.81 -34.65 -7.48
CA VAL E 99 13.95 -33.39 -8.22
C VAL E 99 14.78 -33.63 -9.48
N LEU E 100 14.20 -33.31 -10.63
CA LEU E 100 14.86 -33.48 -11.91
C LEU E 100 15.08 -32.14 -12.59
N SER E 101 16.37 -31.79 -12.76
CA SER E 101 16.76 -30.55 -13.43
C SER E 101 17.18 -30.83 -14.87
N ALA E 102 16.83 -29.90 -15.77
CA ALA E 102 17.14 -30.06 -17.19
C ALA E 102 17.45 -28.73 -17.88
N THR E 103 18.37 -28.79 -18.85
CA THR E 103 18.67 -27.65 -19.72
C THR E 103 18.77 -28.14 -21.17
N GLN E 104 18.38 -27.29 -22.11
CA GLN E 104 18.25 -27.70 -23.51
C GLN E 104 18.51 -26.54 -24.45
N GLU E 105 19.17 -26.84 -25.58
CA GLU E 105 19.38 -25.87 -26.64
C GLU E 105 18.73 -26.36 -27.94
N THR E 106 17.93 -25.50 -28.55
CA THR E 106 17.24 -25.80 -29.80
C THR E 106 17.75 -24.89 -30.93
N SER E 107 18.19 -25.52 -32.01
CA SER E 107 18.67 -24.79 -33.18
C SER E 107 18.17 -25.43 -34.47
N LEU E 108 18.30 -24.69 -35.57
CA LEU E 108 17.80 -25.15 -36.87
C LEU E 108 18.92 -25.20 -37.92
N GLN E 109 19.06 -26.38 -38.54
CA GLN E 109 19.99 -26.57 -39.66
C GLN E 109 19.25 -27.28 -40.79
N GLY E 110 18.97 -26.55 -41.86
CA GLY E 110 18.13 -27.07 -42.95
C GLY E 110 16.70 -27.18 -42.50
N ASP E 111 16.12 -28.37 -42.61
CA ASP E 111 14.81 -28.65 -42.04
C ASP E 111 14.94 -29.51 -40.77
N CYS E 112 16.17 -29.71 -40.33
CA CYS E 112 16.45 -30.51 -39.14
C CYS E 112 16.52 -29.63 -37.90
N ILE E 113 15.59 -29.89 -36.97
CA ILE E 113 15.60 -29.23 -35.66
C ILE E 113 16.50 -30.05 -34.74
N ILE E 114 17.63 -29.47 -34.36
CA ILE E 114 18.57 -30.18 -33.50
C ILE E 114 18.41 -29.77 -32.03
N CYS E 115 18.35 -30.78 -31.15
CA CYS E 115 18.14 -30.55 -29.73
C CYS E 115 19.26 -31.20 -28.92
N LYS E 116 19.85 -30.42 -28.02
CA LYS E 116 20.89 -30.91 -27.12
C LYS E 116 20.41 -30.76 -25.68
N VAL E 117 20.11 -31.89 -25.04
CA VAL E 117 19.50 -31.91 -23.71
C VAL E 117 20.49 -32.40 -22.65
N LYS E 118 20.48 -31.73 -21.50
CA LYS E 118 21.24 -32.19 -20.34
C LYS E 118 20.32 -32.34 -19.13
N VAL E 119 20.41 -33.49 -18.47
CA VAL E 119 19.50 -33.87 -17.39
C VAL E 119 20.28 -34.20 -16.11
N LEU E 120 19.78 -33.73 -14.97
CA LEU E 120 20.37 -34.09 -13.67
C LEU E 120 19.29 -34.27 -12.61
N GLY E 121 19.03 -35.52 -12.25
CA GLY E 121 18.02 -35.86 -11.24
C GLY E 121 18.60 -36.46 -9.99
N THR E 122 18.11 -36.02 -8.83
CA THR E 122 18.61 -36.48 -7.54
C THR E 122 17.48 -36.65 -6.52
N ASN E 123 17.82 -37.27 -5.39
CA ASN E 123 16.92 -37.37 -4.23
C ASN E 123 15.61 -38.14 -4.43
N PHE E 124 15.54 -38.93 -5.50
CA PHE E 124 14.41 -39.81 -5.72
C PHE E 124 14.46 -40.93 -4.68
N PRO E 125 13.35 -41.16 -3.95
CA PRO E 125 13.32 -42.20 -2.92
C PRO E 125 13.69 -43.57 -3.49
N ALA E 126 14.57 -44.29 -2.80
CA ALA E 126 15.10 -45.57 -3.27
C ALA E 126 14.01 -46.63 -3.51
N ASN E 127 12.97 -46.61 -2.68
CA ASN E 127 11.88 -47.58 -2.78
C ASN E 127 10.60 -47.01 -3.36
N GLY E 128 10.69 -45.80 -3.92
CA GLY E 128 9.57 -45.14 -4.59
C GLY E 128 9.32 -45.69 -5.98
N PRO E 129 8.19 -45.31 -6.61
CA PRO E 129 7.79 -45.79 -7.93
C PRO E 129 8.75 -45.47 -9.07
N VAL E 130 9.45 -44.34 -8.98
CA VAL E 130 10.42 -43.95 -10.00
C VAL E 130 11.62 -44.90 -10.02
N MET E 131 12.25 -45.09 -8.86
CA MET E 131 13.46 -45.92 -8.74
C MET E 131 13.17 -47.42 -8.78
N GLN E 132 11.90 -47.78 -8.57
CA GLN E 132 11.47 -49.18 -8.67
C GLN E 132 10.78 -49.47 -10.01
N LYS E 133 10.76 -48.46 -10.88
CA LYS E 133 10.13 -48.54 -12.21
C LYS E 133 8.69 -49.06 -12.16
N LYS E 134 7.85 -48.36 -11.40
CA LYS E 134 6.46 -48.72 -11.19
C LYS E 134 5.51 -47.69 -11.82
N THR E 135 5.97 -47.05 -12.89
CA THR E 135 5.20 -45.99 -13.55
C THR E 135 4.62 -46.44 -14.89
N CYS E 136 3.50 -45.84 -15.27
CA CYS E 136 2.75 -46.26 -16.46
C CYS E 136 2.43 -45.13 -17.43
N GLY E 137 3.38 -44.20 -17.58
CA GLY E 137 3.22 -43.07 -18.49
C GLY E 137 2.48 -41.90 -17.87
N TRP E 138 2.53 -40.75 -18.53
CA TRP E 138 1.93 -39.52 -18.04
C TRP E 138 0.50 -39.33 -18.50
N GLU E 139 -0.30 -38.70 -17.64
CA GLU E 139 -1.64 -38.24 -18.01
C GLU E 139 -1.51 -37.04 -18.95
N PRO E 140 -2.58 -36.71 -19.69
CA PRO E 140 -2.58 -35.41 -20.38
C PRO E 140 -2.56 -34.28 -19.35
N SER E 141 -2.09 -33.10 -19.74
CA SER E 141 -2.03 -31.96 -18.83
C SER E 141 -2.24 -30.62 -19.53
N THR E 142 -2.41 -29.58 -18.73
CA THR E 142 -2.47 -28.21 -19.24
C THR E 142 -1.37 -27.36 -18.60
N GLU E 143 -0.59 -26.70 -19.46
CA GLU E 143 0.50 -25.85 -19.02
C GLU E 143 0.13 -24.37 -19.18
N THR E 144 0.55 -23.56 -18.23
CA THR E 144 0.29 -22.12 -18.26
C THR E 144 1.50 -21.39 -18.83
N VAL E 145 1.27 -20.67 -19.93
CA VAL E 145 2.33 -19.91 -20.60
C VAL E 145 2.30 -18.45 -20.14
N ILE E 146 3.35 -18.04 -19.45
CA ILE E 146 3.44 -16.69 -18.90
C ILE E 146 4.62 -15.93 -19.51
N PRO E 147 4.36 -14.72 -20.05
CA PRO E 147 5.44 -13.84 -20.48
C PRO E 147 6.19 -13.25 -19.30
N ARG E 148 7.52 -13.31 -19.33
CA ARG E 148 8.36 -12.67 -18.33
C ARG E 148 9.72 -12.31 -18.90
N ASP E 149 10.13 -11.06 -18.68
CA ASP E 149 11.50 -10.63 -18.92
C ASP E 149 12.02 -11.00 -20.32
N GLY E 150 11.22 -10.69 -21.34
CA GLY E 150 11.60 -10.96 -22.72
C GLY E 150 11.61 -12.43 -23.10
N GLY E 151 11.12 -13.27 -22.19
CA GLY E 151 11.09 -14.71 -22.41
C GLY E 151 9.78 -15.28 -21.90
N LEU E 152 9.80 -16.57 -21.60
CA LEU E 152 8.61 -17.28 -21.13
C LEU E 152 8.85 -18.03 -19.83
N LEU E 153 7.81 -18.11 -19.01
CA LEU E 153 7.77 -19.00 -17.84
C LEU E 153 6.57 -19.91 -18.00
N LEU E 154 6.83 -21.22 -18.07
CA LEU E 154 5.77 -22.21 -18.19
C LEU E 154 5.65 -23.05 -16.93
N ARG E 155 4.43 -23.15 -16.41
CA ARG E 155 4.16 -23.86 -15.17
C ARG E 155 3.09 -24.93 -15.35
N ASP E 156 3.33 -26.09 -14.75
CA ASP E 156 2.45 -27.25 -14.92
C ASP E 156 2.43 -28.10 -13.64
N THR E 157 1.38 -28.88 -13.48
CA THR E 157 1.30 -29.89 -12.44
C THR E 157 0.91 -31.26 -13.03
N PRO E 158 1.85 -31.88 -13.78
CA PRO E 158 1.53 -33.13 -14.47
C PRO E 158 1.37 -34.30 -13.51
N ALA E 159 0.54 -35.26 -13.90
CA ALA E 159 0.28 -36.45 -13.10
C ALA E 159 0.81 -37.69 -13.80
N LEU E 160 1.63 -38.47 -13.08
CA LEU E 160 2.21 -39.69 -13.62
C LEU E 160 1.47 -40.92 -13.11
N MET E 161 0.96 -41.71 -14.03
CA MET E 161 0.21 -42.93 -13.70
C MET E 161 1.11 -43.99 -13.10
N LEU E 162 0.62 -44.67 -12.07
CA LEU E 162 1.39 -45.68 -11.36
C LEU E 162 0.85 -47.09 -11.59
N ALA E 163 1.68 -48.09 -11.34
CA ALA E 163 1.33 -49.50 -11.52
C ALA E 163 0.21 -49.95 -10.56
N ASP E 164 0.10 -49.27 -9.43
CA ASP E 164 -0.93 -49.60 -8.42
C ASP E 164 -2.31 -49.03 -8.75
N GLY E 165 -2.38 -48.17 -9.76
CA GLY E 165 -3.63 -47.56 -10.19
C GLY E 165 -3.81 -46.13 -9.70
N GLY E 166 -2.85 -45.64 -8.93
CA GLY E 166 -2.86 -44.27 -8.43
C GLY E 166 -2.07 -43.33 -9.31
N HIS E 167 -1.68 -42.19 -8.74
CA HIS E 167 -0.91 -41.18 -9.45
C HIS E 167 0.24 -40.65 -8.61
N LEU E 168 1.34 -40.29 -9.27
CA LEU E 168 2.43 -39.54 -8.64
C LEU E 168 2.52 -38.20 -9.35
N SER E 169 2.39 -37.12 -8.58
CA SER E 169 2.37 -35.78 -9.14
C SER E 169 3.70 -35.05 -8.95
N CYS E 170 4.03 -34.18 -9.89
CA CYS E 170 5.19 -33.30 -9.76
C CYS E 170 4.84 -31.88 -10.19
N PHE E 171 5.61 -30.91 -9.72
CA PHE E 171 5.49 -29.52 -10.16
C PHE E 171 6.59 -29.21 -11.18
N MET E 172 6.20 -28.61 -12.30
CA MET E 172 7.15 -28.22 -13.34
C MET E 172 7.22 -26.71 -13.51
N GLU E 173 8.44 -26.17 -13.55
CA GLU E 173 8.68 -24.76 -13.86
C GLU E 173 9.71 -24.66 -14.96
N THR E 174 9.29 -24.16 -16.12
CA THR E 174 10.14 -24.12 -17.31
C THR E 174 10.37 -22.69 -17.79
N THR E 175 11.63 -22.31 -17.92
CA THR E 175 12.01 -20.99 -18.45
C THR E 175 12.42 -21.13 -19.92
N TYR E 176 12.17 -20.07 -20.70
CA TYR E 176 12.53 -20.04 -22.11
C TYR E 176 13.28 -18.76 -22.46
N LYS E 177 14.37 -18.92 -23.23
CA LYS E 177 15.18 -17.78 -23.65
C LYS E 177 15.54 -17.89 -25.13
N SER E 178 15.23 -16.83 -25.88
CA SER E 178 15.54 -16.77 -27.30
C SER E 178 16.82 -15.95 -27.55
N LYS E 179 17.56 -16.32 -28.59
CA LYS E 179 18.78 -15.60 -28.97
C LYS E 179 18.47 -14.25 -29.62
N LYS E 180 17.40 -14.20 -30.40
CA LYS E 180 16.92 -12.97 -31.03
C LYS E 180 15.66 -12.48 -30.31
N GLU E 181 15.43 -11.17 -30.33
CA GLU E 181 14.23 -10.61 -29.69
C GLU E 181 12.98 -10.97 -30.48
N VAL E 182 11.98 -11.46 -29.78
CA VAL E 182 10.76 -12.00 -30.37
C VAL E 182 9.53 -11.29 -29.78
N LYS E 183 8.44 -11.27 -30.54
CA LYS E 183 7.18 -10.70 -30.06
C LYS E 183 6.50 -11.64 -29.06
N LEU E 184 6.40 -11.19 -27.81
CA LEU E 184 5.87 -11.99 -26.72
C LEU E 184 4.35 -12.07 -26.71
N PRO E 185 3.79 -13.28 -26.48
CA PRO E 185 2.35 -13.42 -26.38
C PRO E 185 1.81 -12.98 -25.02
N GLU E 186 0.50 -12.89 -24.90
CA GLU E 186 -0.15 -12.68 -23.61
C GLU E 186 -0.26 -14.03 -22.92
N LEU E 187 -0.66 -14.04 -21.65
CA LEU E 187 -0.80 -15.30 -20.91
C LEU E 187 -1.84 -16.20 -21.56
N HIS E 188 -1.48 -17.47 -21.77
CA HIS E 188 -2.38 -18.45 -22.36
C HIS E 188 -1.96 -19.88 -21.95
N PHE E 189 -2.55 -20.87 -22.60
CA PHE E 189 -2.38 -22.26 -22.19
C PHE E 189 -1.96 -23.20 -23.30
N HIS E 190 -1.22 -24.24 -22.91
CA HIS E 190 -0.92 -25.38 -23.77
C HIS E 190 -1.68 -26.57 -23.21
N HIS E 191 -2.41 -27.26 -24.08
CA HIS E 191 -3.04 -28.52 -23.71
C HIS E 191 -2.25 -29.66 -24.34
N LEU E 192 -1.69 -30.53 -23.49
CA LEU E 192 -0.71 -31.52 -23.91
C LEU E 192 -1.20 -32.96 -23.71
N ARG E 193 -0.70 -33.85 -24.56
CA ARG E 193 -0.79 -35.30 -24.32
C ARG E 193 0.44 -35.99 -24.91
N MET E 194 1.28 -36.51 -24.03
CA MET E 194 2.54 -37.12 -24.39
C MET E 194 2.49 -38.62 -24.06
N GLU E 195 2.66 -39.45 -25.09
CA GLU E 195 2.43 -40.90 -24.94
C GLU E 195 3.55 -41.75 -25.55
N LYS E 196 3.94 -42.79 -24.82
CA LYS E 196 4.86 -43.80 -25.32
C LYS E 196 4.08 -44.82 -26.14
N LEU E 197 4.36 -44.87 -27.44
CA LEU E 197 3.65 -45.77 -28.34
C LEU E 197 4.28 -47.16 -28.36
N ASN E 198 5.58 -47.21 -28.10
CA ASN E 198 6.32 -48.46 -28.04
C ASN E 198 7.48 -48.45 -27.05
N ILE E 199 7.60 -49.53 -26.29
CA ILE E 199 8.73 -49.77 -25.42
C ILE E 199 9.31 -51.13 -25.82
N SER E 200 10.54 -51.13 -26.31
CA SER E 200 11.19 -52.36 -26.76
C SER E 200 11.47 -53.30 -25.59
N ASP E 201 11.37 -54.61 -25.86
CA ASP E 201 11.56 -55.63 -24.83
C ASP E 201 12.98 -55.65 -24.25
N ASP E 202 13.95 -55.20 -25.04
CA ASP E 202 15.36 -55.20 -24.63
C ASP E 202 15.79 -53.94 -23.86
N TRP E 203 14.81 -53.08 -23.55
CA TRP E 203 15.04 -51.84 -22.79
C TRP E 203 15.94 -50.81 -23.51
N LYS E 204 16.05 -50.92 -24.83
CA LYS E 204 16.97 -50.08 -25.60
C LYS E 204 16.27 -48.97 -26.38
N THR E 205 15.01 -49.19 -26.75
CA THR E 205 14.30 -48.31 -27.67
C THR E 205 12.88 -47.98 -27.19
N VAL E 206 12.47 -46.73 -27.45
CA VAL E 206 11.13 -46.26 -27.09
C VAL E 206 10.65 -45.18 -28.07
N GLU E 207 9.47 -45.41 -28.65
CA GLU E 207 8.82 -44.43 -29.52
C GLU E 207 7.87 -43.56 -28.69
N GLN E 208 8.03 -42.25 -28.80
CA GLN E 208 7.24 -41.31 -28.03
C GLN E 208 6.52 -40.31 -28.95
N HIS E 209 5.22 -40.16 -28.74
CA HIS E 209 4.39 -39.25 -29.52
C HIS E 209 3.83 -38.15 -28.63
N GLU E 210 3.57 -36.98 -29.22
CA GLU E 210 3.03 -35.85 -28.48
C GLU E 210 2.16 -34.96 -29.37
N SER E 211 1.01 -34.55 -28.85
CA SER E 211 0.15 -33.56 -29.50
C SER E 211 -0.07 -32.37 -28.55
N VAL E 212 0.02 -31.16 -29.11
CA VAL E 212 -0.08 -29.92 -28.33
C VAL E 212 -0.99 -28.89 -29.01
N VAL E 213 -1.91 -28.31 -28.23
CA VAL E 213 -2.78 -27.23 -28.70
C VAL E 213 -2.65 -26.01 -27.78
N ALA E 214 -2.31 -24.86 -28.36
CA ALA E 214 -2.22 -23.61 -27.62
C ALA E 214 -3.52 -22.81 -27.76
N SER E 215 -3.98 -22.25 -26.65
CA SER E 215 -5.24 -21.51 -26.62
C SER E 215 -5.39 -20.65 -25.36
N TYR E 216 -6.25 -19.64 -25.45
CA TYR E 216 -6.76 -18.95 -24.27
C TYR E 216 -7.80 -19.86 -23.61
N SER E 217 -8.24 -19.48 -22.41
CA SER E 217 -9.33 -20.18 -21.75
C SER E 217 -10.63 -19.99 -22.53
N GLN E 218 -11.39 -21.07 -22.68
CA GLN E 218 -12.66 -21.02 -23.41
C GLN E 218 -13.85 -20.69 -22.51
N VAL E 219 -13.58 -20.50 -21.22
CA VAL E 219 -14.62 -20.11 -20.27
C VAL E 219 -14.86 -18.59 -20.34
N PRO E 220 -16.13 -18.18 -20.50
CA PRO E 220 -16.51 -16.76 -20.68
C PRO E 220 -15.99 -15.82 -19.60
N SER E 221 -15.73 -14.58 -19.99
CA SER E 221 -15.27 -13.55 -19.08
C SER E 221 -16.32 -12.45 -18.89
N LYS E 222 -16.50 -12.02 -17.66
CA LYS E 222 -17.42 -10.93 -17.34
C LYS E 222 -16.72 -9.58 -17.45
N LEU E 223 -15.38 -9.61 -17.43
CA LEU E 223 -14.56 -8.40 -17.52
C LEU E 223 -14.06 -8.13 -18.94
N GLY E 224 -14.39 -9.03 -19.86
CA GLY E 224 -13.94 -8.92 -21.25
C GLY E 224 -12.47 -9.29 -21.43
N HIS E 225 -11.97 -10.12 -20.51
CA HIS E 225 -10.57 -10.54 -20.50
C HIS E 225 -10.38 -11.81 -21.33
N ASN E 226 -9.17 -12.00 -21.86
CA ASN E 226 -8.85 -13.21 -22.62
C ASN E 226 -8.70 -14.44 -21.74
N TYR F 2 -28.77 -34.49 -10.16
CA TYR F 2 -28.33 -35.10 -8.87
C TYR F 2 -29.29 -34.80 -7.72
N PRO F 3 -29.53 -35.80 -6.84
CA PRO F 3 -30.45 -35.68 -5.71
C PRO F 3 -30.35 -34.37 -4.92
N SER F 4 -31.49 -33.69 -4.78
CA SER F 4 -31.64 -32.45 -4.00
C SER F 4 -30.81 -31.24 -4.47
N ILE F 5 -30.42 -31.26 -5.75
CA ILE F 5 -29.73 -30.11 -6.35
C ILE F 5 -30.63 -29.52 -7.43
N LYS F 6 -31.13 -28.31 -7.18
CA LYS F 6 -32.04 -27.63 -8.11
C LYS F 6 -31.26 -26.77 -9.11
N GLU F 7 -31.97 -26.28 -10.12
CA GLU F 7 -31.37 -25.46 -11.19
C GLU F 7 -30.71 -24.19 -10.64
N THR F 8 -31.27 -23.64 -9.56
CA THR F 8 -30.68 -22.50 -8.87
C THR F 8 -30.56 -22.77 -7.37
N MET F 9 -29.36 -22.57 -6.83
CA MET F 9 -29.07 -22.81 -5.41
C MET F 9 -28.60 -21.54 -4.71
N ARG F 10 -28.90 -21.43 -3.41
CA ARG F 10 -28.48 -20.30 -2.59
C ARG F 10 -27.23 -20.64 -1.77
N VAL F 11 -26.43 -19.61 -1.46
CA VAL F 11 -25.17 -19.79 -0.72
C VAL F 11 -25.12 -18.91 0.52
N GLN F 12 -24.72 -19.51 1.65
CA GLN F 12 -24.43 -18.79 2.88
C GLN F 12 -23.00 -19.15 3.32
N LEU F 13 -22.16 -18.14 3.52
CA LEU F 13 -20.75 -18.36 3.83
C LEU F 13 -20.25 -17.55 5.02
N SER F 14 -19.37 -18.15 5.81
CA SER F 14 -18.66 -17.46 6.88
C SER F 14 -17.18 -17.81 6.86
N MET F 15 -16.33 -16.81 7.08
CA MET F 15 -14.88 -16.99 7.06
C MET F 15 -14.21 -16.24 8.22
N GLU F 16 -13.24 -16.89 8.84
CA GLU F 16 -12.41 -16.27 9.86
C GLU F 16 -10.95 -16.74 9.76
N GLY F 17 -10.03 -15.93 10.27
CA GLY F 17 -8.61 -16.28 10.28
C GLY F 17 -7.70 -15.08 10.25
N SER F 18 -6.45 -15.32 9.82
CA SER F 18 -5.43 -14.27 9.82
C SER F 18 -4.40 -14.46 8.71
N VAL F 19 -3.88 -13.35 8.21
CA VAL F 19 -2.75 -13.34 7.27
C VAL F 19 -1.72 -12.32 7.74
N ASN F 20 -0.47 -12.77 7.91
CA ASN F 20 0.63 -11.92 8.37
C ASN F 20 0.26 -11.02 9.56
N TYR F 21 -0.04 -11.67 10.69
CA TYR F 21 -0.37 -11.02 11.97
C TYR F 21 -1.74 -10.33 12.03
N HIS F 22 -2.43 -10.26 10.89
CA HIS F 22 -3.69 -9.53 10.82
C HIS F 22 -4.93 -10.43 10.77
N ALA F 23 -5.70 -10.40 11.87
CA ALA F 23 -6.93 -11.17 11.98
C ALA F 23 -8.12 -10.46 11.34
N PHE F 24 -9.07 -11.25 10.81
CA PHE F 24 -10.23 -10.72 10.10
C PHE F 24 -11.39 -11.72 10.09
N LYS F 25 -12.58 -11.23 9.75
CA LYS F 25 -13.76 -12.08 9.57
C LYS F 25 -14.58 -11.62 8.37
N CYS F 26 -15.13 -12.59 7.64
CA CYS F 26 -15.91 -12.33 6.44
C CYS F 26 -17.19 -13.15 6.39
N THR F 27 -18.20 -12.63 5.72
CA THR F 27 -19.43 -13.38 5.43
C THR F 27 -19.82 -13.22 3.97
N GLY F 28 -20.49 -14.23 3.43
CA GLY F 28 -20.88 -14.24 2.03
C GLY F 28 -22.32 -14.62 1.79
N LYS F 29 -23.01 -13.81 0.98
CA LYS F 29 -24.36 -14.10 0.52
C LYS F 29 -24.35 -14.20 -1.00
N GLY F 30 -24.86 -15.31 -1.53
CA GLY F 30 -24.88 -15.51 -2.96
C GLY F 30 -25.82 -16.56 -3.49
N GLU F 31 -25.74 -16.80 -4.79
CA GLU F 31 -26.52 -17.82 -5.49
C GLU F 31 -25.75 -18.30 -6.72
N GLY F 32 -26.34 -19.24 -7.46
CA GLY F 32 -25.75 -19.69 -8.71
C GLY F 32 -26.50 -20.84 -9.36
N LYS F 33 -26.03 -21.23 -10.54
CA LYS F 33 -26.59 -22.35 -11.29
C LYS F 33 -25.59 -23.50 -11.32
N PRO F 34 -25.80 -24.51 -10.45
CA PRO F 34 -24.87 -25.63 -10.29
C PRO F 34 -24.62 -26.45 -11.56
N TYR F 35 -25.67 -26.67 -12.34
CA TYR F 35 -25.56 -27.46 -13.58
C TYR F 35 -24.97 -26.65 -14.74
N GLU F 36 -25.18 -25.33 -14.70
CA GLU F 36 -24.61 -24.42 -15.68
C GLU F 36 -23.17 -24.03 -15.31
N GLY F 37 -22.83 -24.23 -14.05
CA GLY F 37 -21.46 -24.02 -13.56
C GLY F 37 -21.10 -22.59 -13.21
N THR F 38 -22.11 -21.77 -12.91
CA THR F 38 -21.89 -20.36 -12.58
C THR F 38 -22.34 -20.03 -11.16
N GLN F 39 -21.69 -19.04 -10.55
CA GLN F 39 -22.04 -18.58 -9.20
C GLN F 39 -21.59 -17.14 -8.93
N SER F 40 -22.29 -16.49 -8.01
CA SER F 40 -21.94 -15.15 -7.54
C SER F 40 -21.96 -15.12 -6.02
N LEU F 41 -21.06 -14.32 -5.44
CA LEU F 41 -20.99 -14.17 -3.99
C LEU F 41 -20.73 -12.72 -3.58
N ASN F 42 -21.62 -12.18 -2.76
CA ASN F 42 -21.47 -10.85 -2.20
C ASN F 42 -20.79 -10.93 -0.85
N ILE F 43 -19.53 -10.47 -0.80
CA ILE F 43 -18.68 -10.63 0.36
C ILE F 43 -18.53 -9.33 1.14
N THR F 44 -18.92 -9.36 2.42
CA THR F 44 -18.67 -8.24 3.33
C THR F 44 -17.61 -8.62 4.37
N ILE F 45 -16.65 -7.71 4.57
CA ILE F 45 -15.63 -7.88 5.60
C ILE F 45 -16.17 -7.29 6.90
N THR F 46 -16.54 -8.18 7.83
CA THR F 46 -17.24 -7.78 9.05
C THR F 46 -16.30 -7.35 10.17
N GLU F 47 -15.11 -7.95 10.21
CA GLU F 47 -14.10 -7.64 11.21
C GLU F 47 -12.72 -7.53 10.58
N GLY F 48 -11.92 -6.58 11.08
CA GLY F 48 -10.57 -6.35 10.58
C GLY F 48 -10.48 -5.22 9.57
N GLY F 49 -11.44 -4.29 9.63
CA GLY F 49 -11.47 -3.09 8.79
C GLY F 49 -11.22 -3.34 7.32
N PRO F 50 -10.57 -2.36 6.64
CA PRO F 50 -10.04 -2.60 5.30
C PRO F 50 -8.76 -3.43 5.41
N LEU F 51 -8.71 -4.55 4.68
CA LEU F 51 -7.58 -5.47 4.74
C LEU F 51 -6.26 -4.83 4.31
N PRO F 52 -5.18 -5.04 5.10
CA PRO F 52 -3.86 -4.50 4.78
C PRO F 52 -3.13 -5.33 3.71
N PHE F 53 -3.70 -6.49 3.38
CA PHE F 53 -3.17 -7.35 2.33
C PHE F 53 -4.17 -7.46 1.17
N ALA F 54 -3.70 -7.97 0.04
CA ALA F 54 -4.54 -8.13 -1.15
C ALA F 54 -5.69 -9.10 -0.89
N PHE F 55 -6.92 -8.66 -1.18
CA PHE F 55 -8.11 -9.50 -1.03
C PHE F 55 -8.03 -10.75 -1.91
N ASP F 56 -7.31 -10.64 -3.03
CA ASP F 56 -7.17 -11.73 -4.01
C ASP F 56 -6.72 -13.06 -3.43
N ILE F 57 -5.92 -13.02 -2.37
CA ILE F 57 -5.39 -14.26 -1.77
C ILE F 57 -6.43 -15.05 -0.96
N LEU F 58 -7.63 -14.49 -0.85
CA LEU F 58 -8.74 -15.14 -0.16
C LEU F 58 -9.80 -15.66 -1.13
N SER F 59 -9.72 -15.18 -2.37
CA SER F 59 -10.73 -15.46 -3.40
C SER F 59 -10.99 -16.95 -3.65
N HIS F 60 -9.92 -17.75 -3.72
CA HIS F 60 -10.03 -19.19 -3.93
C HIS F 60 -10.80 -19.89 -2.82
N ALA F 61 -10.72 -19.34 -1.61
CA ALA F 61 -11.37 -19.92 -0.44
C ALA F 61 -12.86 -19.55 -0.33
N PHE F 62 -13.23 -18.42 -0.92
CA PHE F 62 -14.61 -17.95 -0.90
C PHE F 62 -15.52 -18.77 -1.83
N1 CRQ F 63 -14.36 -19.31 -4.04
CA1 CRQ F 63 -15.01 -20.42 -4.38
CB1 CRQ F 63 -15.93 -20.07 -5.51
CG1 CRQ F 63 -16.03 -18.83 -6.35
C1 CRQ F 63 -13.95 -21.39 -4.82
N2 CRQ F 63 -13.08 -21.18 -5.86
N3 CRQ F 63 -13.64 -22.60 -4.28
C2 CRQ F 63 -12.65 -23.14 -4.93
O2 CRQ F 63 -12.12 -24.28 -4.67
CA2 CRQ F 63 -12.28 -22.28 -5.91
CA3 CRQ F 63 -14.13 -23.32 -3.21
CB2 CRQ F 63 -11.28 -22.61 -6.73
CG2 CRQ F 63 -10.73 -22.01 -7.73
CD1 CRQ F 63 -9.68 -22.70 -8.34
CD2 CRQ F 63 -11.11 -20.75 -8.22
CE1 CRQ F 63 -9.01 -22.15 -9.42
CE2 CRQ F 63 -10.44 -20.20 -9.31
CZ CRQ F 63 -9.39 -20.90 -9.91
OH CRQ F 63 -8.77 -20.39 -10.94
OE1 CRQ F 63 -16.44 -16.56 -6.79
C3 CRQ F 63 -15.31 -22.81 -2.37
O3 CRQ F 63 -15.86 -23.68 -1.66
CD3 CRQ F 63 -16.84 -17.57 -6.22
NE1 CRQ F 63 -18.07 -17.63 -5.73
N ILE F 64 -16.70 -23.37 -4.01
CA ILE F 64 -17.88 -24.27 -3.88
C ILE F 64 -18.02 -24.93 -5.23
N LYS F 65 -17.40 -26.10 -5.36
CA LYS F 65 -17.28 -26.79 -6.62
C LYS F 65 -18.58 -27.47 -7.05
N VAL F 66 -19.63 -27.22 -6.28
CA VAL F 66 -20.98 -27.64 -6.63
C VAL F 66 -21.39 -26.94 -7.94
N PHE F 67 -20.98 -25.68 -8.06
CA PHE F 67 -21.24 -24.89 -9.26
C PHE F 67 -20.18 -25.18 -10.31
N ALA F 68 -20.35 -26.31 -11.00
CA ALA F 68 -19.42 -26.76 -12.03
C ALA F 68 -20.19 -27.52 -13.10
N LYS F 69 -19.98 -27.15 -14.35
CA LYS F 69 -20.64 -27.81 -15.48
C LYS F 69 -19.97 -29.17 -15.75
N TYR F 70 -20.72 -30.24 -15.49
CA TYR F 70 -20.22 -31.60 -15.65
C TYR F 70 -20.90 -32.33 -16.80
N PRO F 71 -20.09 -33.03 -17.63
CA PRO F 71 -20.65 -33.87 -18.68
C PRO F 71 -21.29 -35.14 -18.09
N LYS F 72 -22.20 -35.75 -18.83
CA LYS F 72 -22.91 -36.96 -18.43
C LYS F 72 -21.95 -38.12 -18.07
N GLU F 73 -20.83 -38.18 -18.77
CA GLU F 73 -19.89 -39.30 -18.68
C GLU F 73 -18.95 -39.30 -17.47
N ILE F 74 -18.82 -38.15 -16.80
CA ILE F 74 -17.91 -38.02 -15.66
C ILE F 74 -18.67 -37.80 -14.34
N PRO F 75 -18.44 -38.70 -13.36
CA PRO F 75 -19.05 -38.59 -12.03
C PRO F 75 -18.77 -37.24 -11.37
N ASP F 76 -19.84 -36.61 -10.89
CA ASP F 76 -19.74 -35.30 -10.24
C ASP F 76 -19.63 -35.50 -8.73
N PHE F 77 -18.40 -35.57 -8.24
CA PHE F 77 -18.10 -35.78 -6.82
C PHE F 77 -18.81 -34.78 -5.91
N PHE F 78 -18.83 -33.52 -6.34
CA PHE F 78 -19.31 -32.40 -5.50
C PHE F 78 -20.83 -32.37 -5.36
N LYS F 79 -21.55 -32.63 -6.45
CA LYS F 79 -23.01 -32.70 -6.42
C LYS F 79 -23.50 -33.94 -5.69
N GLN F 80 -22.75 -35.04 -5.81
CA GLN F 80 -23.05 -36.28 -5.08
C GLN F 80 -22.85 -36.10 -3.58
N SER F 81 -21.79 -35.38 -3.20
CA SER F 81 -21.38 -35.25 -1.80
C SER F 81 -22.18 -34.22 -1.00
N LEU F 82 -22.82 -33.27 -1.68
CA LEU F 82 -23.49 -32.14 -1.02
C LEU F 82 -24.56 -32.54 0.02
N PRO F 83 -25.53 -33.41 -0.34
CA PRO F 83 -26.60 -33.76 0.60
C PRO F 83 -26.09 -34.27 1.95
N GLY F 84 -25.10 -35.17 1.92
CA GLY F 84 -24.50 -35.70 3.14
C GLY F 84 -23.43 -34.80 3.72
N GLY F 85 -22.94 -33.88 2.90
CA GLY F 85 -21.90 -32.93 3.31
C GLY F 85 -20.51 -33.36 2.88
N PHE F 86 -19.64 -32.36 2.66
CA PHE F 86 -18.24 -32.62 2.35
C PHE F 86 -17.33 -31.49 2.85
N SER F 87 -16.03 -31.74 2.87
CA SER F 87 -15.05 -30.76 3.32
C SER F 87 -13.87 -30.67 2.38
N TRP F 88 -13.20 -29.52 2.36
CA TRP F 88 -11.94 -29.37 1.62
C TRP F 88 -10.87 -28.63 2.42
N GLU F 89 -9.62 -28.95 2.13
CA GLU F 89 -8.46 -28.29 2.74
C GLU F 89 -7.41 -27.97 1.68
N ARG F 90 -6.73 -26.85 1.84
CA ARG F 90 -5.82 -26.35 0.81
C ARG F 90 -4.54 -25.72 1.35
N VAL F 91 -3.44 -25.96 0.65
CA VAL F 91 -2.20 -25.19 0.83
C VAL F 91 -1.93 -24.43 -0.47
N SER F 92 -1.78 -23.12 -0.35
CA SER F 92 -1.42 -22.27 -1.49
C SER F 92 -0.05 -21.66 -1.25
N THR F 93 0.92 -22.06 -2.07
CA THR F 93 2.32 -21.66 -1.90
C THR F 93 2.78 -20.71 -3.00
N TYR F 94 3.07 -19.47 -2.61
CA TYR F 94 3.45 -18.41 -3.54
C TYR F 94 4.96 -18.43 -3.84
N GLU F 95 5.31 -17.99 -5.05
CA GLU F 95 6.70 -18.06 -5.53
C GLU F 95 7.69 -17.18 -4.76
N ASP F 96 7.18 -16.17 -4.05
CA ASP F 96 8.04 -15.27 -3.26
C ASP F 96 8.12 -15.61 -1.76
N GLY F 97 7.33 -16.58 -1.30
CA GLY F 97 7.45 -17.08 0.06
C GLY F 97 6.19 -17.23 0.90
N GLY F 98 5.08 -16.66 0.42
CA GLY F 98 3.82 -16.70 1.16
C GLY F 98 3.14 -18.06 1.10
N VAL F 99 2.57 -18.48 2.23
CA VAL F 99 1.83 -19.75 2.31
C VAL F 99 0.45 -19.51 2.92
N LEU F 100 -0.60 -19.85 2.19
CA LEU F 100 -1.97 -19.69 2.66
C LEU F 100 -2.64 -21.04 2.90
N SER F 101 -2.92 -21.34 4.17
CA SER F 101 -3.62 -22.57 4.55
C SER F 101 -5.09 -22.30 4.81
N ALA F 102 -5.93 -23.23 4.35
CA ALA F 102 -7.38 -23.09 4.48
C ALA F 102 -8.06 -24.44 4.72
N THR F 103 -9.13 -24.41 5.51
CA THR F 103 -9.98 -25.58 5.75
C THR F 103 -11.45 -25.15 5.69
N GLN F 104 -12.30 -26.02 5.17
CA GLN F 104 -13.69 -25.66 4.90
C GLN F 104 -14.65 -26.81 5.09
N GLU F 105 -15.83 -26.51 5.61
CA GLU F 105 -16.93 -27.46 5.72
C GLU F 105 -18.11 -26.99 4.87
N THR F 106 -18.69 -27.92 4.10
CA THR F 106 -19.84 -27.62 3.25
C THR F 106 -21.03 -28.51 3.62
N SER F 107 -22.20 -27.88 3.79
CA SER F 107 -23.43 -28.61 4.11
C SER F 107 -24.64 -28.02 3.37
N LEU F 108 -25.73 -28.79 3.33
CA LEU F 108 -26.95 -28.37 2.65
C LEU F 108 -28.17 -28.39 3.58
N GLN F 109 -28.88 -27.26 3.60
CA GLN F 109 -30.14 -27.14 4.33
C GLN F 109 -31.18 -26.54 3.38
N GLY F 110 -32.07 -27.39 2.88
CA GLY F 110 -33.06 -26.98 1.88
C GLY F 110 -32.42 -26.65 0.54
N ASP F 111 -32.51 -25.39 0.14
CA ASP F 111 -31.86 -24.93 -1.09
C ASP F 111 -30.62 -24.09 -0.77
N CYS F 112 -30.18 -24.13 0.49
CA CYS F 112 -29.08 -23.31 0.96
C CYS F 112 -27.81 -24.13 1.19
N ILE F 113 -26.75 -23.74 0.49
CA ILE F 113 -25.43 -24.36 0.65
C ILE F 113 -24.65 -23.51 1.65
N ILE F 114 -24.46 -24.05 2.86
CA ILE F 114 -23.77 -23.31 3.91
C ILE F 114 -22.29 -23.70 3.98
N CYS F 115 -21.42 -22.68 3.99
CA CYS F 115 -19.97 -22.89 3.96
C CYS F 115 -19.31 -22.21 5.16
N LYS F 116 -18.38 -22.94 5.78
CA LYS F 116 -17.62 -22.43 6.91
C LYS F 116 -16.13 -22.56 6.63
N VAL F 117 -15.46 -21.42 6.51
CA VAL F 117 -14.04 -21.39 6.12
C VAL F 117 -13.13 -20.86 7.24
N LYS F 118 -11.99 -21.52 7.42
CA LYS F 118 -10.93 -21.02 8.29
C LYS F 118 -9.65 -20.84 7.47
N VAL F 119 -9.01 -19.68 7.62
CA VAL F 119 -7.85 -19.31 6.83
C VAL F 119 -6.66 -18.92 7.72
N LEU F 120 -5.47 -19.37 7.36
CA LEU F 120 -4.25 -18.98 8.07
C LEU F 120 -3.10 -18.78 7.08
N GLY F 121 -2.63 -17.55 6.98
CA GLY F 121 -1.54 -17.19 6.06
C GLY F 121 -0.35 -16.58 6.78
N THR F 122 0.84 -17.03 6.41
CA THR F 122 2.08 -16.55 7.02
C THR F 122 3.19 -16.40 5.98
N ASN F 123 4.27 -15.73 6.38
CA ASN F 123 5.51 -15.62 5.60
C ASN F 123 5.40 -14.90 4.24
N PHE F 124 4.32 -14.13 4.06
CA PHE F 124 4.20 -13.27 2.89
C PHE F 124 5.21 -12.12 3.01
N PRO F 125 6.03 -11.91 1.96
CA PRO F 125 7.01 -10.83 1.98
C PRO F 125 6.35 -9.50 2.34
N ALA F 126 6.82 -8.87 3.42
CA ALA F 126 6.23 -7.64 3.95
C ALA F 126 6.15 -6.51 2.93
N ASN F 127 7.11 -6.51 2.01
CA ASN F 127 7.19 -5.49 0.97
C ASN F 127 6.91 -6.04 -0.44
N GLY F 128 6.21 -7.18 -0.47
CA GLY F 128 5.82 -7.82 -1.73
C GLY F 128 4.45 -7.38 -2.19
N PRO F 129 4.07 -7.75 -3.43
CA PRO F 129 2.80 -7.33 -4.05
C PRO F 129 1.54 -7.66 -3.23
N VAL F 130 1.53 -8.82 -2.58
CA VAL F 130 0.40 -9.23 -1.74
C VAL F 130 0.19 -8.29 -0.55
N MET F 131 1.25 -8.07 0.21
CA MET F 131 1.18 -7.23 1.42
C MET F 131 1.08 -5.74 1.12
N GLN F 132 1.49 -5.35 -0.09
CA GLN F 132 1.42 -3.96 -0.52
C GLN F 132 0.18 -3.66 -1.36
N LYS F 133 -0.67 -4.67 -1.52
CA LYS F 133 -1.93 -4.58 -2.29
C LYS F 133 -1.71 -4.13 -3.75
N LYS F 134 -0.76 -4.79 -4.42
CA LYS F 134 -0.44 -4.48 -5.82
C LYS F 134 -0.86 -5.61 -6.76
N THR F 135 -2.01 -6.21 -6.48
CA THR F 135 -2.55 -7.30 -7.31
C THR F 135 -3.83 -6.88 -8.02
N CYS F 136 -4.08 -7.49 -9.18
CA CYS F 136 -5.19 -7.08 -10.04
C CYS F 136 -6.08 -8.25 -10.47
N GLY F 137 -6.29 -9.20 -9.57
CA GLY F 137 -7.15 -10.35 -9.84
C GLY F 137 -6.42 -11.51 -10.46
N TRP F 138 -7.04 -12.68 -10.42
CA TRP F 138 -6.43 -13.91 -10.93
C TRP F 138 -6.73 -14.11 -12.43
N GLU F 139 -5.80 -14.77 -13.11
CA GLU F 139 -6.01 -15.23 -14.47
C GLU F 139 -6.94 -16.45 -14.44
N PRO F 140 -7.55 -16.80 -15.59
CA PRO F 140 -8.22 -18.09 -15.64
C PRO F 140 -7.20 -19.22 -15.45
N SER F 141 -7.66 -20.38 -15.01
CA SER F 141 -6.77 -21.53 -14.81
C SER F 141 -7.50 -22.84 -15.05
N THR F 142 -6.72 -23.92 -15.06
CA THR F 142 -7.27 -25.26 -15.15
C THR F 142 -6.68 -26.15 -14.07
N GLU F 143 -7.56 -26.74 -13.28
CA GLU F 143 -7.20 -27.56 -12.13
C GLU F 143 -7.30 -29.03 -12.49
N THR F 144 -6.33 -29.82 -12.02
CA THR F 144 -6.31 -31.26 -12.27
C THR F 144 -7.03 -31.99 -11.14
N VAL F 145 -8.09 -32.71 -11.48
CA VAL F 145 -8.88 -33.47 -10.52
C VAL F 145 -8.38 -34.92 -10.50
N ILE F 146 -7.74 -35.30 -9.39
CA ILE F 146 -7.19 -36.64 -9.22
C ILE F 146 -7.96 -37.40 -8.15
N PRO F 147 -8.50 -38.59 -8.52
CA PRO F 147 -9.12 -39.46 -7.52
C PRO F 147 -8.06 -40.01 -6.58
N ARG F 148 -8.20 -39.79 -5.26
N ARG F 148 -8.28 -39.88 -5.28
CA ARG F 148 -7.35 -40.47 -4.27
CA ARG F 148 -7.38 -40.42 -4.28
C ARG F 148 -8.15 -40.94 -3.04
C ARG F 148 -8.10 -40.92 -3.02
N ASP F 149 -7.95 -42.23 -2.79
CA ASP F 149 -8.63 -43.03 -1.73
C ASP F 149 -9.89 -42.51 -1.09
N GLY F 150 -11.01 -42.72 -1.75
CA GLY F 150 -12.31 -42.30 -1.24
C GLY F 150 -12.61 -40.84 -1.48
N GLY F 151 -11.56 -40.03 -1.67
CA GLY F 151 -11.72 -38.59 -1.87
C GLY F 151 -11.05 -38.07 -3.13
N LEU F 152 -10.75 -36.78 -3.12
CA LEU F 152 -10.14 -36.11 -4.27
C LEU F 152 -8.88 -35.35 -3.87
N LEU F 153 -7.95 -35.22 -4.82
CA LEU F 153 -6.83 -34.31 -4.70
C LEU F 153 -6.78 -33.42 -5.94
N LEU F 154 -6.92 -32.11 -5.73
CA LEU F 154 -6.87 -31.14 -6.82
C LEU F 154 -5.59 -30.32 -6.81
N ARG F 155 -4.97 -30.19 -7.99
CA ARG F 155 -3.73 -29.44 -8.14
C ARG F 155 -3.85 -28.39 -9.24
N ASP F 156 -3.25 -27.23 -9.00
CA ASP F 156 -3.34 -26.09 -9.92
C ASP F 156 -2.12 -25.19 -9.74
N THR F 157 -1.81 -24.42 -10.79
CA THR F 157 -0.79 -23.38 -10.72
C THR F 157 -1.35 -22.03 -11.19
N PRO F 158 -2.24 -21.41 -10.38
CA PRO F 158 -2.90 -20.17 -10.78
C PRO F 158 -1.94 -18.97 -10.83
N ALA F 159 -2.18 -18.07 -11.78
CA ALA F 159 -1.36 -16.87 -11.95
C ALA F 159 -2.14 -15.62 -11.56
N LEU F 160 -1.56 -14.83 -10.65
CA LEU F 160 -2.17 -13.61 -10.16
C LEU F 160 -1.58 -12.40 -10.89
N MET F 161 -2.46 -11.60 -11.50
CA MET F 161 -2.04 -10.41 -12.23
C MET F 161 -1.56 -9.32 -11.27
N LEU F 162 -0.50 -8.61 -11.65
CA LEU F 162 0.08 -7.58 -10.81
C LEU F 162 -0.11 -6.17 -11.39
N ALA F 163 -0.01 -5.17 -10.52
CA ALA F 163 -0.18 -3.77 -10.90
C ALA F 163 0.89 -3.28 -11.88
N ASP F 164 2.06 -3.91 -11.84
CA ASP F 164 3.16 -3.58 -12.76
C ASP F 164 3.00 -4.24 -14.14
N GLY F 165 2.00 -5.11 -14.28
CA GLY F 165 1.73 -5.78 -15.54
C GLY F 165 2.32 -7.18 -15.65
N GLY F 166 2.98 -7.64 -14.58
CA GLY F 166 3.54 -8.98 -14.54
C GLY F 166 2.59 -9.97 -13.86
N HIS F 167 3.13 -11.11 -13.45
CA HIS F 167 2.35 -12.14 -12.76
C HIS F 167 3.04 -12.66 -11.52
N LEU F 168 2.25 -12.94 -10.49
CA LEU F 168 2.71 -13.66 -9.31
C LEU F 168 2.02 -15.01 -9.29
N SER F 169 2.82 -16.07 -9.37
CA SER F 169 2.28 -17.42 -9.42
C SER F 169 2.33 -18.13 -8.08
N CYS F 170 1.39 -19.05 -7.86
CA CYS F 170 1.40 -19.90 -6.69
C CYS F 170 0.98 -21.33 -7.07
N PHE F 171 1.38 -22.29 -6.25
CA PHE F 171 0.94 -23.68 -6.41
C PHE F 171 -0.19 -23.96 -5.44
N MET F 172 -1.21 -24.68 -5.90
CA MET F 172 -2.33 -25.04 -5.05
C MET F 172 -2.47 -26.56 -4.92
N GLU F 173 -2.64 -27.03 -3.69
CA GLU F 173 -2.91 -28.43 -3.43
C GLU F 173 -4.12 -28.56 -2.52
N THR F 174 -5.24 -29.02 -3.09
CA THR F 174 -6.51 -29.09 -2.38
C THR F 174 -7.00 -30.52 -2.21
N THR F 175 -7.38 -30.87 -0.98
CA THR F 175 -7.91 -32.19 -0.67
C THR F 175 -9.42 -32.12 -0.43
N TYR F 176 -10.13 -33.18 -0.81
CA TYR F 176 -11.58 -33.25 -0.64
C TYR F 176 -12.00 -34.53 0.06
N LYS F 177 -12.84 -34.40 1.08
CA LYS F 177 -13.37 -35.54 1.81
C LYS F 177 -14.88 -35.44 1.96
N SER F 178 -15.58 -36.53 1.66
CA SER F 178 -17.03 -36.57 1.75
C SER F 178 -17.48 -37.37 2.99
N LYS F 179 -18.55 -36.90 3.63
CA LYS F 179 -19.14 -37.62 4.76
C LYS F 179 -19.69 -38.97 4.34
N LYS F 180 -20.39 -38.99 3.20
CA LYS F 180 -20.95 -40.23 2.65
C LYS F 180 -20.03 -40.80 1.58
N GLU F 181 -20.28 -42.04 1.19
CA GLU F 181 -19.52 -42.66 0.10
C GLU F 181 -20.11 -42.32 -1.26
N VAL F 182 -19.23 -41.89 -2.16
CA VAL F 182 -19.61 -41.32 -3.44
C VAL F 182 -18.87 -42.03 -4.57
N LYS F 183 -19.52 -42.14 -5.74
CA LYS F 183 -18.88 -42.73 -6.91
C LYS F 183 -17.80 -41.79 -7.45
N LEU F 184 -16.54 -42.22 -7.30
CA LEU F 184 -15.38 -41.41 -7.70
C LEU F 184 -15.23 -41.28 -9.21
N PRO F 185 -14.83 -40.08 -9.67
CA PRO F 185 -14.53 -39.89 -11.09
C PRO F 185 -13.14 -40.39 -11.44
N GLU F 186 -12.86 -40.52 -12.74
CA GLU F 186 -11.51 -40.77 -13.23
C GLU F 186 -10.80 -39.42 -13.28
N LEU F 187 -9.50 -39.42 -13.53
CA LEU F 187 -8.75 -38.16 -13.63
C LEU F 187 -9.31 -37.28 -14.75
N HIS F 188 -9.56 -36.01 -14.42
CA HIS F 188 -10.05 -35.03 -15.39
C HIS F 188 -9.64 -33.61 -14.97
N PHE F 189 -10.26 -32.62 -15.60
CA PHE F 189 -9.85 -31.22 -15.41
C PHE F 189 -11.03 -30.29 -15.12
N HIS F 190 -10.75 -29.24 -14.36
CA HIS F 190 -11.67 -28.13 -14.17
C HIS F 190 -11.08 -26.90 -14.85
N HIS F 191 -11.87 -26.26 -15.70
CA HIS F 191 -11.46 -25.01 -16.32
C HIS F 191 -12.20 -23.85 -15.65
N LEU F 192 -11.43 -22.98 -14.98
CA LEU F 192 -11.97 -21.96 -14.08
C LEU F 192 -11.75 -20.54 -14.60
N ARG F 193 -12.68 -19.65 -14.25
CA ARG F 193 -12.45 -18.21 -14.35
C ARG F 193 -13.15 -17.50 -13.19
N MET F 194 -12.35 -16.97 -12.27
CA MET F 194 -12.83 -16.33 -11.05
C MET F 194 -12.49 -14.84 -11.10
N GLU F 195 -13.51 -14.00 -11.01
CA GLU F 195 -13.36 -12.55 -11.21
C GLU F 195 -14.09 -11.72 -10.16
N LYS F 196 -13.45 -10.62 -9.74
CA LYS F 196 -14.08 -9.62 -8.88
C LYS F 196 -14.84 -8.62 -9.75
N LEU F 197 -16.16 -8.59 -9.63
CA LEU F 197 -17.00 -7.71 -10.45
C LEU F 197 -17.04 -6.28 -9.91
N ASN F 198 -17.41 -6.15 -8.64
CA ASN F 198 -17.49 -4.85 -7.98
C ASN F 198 -16.84 -4.81 -6.61
N ILE F 199 -16.27 -3.66 -6.27
CA ILE F 199 -15.67 -3.43 -4.97
C ILE F 199 -16.17 -2.08 -4.44
N SER F 200 -16.64 -2.07 -3.19
CA SER F 200 -17.10 -0.84 -2.53
C SER F 200 -15.92 0.09 -2.22
N ASP F 201 -16.23 1.38 -2.06
CA ASP F 201 -15.21 2.42 -1.83
C ASP F 201 -14.31 2.15 -0.63
N ASP F 202 -14.91 1.68 0.47
CA ASP F 202 -14.19 1.44 1.73
C ASP F 202 -13.43 0.11 1.76
N TRP F 203 -13.52 -0.65 0.66
CA TRP F 203 -12.91 -1.99 0.55
C TRP F 203 -13.46 -2.98 1.58
N LYS F 204 -14.76 -2.95 1.77
CA LYS F 204 -15.47 -3.84 2.71
C LYS F 204 -16.36 -4.83 1.97
N THR F 205 -17.01 -4.37 0.91
CA THR F 205 -17.93 -5.19 0.13
C THR F 205 -17.38 -5.44 -1.27
N VAL F 206 -17.35 -6.72 -1.65
CA VAL F 206 -16.81 -7.13 -2.95
C VAL F 206 -17.65 -8.27 -3.55
N GLU F 207 -18.07 -8.09 -4.80
CA GLU F 207 -18.83 -9.10 -5.52
C GLU F 207 -17.89 -9.96 -6.36
N GLN F 208 -17.97 -11.27 -6.17
CA GLN F 208 -17.10 -12.22 -6.85
C GLN F 208 -17.90 -13.22 -7.68
N HIS F 209 -17.49 -13.41 -8.94
CA HIS F 209 -18.14 -14.34 -9.85
C HIS F 209 -17.18 -15.46 -10.26
N GLU F 210 -17.73 -16.64 -10.55
CA GLU F 210 -16.95 -17.78 -11.01
C GLU F 210 -17.72 -18.65 -11.99
N SER F 211 -17.03 -19.06 -13.06
CA SER F 211 -17.57 -20.02 -14.02
C SER F 211 -16.62 -21.22 -14.13
N VAL F 212 -17.20 -22.41 -14.12
CA VAL F 212 -16.42 -23.66 -14.09
C VAL F 212 -16.96 -24.69 -15.09
N VAL F 213 -16.07 -25.20 -15.94
CA VAL F 213 -16.40 -26.28 -16.87
C VAL F 213 -15.47 -27.46 -16.60
N ALA F 214 -16.07 -28.62 -16.33
CA ALA F 214 -15.31 -29.85 -16.11
C ALA F 214 -15.32 -30.71 -17.36
N SER F 215 -14.18 -31.33 -17.67
CA SER F 215 -14.03 -32.15 -18.87
C SER F 215 -12.73 -32.96 -18.88
N TYR F 216 -12.71 -34.00 -19.70
CA TYR F 216 -11.46 -34.67 -20.05
C TYR F 216 -10.63 -33.76 -20.95
N SER F 217 -9.39 -34.17 -21.21
CA SER F 217 -8.51 -33.45 -22.12
C SER F 217 -9.13 -33.38 -23.52
N GLN F 218 -8.91 -32.24 -24.19
CA GLN F 218 -9.41 -32.02 -25.54
C GLN F 218 -8.54 -32.67 -26.61
N VAL F 219 -7.27 -32.92 -26.27
CA VAL F 219 -6.29 -33.44 -27.22
C VAL F 219 -6.40 -34.97 -27.37
N PRO F 220 -6.49 -35.46 -28.63
CA PRO F 220 -6.70 -36.88 -28.93
C PRO F 220 -5.60 -37.81 -28.41
N SER F 221 -5.97 -39.06 -28.18
CA SER F 221 -5.05 -40.08 -27.68
C SER F 221 -4.72 -41.11 -28.76
N LYS F 222 -3.47 -41.57 -28.76
CA LYS F 222 -3.03 -42.65 -29.64
C LYS F 222 -3.20 -44.01 -28.96
N LEU F 223 -3.52 -43.98 -27.67
CA LEU F 223 -3.60 -45.19 -26.84
C LEU F 223 -5.02 -45.48 -26.34
N GLY F 224 -6.00 -44.73 -26.84
CA GLY F 224 -7.41 -44.91 -26.47
C GLY F 224 -7.74 -44.46 -25.06
N HIS F 225 -6.88 -43.60 -24.49
CA HIS F 225 -7.02 -43.13 -23.13
C HIS F 225 -7.84 -41.84 -23.05
N ASN F 226 -8.53 -41.63 -21.93
CA ASN F 226 -9.28 -40.40 -21.69
C ASN F 226 -8.35 -39.21 -21.49
N MET G 1 19.18 -9.42 33.72
CA MET G 1 19.82 -8.19 33.18
C MET G 1 18.92 -7.42 32.20
N TYR G 2 17.69 -7.92 32.02
CA TYR G 2 16.72 -7.31 31.11
C TYR G 2 15.49 -6.81 31.86
N PRO G 3 14.96 -5.64 31.46
CA PRO G 3 13.75 -5.05 32.06
C PRO G 3 12.55 -6.00 32.06
N SER G 4 11.90 -6.13 33.21
CA SER G 4 10.67 -6.92 33.41
C SER G 4 10.85 -8.44 33.42
N ILE G 5 12.05 -8.92 33.15
CA ILE G 5 12.33 -10.36 33.09
C ILE G 5 12.98 -10.84 34.39
N LYS G 6 12.19 -11.52 35.22
CA LYS G 6 12.70 -12.12 36.47
C LYS G 6 13.45 -13.41 36.18
N GLU G 7 14.17 -13.93 37.18
CA GLU G 7 14.90 -15.18 37.05
C GLU G 7 13.99 -16.39 36.84
N THR G 8 12.72 -16.24 37.23
CA THR G 8 11.70 -17.26 36.97
C THR G 8 10.39 -16.61 36.52
N MET G 9 9.83 -17.11 35.42
CA MET G 9 8.59 -16.57 34.84
C MET G 9 7.56 -17.69 34.69
N ARG G 10 6.29 -17.30 34.69
CA ARG G 10 5.18 -18.24 34.51
C ARG G 10 4.54 -18.10 33.13
N VAL G 11 3.88 -19.16 32.66
CA VAL G 11 3.30 -19.19 31.31
C VAL G 11 1.82 -19.56 31.32
N GLN G 12 1.02 -18.75 30.65
CA GLN G 12 -0.39 -19.06 30.37
C GLN G 12 -0.61 -19.11 28.87
N LEU G 13 -1.06 -20.27 28.38
CA LEU G 13 -1.16 -20.50 26.95
C LEU G 13 -2.54 -21.01 26.53
N SER G 14 -3.02 -20.50 25.40
CA SER G 14 -4.22 -21.01 24.75
C SER G 14 -3.91 -21.35 23.30
N MET G 15 -4.41 -22.50 22.85
CA MET G 15 -4.25 -22.93 21.45
C MET G 15 -5.57 -23.43 20.89
N GLU G 16 -5.90 -22.98 19.69
CA GLU G 16 -7.03 -23.52 18.94
C GLU G 16 -6.67 -23.66 17.46
N GLY G 17 -7.19 -24.70 16.83
CA GLY G 17 -6.93 -24.93 15.41
C GLY G 17 -7.47 -26.26 14.90
N SER G 18 -6.87 -26.73 13.81
CA SER G 18 -7.28 -27.98 13.17
C SER G 18 -6.16 -28.57 12.32
N VAL G 19 -6.11 -29.91 12.30
CA VAL G 19 -5.19 -30.64 11.43
C VAL G 19 -5.97 -31.75 10.73
N ASN G 20 -5.92 -31.76 9.40
CA ASN G 20 -6.62 -32.76 8.57
C ASN G 20 -8.08 -32.96 8.98
N TYR G 21 -8.86 -31.88 8.87
CA TYR G 21 -10.31 -31.85 9.15
C TYR G 21 -10.70 -31.90 10.64
N HIS G 22 -9.73 -32.15 11.52
CA HIS G 22 -10.02 -32.31 12.95
C HIS G 22 -9.69 -31.07 13.77
N ALA G 23 -10.73 -30.44 14.31
CA ALA G 23 -10.59 -29.26 15.16
C ALA G 23 -10.31 -29.64 16.61
N PHE G 24 -9.53 -28.81 17.29
CA PHE G 24 -9.13 -29.06 18.67
C PHE G 24 -8.85 -27.76 19.42
N LYS G 25 -8.83 -27.85 20.76
CA LYS G 25 -8.40 -26.74 21.61
C LYS G 25 -7.49 -27.24 22.72
N CYS G 26 -6.49 -26.42 23.07
CA CYS G 26 -5.51 -26.76 24.10
C CYS G 26 -5.23 -25.57 25.01
N THR G 27 -5.01 -25.87 26.29
CA THR G 27 -4.55 -24.87 27.26
C THR G 27 -3.23 -25.33 27.87
N GLY G 28 -2.42 -24.37 28.32
CA GLY G 28 -1.11 -24.67 28.88
C GLY G 28 -0.74 -23.80 30.06
N LYS G 29 -0.31 -24.44 31.14
CA LYS G 29 0.20 -23.75 32.32
C LYS G 29 1.62 -24.24 32.56
N GLY G 30 2.55 -23.30 32.75
CA GLY G 30 3.94 -23.66 32.96
C GLY G 30 4.81 -22.61 33.59
N GLU G 31 6.11 -22.89 33.62
CA GLU G 31 7.12 -22.02 34.22
C GLU G 31 8.50 -22.33 33.64
N GLY G 32 9.47 -21.46 33.89
CA GLY G 32 10.85 -21.69 33.45
C GLY G 32 11.83 -20.64 33.92
N LYS G 33 13.10 -20.85 33.56
CA LYS G 33 14.17 -19.92 33.87
C LYS G 33 14.66 -19.28 32.57
N PRO G 34 14.26 -18.02 32.31
CA PRO G 34 14.55 -17.32 31.05
C PRO G 34 16.04 -17.17 30.74
N TYR G 35 16.83 -16.84 31.76
CA TYR G 35 18.27 -16.62 31.58
C TYR G 35 19.07 -17.91 31.49
N GLU G 36 18.51 -18.98 32.07
CA GLU G 36 19.12 -20.31 32.00
C GLU G 36 18.69 -21.05 30.72
N GLY G 37 17.60 -20.58 30.12
CA GLY G 37 17.11 -21.10 28.84
C GLY G 37 16.33 -22.40 28.96
N THR G 38 15.63 -22.57 30.07
CA THR G 38 14.85 -23.78 30.32
C THR G 38 13.39 -23.46 30.67
N GLN G 39 12.49 -24.36 30.29
CA GLN G 39 11.05 -24.16 30.50
C GLN G 39 10.28 -25.47 30.49
N SER G 40 9.16 -25.50 31.21
CA SER G 40 8.23 -26.62 31.21
C SER G 40 6.80 -26.12 31.02
N LEU G 41 5.99 -26.92 30.32
CA LEU G 41 4.59 -26.58 30.06
C LEU G 41 3.69 -27.79 30.25
N ASN G 42 2.70 -27.63 31.12
CA ASN G 42 1.69 -28.66 31.34
C ASN G 42 0.50 -28.43 30.43
N ILE G 43 0.33 -29.31 29.45
CA ILE G 43 -0.64 -29.13 28.39
C ILE G 43 -1.84 -30.05 28.56
N THR G 44 -3.04 -29.47 28.51
CA THR G 44 -4.28 -30.24 28.53
C THR G 44 -5.13 -29.95 27.30
N ILE G 45 -5.53 -31.02 26.61
CA ILE G 45 -6.39 -30.90 25.43
C ILE G 45 -7.85 -30.77 25.88
N THR G 46 -8.33 -29.52 25.90
CA THR G 46 -9.65 -29.21 26.43
C THR G 46 -10.79 -29.56 25.48
N GLU G 47 -10.51 -29.49 24.18
CA GLU G 47 -11.49 -29.86 23.15
C GLU G 47 -10.83 -30.71 22.06
N GLY G 48 -11.60 -31.65 21.53
CA GLY G 48 -11.11 -32.52 20.45
C GLY G 48 -10.67 -33.89 20.93
N GLY G 49 -11.04 -34.24 22.16
CA GLY G 49 -10.74 -35.55 22.76
C GLY G 49 -9.27 -35.93 22.69
N PRO G 50 -8.99 -37.23 22.48
CA PRO G 50 -7.65 -37.62 22.09
C PRO G 50 -7.43 -37.38 20.60
N LEU G 51 -6.38 -36.63 20.27
CA LEU G 51 -6.09 -36.24 18.89
C LEU G 51 -5.85 -37.45 17.99
N PRO G 52 -6.49 -37.48 16.80
CA PRO G 52 -6.30 -38.56 15.84
C PRO G 52 -4.97 -38.44 15.07
N PHE G 53 -4.23 -37.39 15.36
CA PHE G 53 -2.91 -37.17 14.77
C PHE G 53 -1.85 -37.05 15.86
N ALA G 54 -0.58 -37.20 15.47
CA ALA G 54 0.53 -37.12 16.39
C ALA G 54 0.60 -35.77 17.09
N PHE G 55 0.67 -35.81 18.43
CA PHE G 55 0.80 -34.60 19.24
C PHE G 55 2.09 -33.84 18.91
N ASP G 56 3.10 -34.58 18.46
CA ASP G 56 4.43 -34.03 18.13
C ASP G 56 4.40 -32.84 17.16
N ILE G 57 3.43 -32.82 16.24
CA ILE G 57 3.34 -31.75 15.24
C ILE G 57 2.84 -30.43 15.81
N LEU G 58 2.48 -30.43 17.09
CA LEU G 58 2.02 -29.23 17.79
C LEU G 58 3.08 -28.70 18.76
N SER G 59 4.08 -29.53 19.05
CA SER G 59 5.08 -29.25 20.08
C SER G 59 5.86 -27.95 19.85
N HIS G 60 6.21 -27.67 18.59
CA HIS G 60 6.93 -26.45 18.23
C HIS G 60 6.10 -25.19 18.49
N ALA G 61 4.78 -25.31 18.36
CA ALA G 61 3.88 -24.18 18.55
C ALA G 61 3.64 -23.90 20.03
N PHE G 62 3.74 -24.93 20.85
CA PHE G 62 3.67 -24.77 22.31
C PHE G 62 4.96 -24.11 22.85
N1 CRQ G 63 6.21 -24.55 22.43
CA1 CRQ G 63 7.39 -23.83 22.57
CB1 CRQ G 63 8.28 -24.16 23.78
CG1 CRQ G 63 7.86 -24.86 25.17
C1 CRQ G 63 8.24 -23.55 21.34
N2 CRQ G 63 9.26 -24.31 20.77
N3 CRQ G 63 8.16 -22.42 20.62
C2 CRQ G 63 9.01 -22.44 19.60
O2 CRQ G 63 9.15 -21.52 18.72
CA2 CRQ G 63 9.72 -23.61 19.69
CA3 CRQ G 63 7.23 -21.44 20.84
CB2 CRQ G 63 10.70 -23.91 18.80
CG2 CRQ G 63 11.48 -24.94 18.69
CD1 CRQ G 63 12.39 -24.92 17.62
CD2 CRQ G 63 11.48 -26.04 19.55
CE1 CRQ G 63 13.27 -25.97 17.40
CE2 CRQ G 63 12.39 -27.09 19.34
CZ CRQ G 63 13.28 -27.06 18.27
OH CRQ G 63 14.11 -28.04 18.08
OE1 CRQ G 63 8.57 -27.21 25.15
C3 CRQ G 63 7.67 -20.26 21.67
O3 CRQ G 63 6.85 -19.33 21.78
CD3 CRQ G 63 8.04 -26.22 25.81
NE1 CRQ G 63 7.72 -26.31 27.16
N ILE G 64 8.09 -20.41 22.93
CA ILE G 64 8.37 -19.22 23.80
C ILE G 64 9.88 -19.02 23.91
N LYS G 65 10.42 -18.24 22.97
CA LYS G 65 11.88 -18.07 22.85
C LYS G 65 12.48 -17.11 23.87
N VAL G 66 11.64 -16.63 24.79
CA VAL G 66 12.08 -15.84 25.94
C VAL G 66 12.99 -16.71 26.83
N PHE G 67 12.67 -18.00 26.88
CA PHE G 67 13.48 -18.97 27.61
C PHE G 67 14.62 -19.47 26.73
N ALA G 68 15.67 -18.66 26.63
CA ALA G 68 16.84 -18.96 25.82
C ALA G 68 18.09 -18.40 26.49
N LYS G 69 19.11 -19.24 26.64
CA LYS G 69 20.36 -18.81 27.25
C LYS G 69 21.20 -18.02 26.25
N TYR G 70 21.26 -16.70 26.47
CA TYR G 70 21.97 -15.79 25.58
C TYR G 70 23.28 -15.29 26.18
N PRO G 71 24.35 -15.23 25.37
CA PRO G 71 25.59 -14.62 25.81
C PRO G 71 25.48 -13.09 25.83
N LYS G 72 26.37 -12.45 26.58
CA LYS G 72 26.39 -11.00 26.75
C LYS G 72 26.48 -10.21 25.43
N GLU G 73 27.29 -10.71 24.50
CA GLU G 73 27.59 -10.00 23.25
C GLU G 73 26.52 -10.13 22.15
N ILE G 74 25.53 -10.99 22.35
CA ILE G 74 24.46 -11.15 21.37
C ILE G 74 23.12 -10.60 21.91
N PRO G 75 22.60 -9.53 21.26
CA PRO G 75 21.32 -8.93 21.63
C PRO G 75 20.20 -9.95 21.68
N ASP G 76 19.42 -9.92 22.77
CA ASP G 76 18.34 -10.86 23.00
C ASP G 76 17.01 -10.25 22.54
N PHE G 77 16.64 -10.54 21.29
CA PHE G 77 15.41 -10.01 20.69
C PHE G 77 14.16 -10.30 21.53
N PHE G 78 14.06 -11.53 22.03
CA PHE G 78 12.85 -12.02 22.67
C PHE G 78 12.62 -11.45 24.07
N LYS G 79 13.71 -11.27 24.83
CA LYS G 79 13.63 -10.65 26.16
C LYS G 79 13.40 -9.14 26.05
N GLN G 80 13.98 -8.53 25.02
CA GLN G 80 13.76 -7.11 24.72
C GLN G 80 12.32 -6.86 24.30
N SER G 81 11.74 -7.81 23.57
CA SER G 81 10.41 -7.65 22.96
C SER G 81 9.24 -8.05 23.84
N LEU G 82 9.50 -8.74 24.96
CA LEU G 82 8.44 -9.25 25.83
C LEU G 82 7.57 -8.16 26.47
N PRO G 83 8.17 -7.13 27.12
CA PRO G 83 7.36 -6.12 27.80
C PRO G 83 6.38 -5.39 26.88
N GLY G 84 6.85 -5.04 25.68
CA GLY G 84 5.99 -4.41 24.67
C GLY G 84 5.11 -5.41 23.95
N GLY G 85 5.55 -6.67 23.96
CA GLY G 85 4.83 -7.75 23.27
C GLY G 85 5.45 -8.06 21.93
N PHE G 86 5.38 -9.32 21.52
CA PHE G 86 5.81 -9.72 20.19
C PHE G 86 4.96 -10.87 19.63
N SER G 87 5.03 -11.06 18.32
CA SER G 87 4.29 -12.11 17.64
C SER G 87 5.18 -12.94 16.74
N TRP G 88 4.82 -14.19 16.53
CA TRP G 88 5.51 -15.04 15.55
C TRP G 88 4.56 -15.88 14.71
N GLU G 89 5.01 -16.22 13.50
CA GLU G 89 4.24 -17.03 12.56
C GLU G 89 5.15 -18.05 11.90
N ARG G 90 4.60 -19.21 11.55
CA ARG G 90 5.43 -20.33 11.07
C ARG G 90 4.76 -21.18 9.99
N VAL G 91 5.56 -21.58 9.00
CA VAL G 91 5.19 -22.64 8.07
C VAL G 91 6.09 -23.83 8.31
N SER G 92 5.49 -24.99 8.55
CA SER G 92 6.23 -26.24 8.69
C SER G 92 5.84 -27.20 7.57
N THR G 93 6.79 -27.45 6.67
CA THR G 93 6.56 -28.30 5.50
C THR G 93 7.24 -29.65 5.68
N TYR G 94 6.43 -30.70 5.80
CA TYR G 94 6.94 -32.06 5.99
C TYR G 94 7.31 -32.70 4.65
N GLU G 95 8.33 -33.54 4.66
CA GLU G 95 8.87 -34.14 3.42
C GLU G 95 7.87 -35.04 2.68
N ASP G 96 6.83 -35.48 3.38
CA ASP G 96 5.83 -36.38 2.82
C ASP G 96 4.50 -35.71 2.44
N GLY G 97 4.47 -34.38 2.46
CA GLY G 97 3.31 -33.63 1.96
C GLY G 97 2.65 -32.65 2.91
N GLY G 98 2.62 -32.98 4.19
CA GLY G 98 1.93 -32.18 5.21
C GLY G 98 2.49 -30.78 5.41
N VAL G 99 1.59 -29.83 5.65
CA VAL G 99 1.98 -28.43 5.92
C VAL G 99 1.23 -27.92 7.15
N LEU G 100 1.98 -27.46 8.15
CA LEU G 100 1.40 -26.91 9.36
C LEU G 100 1.67 -25.41 9.45
N SER G 101 0.61 -24.61 9.34
CA SER G 101 0.70 -23.16 9.48
C SER G 101 0.28 -22.74 10.89
N ALA G 102 0.99 -21.76 11.45
CA ALA G 102 0.72 -21.30 12.80
C ALA G 102 0.96 -19.80 12.97
N THR G 103 0.14 -19.17 13.80
CA THR G 103 0.34 -17.77 14.21
C THR G 103 0.21 -17.65 15.72
N GLN G 104 0.98 -16.74 16.32
CA GLN G 104 1.06 -16.63 17.76
C GLN G 104 1.23 -15.18 18.24
N GLU G 105 0.67 -14.89 19.42
CA GLU G 105 0.80 -13.58 20.05
C GLU G 105 1.29 -13.73 21.49
N THR G 106 2.40 -13.06 21.80
CA THR G 106 3.00 -13.11 23.14
C THR G 106 2.91 -11.75 23.82
N SER G 107 2.47 -11.76 25.09
CA SER G 107 2.40 -10.54 25.89
C SER G 107 2.76 -10.82 27.36
N LEU G 108 2.93 -9.76 28.13
CA LEU G 108 3.33 -9.88 29.54
C LEU G 108 2.37 -9.15 30.48
N GLN G 109 1.94 -9.86 31.53
CA GLN G 109 1.14 -9.29 32.61
C GLN G 109 1.72 -9.75 33.94
N GLY G 110 2.44 -8.86 34.61
CA GLY G 110 3.16 -9.19 35.84
C GLY G 110 4.34 -10.09 35.54
N ASP G 111 4.30 -11.31 36.09
CA ASP G 111 5.32 -12.31 35.81
C ASP G 111 4.79 -13.41 34.87
N CYS G 112 3.62 -13.17 34.29
CA CYS G 112 2.94 -14.15 33.45
C CYS G 112 3.13 -13.85 31.96
N ILE G 113 3.82 -14.75 31.27
CA ILE G 113 3.98 -14.69 29.82
C ILE G 113 2.77 -15.37 29.19
N ILE G 114 1.90 -14.58 28.57
CA ILE G 114 0.66 -15.13 28.00
C ILE G 114 0.78 -15.34 26.49
N CYS G 115 0.36 -16.51 26.03
CA CYS G 115 0.52 -16.94 24.64
C CYS G 115 -0.82 -17.34 24.03
N LYS G 116 -1.15 -16.73 22.89
CA LYS G 116 -2.34 -17.09 22.13
C LYS G 116 -1.91 -17.70 20.80
N VAL G 117 -2.21 -18.98 20.61
CA VAL G 117 -1.75 -19.73 19.43
C VAL G 117 -2.92 -20.16 18.54
N LYS G 118 -2.70 -20.09 17.23
CA LYS G 118 -3.67 -20.55 16.25
C LYS G 118 -2.95 -21.41 15.21
N VAL G 119 -3.50 -22.61 14.98
CA VAL G 119 -2.86 -23.61 14.11
C VAL G 119 -3.78 -24.05 12.97
N LEU G 120 -3.20 -24.32 11.80
CA LEU G 120 -3.95 -24.84 10.67
C LEU G 120 -3.07 -25.80 9.86
N GLY G 121 -3.33 -27.10 10.00
CA GLY G 121 -2.57 -28.12 9.29
C GLY G 121 -3.41 -28.86 8.26
N THR G 122 -2.86 -28.99 7.05
CA THR G 122 -3.55 -29.67 5.95
C THR G 122 -2.59 -30.57 5.15
N ASN G 123 -3.16 -31.36 4.26
CA ASN G 123 -2.42 -32.21 3.29
C ASN G 123 -1.44 -33.24 3.88
N PHE G 124 -1.62 -33.57 5.15
CA PHE G 124 -0.87 -34.67 5.76
C PHE G 124 -1.36 -35.99 5.16
N PRO G 125 -0.42 -36.89 4.79
CA PRO G 125 -0.81 -38.19 4.26
C PRO G 125 -1.68 -38.97 5.24
N ALA G 126 -2.88 -39.34 4.80
CA ALA G 126 -3.87 -40.04 5.64
C ALA G 126 -3.31 -41.32 6.27
N ASN G 127 -2.35 -41.94 5.60
CA ASN G 127 -1.73 -43.17 6.07
C ASN G 127 -0.27 -43.01 6.47
N GLY G 128 0.18 -41.75 6.53
CA GLY G 128 1.52 -41.42 6.97
C GLY G 128 1.67 -41.49 8.48
N PRO G 129 2.92 -41.43 8.98
CA PRO G 129 3.23 -41.58 10.41
C PRO G 129 2.57 -40.53 11.33
N VAL G 130 2.36 -39.32 10.81
CA VAL G 130 1.72 -38.25 11.59
C VAL G 130 0.24 -38.59 11.85
N MET G 131 -0.48 -38.95 10.79
CA MET G 131 -1.91 -39.24 10.90
C MET G 131 -2.21 -40.62 11.50
N GLN G 132 -1.21 -41.49 11.50
CA GLN G 132 -1.33 -42.83 12.09
C GLN G 132 -0.69 -42.91 13.47
N LYS G 133 -0.21 -41.76 13.96
CA LYS G 133 0.40 -41.61 15.29
C LYS G 133 1.56 -42.56 15.56
N LYS G 134 2.54 -42.57 14.67
CA LYS G 134 3.71 -43.44 14.82
C LYS G 134 5.00 -42.62 14.92
N THR G 135 4.94 -41.53 15.68
CA THR G 135 6.09 -40.66 15.92
C THR G 135 6.53 -40.75 17.38
N CYS G 136 7.82 -40.52 17.63
CA CYS G 136 8.42 -40.74 18.94
C CYS G 136 9.18 -39.53 19.48
N GLY G 137 8.63 -38.34 19.25
CA GLY G 137 9.25 -37.10 19.70
C GLY G 137 10.28 -36.57 18.71
N TRP G 138 10.65 -35.31 18.88
CA TRP G 138 11.62 -34.65 18.01
C TRP G 138 13.05 -34.86 18.47
N GLU G 139 13.97 -34.89 17.52
CA GLU G 139 15.40 -34.85 17.80
C GLU G 139 15.77 -33.44 18.26
N PRO G 140 16.94 -33.28 18.90
CA PRO G 140 17.44 -31.91 19.07
C PRO G 140 17.75 -31.28 17.71
N SER G 141 17.81 -29.96 17.65
CA SER G 141 18.06 -29.26 16.40
C SER G 141 18.82 -27.96 16.58
N THR G 142 19.23 -27.36 15.47
CA THR G 142 19.82 -26.03 15.48
C THR G 142 19.09 -25.11 14.52
N GLU G 143 18.62 -23.98 15.04
CA GLU G 143 17.89 -22.98 14.26
C GLU G 143 18.81 -21.82 13.91
N THR G 144 18.64 -21.28 12.71
CA THR G 144 19.42 -20.13 12.26
C THR G 144 18.62 -18.85 12.45
N VAL G 145 19.14 -17.95 13.28
CA VAL G 145 18.50 -16.66 13.56
C VAL G 145 19.03 -15.61 12.58
N ILE G 146 18.13 -15.10 11.74
CA ILE G 146 18.50 -14.11 10.72
C ILE G 146 17.75 -12.80 10.95
N PRO G 147 18.48 -11.69 11.13
CA PRO G 147 17.84 -10.38 11.19
C PRO G 147 17.27 -10.00 9.82
N ARG G 148 16.00 -9.59 9.79
CA ARG G 148 15.34 -9.20 8.54
C ARG G 148 14.25 -8.15 8.75
N ASP G 149 14.47 -6.99 8.12
CA ASP G 149 13.59 -5.80 8.21
C ASP G 149 12.86 -5.58 9.54
N GLY G 150 13.61 -5.14 10.54
CA GLY G 150 13.06 -4.78 11.84
C GLY G 150 12.69 -5.95 12.73
N GLY G 151 12.76 -7.17 12.18
CA GLY G 151 12.40 -8.38 12.91
C GLY G 151 13.38 -9.51 12.68
N LEU G 152 12.87 -10.73 12.83
CA LEU G 152 13.69 -11.94 12.73
C LEU G 152 13.10 -12.96 11.77
N LEU G 153 13.98 -13.71 11.11
CA LEU G 153 13.60 -14.87 10.32
C LEU G 153 14.40 -16.06 10.86
N LEU G 154 13.69 -17.05 11.40
CA LEU G 154 14.35 -18.26 11.89
C LEU G 154 14.07 -19.45 10.97
N ARG G 155 15.14 -20.13 10.59
CA ARG G 155 15.06 -21.28 9.70
C ARG G 155 15.66 -22.53 10.33
N ASP G 156 14.97 -23.66 10.15
CA ASP G 156 15.36 -24.92 10.76
C ASP G 156 14.95 -26.09 9.89
N THR G 157 15.65 -27.21 10.05
CA THR G 157 15.24 -28.48 9.45
C THR G 157 15.18 -29.59 10.51
N PRO G 158 14.18 -29.53 11.41
CA PRO G 158 14.10 -30.51 12.49
C PRO G 158 13.74 -31.91 12.00
N ALA G 159 14.20 -32.92 12.73
CA ALA G 159 13.93 -34.31 12.38
C ALA G 159 13.07 -35.00 13.44
N LEU G 160 11.95 -35.55 13.00
CA LEU G 160 11.01 -36.23 13.89
C LEU G 160 11.26 -37.73 13.89
N MET G 161 11.50 -38.29 15.07
CA MET G 161 11.76 -39.72 15.24
C MET G 161 10.50 -40.54 15.00
N LEU G 162 10.66 -41.64 14.26
CA LEU G 162 9.54 -42.51 13.91
C LEU G 162 9.58 -43.83 14.67
N ALA G 163 8.42 -44.50 14.73
CA ALA G 163 8.27 -45.78 15.43
C ALA G 163 9.07 -46.92 14.77
N ASP G 164 9.22 -46.84 13.45
CA ASP G 164 9.96 -47.87 12.70
C ASP G 164 11.48 -47.76 12.85
N GLY G 165 11.93 -46.70 13.50
CA GLY G 165 13.36 -46.48 13.73
C GLY G 165 13.98 -45.46 12.79
N GLY G 166 13.16 -44.90 11.91
CA GLY G 166 13.62 -43.89 10.95
C GLY G 166 13.30 -42.48 11.38
N HIS G 167 13.34 -41.56 10.42
CA HIS G 167 13.04 -40.15 10.66
C HIS G 167 12.10 -39.55 9.63
N LEU G 168 11.30 -38.58 10.06
CA LEU G 168 10.51 -37.75 9.18
C LEU G 168 10.93 -36.31 9.38
N SER G 169 11.54 -35.73 8.36
CA SER G 169 12.06 -34.36 8.46
C SER G 169 11.08 -33.33 7.91
N CYS G 170 11.15 -32.12 8.45
CA CYS G 170 10.37 -30.99 7.94
C CYS G 170 11.23 -29.74 7.90
N PHE G 171 10.83 -28.78 7.08
CA PHE G 171 11.47 -27.46 7.04
C PHE G 171 10.62 -26.47 7.81
N MET G 172 11.27 -25.67 8.67
CA MET G 172 10.57 -24.67 9.47
C MET G 172 11.00 -23.25 9.09
N GLU G 173 10.03 -22.42 8.75
CA GLU G 173 10.27 -20.99 8.50
C GLU G 173 9.38 -20.16 9.40
N THR G 174 9.99 -19.45 10.34
CA THR G 174 9.24 -18.64 11.30
C THR G 174 9.69 -17.17 11.34
N THR G 175 8.70 -16.28 11.33
CA THR G 175 8.95 -14.84 11.36
C THR G 175 8.60 -14.26 12.73
N TYR G 176 9.35 -13.25 13.15
CA TYR G 176 9.12 -12.59 14.44
C TYR G 176 8.97 -11.08 14.27
N LYS G 177 7.89 -10.51 14.84
CA LYS G 177 7.66 -9.06 14.81
C LYS G 177 7.40 -8.52 16.21
N SER G 178 8.18 -7.51 16.57
CA SER G 178 8.09 -6.86 17.87
C SER G 178 7.13 -5.67 17.79
N LYS G 179 6.43 -5.40 18.89
CA LYS G 179 5.56 -4.23 18.98
C LYS G 179 6.41 -2.95 19.06
N LYS G 180 7.34 -2.93 20.00
CA LYS G 180 8.27 -1.81 20.16
C LYS G 180 9.50 -2.05 19.30
N GLU G 181 10.23 -0.98 19.00
CA GLU G 181 11.50 -1.11 18.26
C GLU G 181 12.58 -1.67 19.18
N VAL G 182 13.30 -2.67 18.66
CA VAL G 182 14.25 -3.45 19.44
C VAL G 182 15.60 -3.52 18.72
N LYS G 183 16.68 -3.55 19.50
CA LYS G 183 18.03 -3.67 18.94
C LYS G 183 18.26 -5.09 18.40
N LEU G 184 18.41 -5.16 17.08
CA LEU G 184 18.56 -6.43 16.36
C LEU G 184 19.94 -7.07 16.53
N PRO G 185 19.99 -8.41 16.67
CA PRO G 185 21.27 -9.11 16.69
C PRO G 185 21.81 -9.37 15.28
N GLU G 186 23.10 -9.67 15.18
CA GLU G 186 23.67 -10.23 13.96
C GLU G 186 23.28 -11.69 13.86
N LEU G 187 23.49 -12.31 12.69
CA LEU G 187 23.14 -13.70 12.47
C LEU G 187 23.82 -14.63 13.48
N HIS G 188 23.04 -15.54 14.05
CA HIS G 188 23.55 -16.53 15.00
C HIS G 188 22.63 -17.75 15.06
N PHE G 189 22.82 -18.59 16.07
CA PHE G 189 22.15 -19.89 16.13
C PHE G 189 21.46 -20.16 17.45
N HIS G 190 20.38 -20.95 17.38
CA HIS G 190 19.69 -21.49 18.54
C HIS G 190 19.91 -23.00 18.55
N HIS G 191 20.42 -23.52 19.67
CA HIS G 191 20.57 -24.96 19.85
C HIS G 191 19.49 -25.46 20.82
N LEU G 192 18.55 -26.22 20.28
CA LEU G 192 17.33 -26.58 21.02
C LEU G 192 17.23 -28.08 21.31
N ARG G 193 16.54 -28.40 22.40
CA ARG G 193 16.10 -29.77 22.67
C ARG G 193 14.76 -29.75 23.38
N MET G 194 13.74 -30.25 22.69
CA MET G 194 12.35 -30.19 23.15
C MET G 194 11.81 -31.60 23.31
N GLU G 195 11.39 -31.95 24.52
CA GLU G 195 11.04 -33.32 24.88
C GLU G 195 9.72 -33.44 25.64
N LYS G 196 8.99 -34.53 25.38
CA LYS G 196 7.82 -34.90 26.16
C LYS G 196 8.28 -35.73 27.35
N LEU G 197 7.89 -35.31 28.55
CA LEU G 197 8.34 -35.98 29.78
C LEU G 197 7.30 -36.95 30.33
N ASN G 198 6.04 -36.53 30.36
CA ASN G 198 4.95 -37.35 30.86
C ASN G 198 3.67 -37.19 30.05
N ILE G 199 3.05 -38.33 29.73
CA ILE G 199 1.78 -38.35 29.01
C ILE G 199 0.78 -39.25 29.73
N SER G 200 -0.44 -38.76 29.89
CA SER G 200 -1.53 -39.54 30.50
C SER G 200 -2.01 -40.66 29.56
N ASP G 201 -2.74 -41.63 30.11
CA ASP G 201 -3.27 -42.75 29.33
C ASP G 201 -4.36 -42.35 28.35
N ASP G 202 -5.13 -41.31 28.69
CA ASP G 202 -6.20 -40.83 27.82
C ASP G 202 -5.73 -39.86 26.73
N TRP G 203 -4.42 -39.56 26.74
CA TRP G 203 -3.79 -38.61 25.81
C TRP G 203 -4.33 -37.18 25.92
N LYS G 204 -4.75 -36.80 27.13
CA LYS G 204 -5.28 -35.46 27.37
C LYS G 204 -4.25 -34.51 27.97
N THR G 205 -3.39 -35.04 28.84
CA THR G 205 -2.38 -34.22 29.52
C THR G 205 -0.96 -34.62 29.12
N VAL G 206 -0.21 -33.64 28.61
CA VAL G 206 1.18 -33.86 28.21
C VAL G 206 2.09 -32.81 28.86
N GLU G 207 3.18 -33.27 29.47
CA GLU G 207 4.20 -32.39 30.03
C GLU G 207 5.37 -32.26 29.05
N GLN G 208 5.69 -31.03 28.69
CA GLN G 208 6.72 -30.75 27.69
C GLN G 208 7.82 -29.86 28.26
N HIS G 209 9.07 -30.24 27.99
CA HIS G 209 10.24 -29.49 28.44
C HIS G 209 11.11 -29.05 27.27
N GLU G 210 11.73 -27.88 27.40
CA GLU G 210 12.63 -27.37 26.37
C GLU G 210 13.85 -26.67 26.97
N SER G 211 15.01 -26.92 26.38
CA SER G 211 16.24 -26.21 26.71
C SER G 211 16.81 -25.55 25.46
N VAL G 212 17.20 -24.28 25.58
CA VAL G 212 17.69 -23.50 24.45
C VAL G 212 18.97 -22.75 24.79
N VAL G 213 19.98 -22.90 23.94
CA VAL G 213 21.24 -22.15 24.07
C VAL G 213 21.52 -21.40 22.76
N ALA G 214 21.63 -20.08 22.86
CA ALA G 214 21.97 -19.24 21.71
C ALA G 214 23.46 -18.97 21.67
N SER G 215 24.04 -18.98 20.47
CA SER G 215 25.48 -18.79 20.29
C SER G 215 25.84 -18.54 18.83
N TYR G 216 26.98 -17.88 18.62
CA TYR G 216 27.61 -17.85 17.30
C TYR G 216 28.17 -19.23 16.98
N SER G 217 28.69 -19.39 15.78
CA SER G 217 29.30 -20.64 15.36
C SER G 217 30.55 -20.98 16.17
N GLN G 218 30.69 -22.26 16.49
CA GLN G 218 31.83 -22.76 17.28
C GLN G 218 33.12 -22.85 16.45
N VAL G 219 32.97 -22.91 15.14
CA VAL G 219 34.10 -23.11 14.23
C VAL G 219 34.84 -21.79 13.94
N PRO G 220 36.19 -21.80 14.10
CA PRO G 220 37.05 -20.64 13.85
C PRO G 220 36.92 -20.06 12.45
N SER G 221 37.15 -18.76 12.34
CA SER G 221 37.09 -18.04 11.07
C SER G 221 38.48 -17.57 10.65
N LYS G 222 38.71 -17.55 9.34
CA LYS G 222 39.96 -17.03 8.79
C LYS G 222 39.78 -15.62 8.23
N LEU G 223 38.53 -15.16 8.22
CA LEU G 223 38.17 -13.83 7.74
C LEU G 223 37.83 -12.86 8.88
N GLY G 224 37.84 -13.37 10.10
CA GLY G 224 37.54 -12.57 11.29
C GLY G 224 36.06 -12.29 11.47
N HIS G 225 35.22 -13.15 10.91
CA HIS G 225 33.77 -13.05 11.07
C HIS G 225 33.30 -13.86 12.28
N ASN G 226 32.16 -13.49 12.83
CA ASN G 226 31.55 -14.21 13.95
C ASN G 226 31.01 -15.58 13.54
N TYR H 2 41.18 -44.81 10.67
CA TYR H 2 40.60 -45.45 9.45
C TYR H 2 41.68 -45.71 8.39
N PRO H 3 41.66 -46.93 7.79
CA PRO H 3 42.69 -47.37 6.84
C PRO H 3 42.84 -46.47 5.61
N SER H 4 44.09 -46.28 5.19
CA SER H 4 44.47 -45.49 4.01
C SER H 4 44.20 -43.97 4.09
N ILE H 5 43.96 -43.48 5.31
CA ILE H 5 43.73 -42.05 5.53
C ILE H 5 44.83 -41.44 6.40
N LYS H 6 45.71 -40.66 5.76
CA LYS H 6 46.82 -40.03 6.45
C LYS H 6 46.42 -38.69 7.10
N GLU H 7 47.31 -38.17 7.94
CA GLU H 7 47.19 -36.84 8.57
C GLU H 7 46.90 -35.75 7.55
N THR H 8 47.60 -35.80 6.42
CA THR H 8 47.42 -34.83 5.34
C THR H 8 47.16 -35.57 4.03
N MET H 9 46.08 -35.19 3.35
CA MET H 9 45.69 -35.82 2.09
C MET H 9 45.51 -34.78 1.00
N ARG H 10 45.78 -35.17 -0.24
CA ARG H 10 45.69 -34.27 -1.40
C ARG H 10 44.34 -34.39 -2.10
N VAL H 11 43.98 -33.34 -2.86
CA VAL H 11 42.69 -33.28 -3.54
C VAL H 11 42.84 -32.90 -5.01
N GLN H 12 42.19 -33.66 -5.88
CA GLN H 12 42.07 -33.33 -7.30
C GLN H 12 40.59 -33.33 -7.68
N LEU H 13 40.12 -32.21 -8.20
CA LEU H 13 38.69 -32.04 -8.50
C LEU H 13 38.45 -31.57 -9.94
N SER H 14 37.39 -32.11 -10.55
CA SER H 14 36.92 -31.63 -11.84
C SER H 14 35.41 -31.36 -11.76
N MET H 15 35.01 -30.19 -12.22
CA MET H 15 33.60 -29.81 -12.26
C MET H 15 33.19 -29.39 -13.67
N GLU H 16 32.03 -29.87 -14.10
CA GLU H 16 31.40 -29.42 -15.33
C GLU H 16 29.92 -29.16 -15.05
N GLY H 17 29.30 -28.30 -15.85
CA GLY H 17 27.88 -28.03 -15.69
C GLY H 17 27.42 -26.72 -16.28
N SER H 18 26.23 -26.30 -15.87
CA SER H 18 25.62 -25.08 -16.37
C SER H 18 24.63 -24.48 -15.37
N VAL H 19 24.59 -23.15 -15.31
CA VAL H 19 23.62 -22.42 -14.51
C VAL H 19 23.01 -21.32 -15.38
N ASN H 20 21.68 -21.29 -15.44
CA ASN H 20 20.95 -20.31 -16.25
C ASN H 20 21.50 -20.17 -17.68
N TYR H 21 21.46 -21.29 -18.40
CA TYR H 21 21.89 -21.39 -19.82
C TYR H 21 23.41 -21.32 -20.04
N HIS H 22 24.17 -21.14 -18.97
CA HIS H 22 25.61 -20.89 -19.11
C HIS H 22 26.49 -22.08 -18.73
N ALA H 23 27.11 -22.68 -19.74
CA ALA H 23 28.00 -23.83 -19.56
C ALA H 23 29.39 -23.40 -19.09
N PHE H 24 29.95 -24.18 -18.16
CA PHE H 24 31.26 -23.90 -17.60
C PHE H 24 31.98 -25.17 -17.15
N LYS H 25 33.30 -25.05 -16.97
CA LYS H 25 34.10 -26.10 -16.37
C LYS H 25 35.07 -25.52 -15.36
N CYS H 26 35.32 -26.27 -14.28
CA CYS H 26 36.26 -25.88 -13.24
C CYS H 26 37.13 -27.06 -12.85
N THR H 27 38.37 -26.77 -12.45
CA THR H 27 39.24 -27.78 -11.86
C THR H 27 39.73 -27.32 -10.50
N GLY H 28 40.00 -28.27 -9.62
CA GLY H 28 40.42 -27.97 -8.25
C GLY H 28 41.65 -28.74 -7.84
N LYS H 29 42.58 -28.04 -7.21
CA LYS H 29 43.79 -28.64 -6.67
C LYS H 29 43.97 -28.13 -5.25
N GLY H 30 44.05 -29.06 -4.29
CA GLY H 30 44.16 -28.69 -2.89
C GLY H 30 44.66 -29.77 -1.97
N GLU H 31 44.58 -29.49 -0.67
CA GLU H 31 45.02 -30.42 0.38
C GLU H 31 44.26 -30.13 1.67
N GLY H 32 44.28 -31.08 2.59
CA GLY H 32 43.62 -30.91 3.88
C GLY H 32 43.99 -31.92 4.93
N LYS H 33 43.55 -31.66 6.15
CA LYS H 33 43.78 -32.55 7.28
C LYS H 33 42.46 -33.19 7.71
N PRO H 34 42.24 -34.46 7.30
CA PRO H 34 40.96 -35.17 7.49
C PRO H 34 40.52 -35.29 8.95
N TYR H 35 41.47 -35.50 9.86
CA TYR H 35 41.14 -35.70 11.27
C TYR H 35 41.01 -34.39 12.03
N GLU H 36 41.73 -33.36 11.58
CA GLU H 36 41.59 -32.02 12.12
C GLU H 36 40.35 -31.32 11.55
N GLY H 37 39.84 -31.85 10.44
CA GLY H 37 38.61 -31.37 9.81
C GLY H 37 38.77 -30.11 9.00
N THR H 38 39.94 -29.94 8.40
CA THR H 38 40.29 -28.72 7.69
C THR H 38 40.75 -29.03 6.25
N GLN H 39 40.43 -28.15 5.31
CA GLN H 39 40.81 -28.31 3.91
C GLN H 39 40.92 -26.98 3.15
N SER H 40 41.83 -26.95 2.18
CA SER H 40 41.97 -25.81 1.27
C SER H 40 41.89 -26.29 -0.17
N LEU H 41 41.19 -25.52 -1.02
CA LEU H 41 41.07 -25.86 -2.43
C LEU H 41 41.32 -24.64 -3.30
N ASN H 42 42.26 -24.77 -4.23
CA ASN H 42 42.54 -23.74 -5.22
C ASN H 42 41.77 -24.06 -6.50
N ILE H 43 40.73 -23.27 -6.75
CA ILE H 43 39.81 -23.51 -7.85
C ILE H 43 40.12 -22.59 -9.02
N THR H 44 40.34 -23.18 -10.19
CA THR H 44 40.51 -22.42 -11.42
C THR H 44 39.32 -22.64 -12.37
N ILE H 45 38.73 -21.54 -12.83
CA ILE H 45 37.66 -21.58 -13.82
C ILE H 45 38.29 -21.76 -15.20
N THR H 46 38.13 -22.95 -15.77
CA THR H 46 38.85 -23.32 -16.99
C THR H 46 38.06 -23.10 -18.29
N GLU H 47 36.74 -23.18 -18.21
CA GLU H 47 35.86 -22.91 -19.34
C GLU H 47 34.65 -22.09 -18.90
N GLY H 48 34.11 -21.30 -19.83
CA GLY H 48 32.93 -20.46 -19.56
C GLY H 48 33.30 -19.04 -19.18
N GLY H 49 34.48 -18.60 -19.61
CA GLY H 49 34.97 -17.23 -19.41
C GLY H 49 34.60 -16.60 -18.07
N PRO H 50 34.13 -15.34 -18.10
CA PRO H 50 33.52 -14.75 -16.92
C PRO H 50 32.14 -15.36 -16.64
N LEU H 51 31.96 -15.90 -15.44
CA LEU H 51 30.69 -16.48 -15.02
C LEU H 51 29.65 -15.38 -14.79
N PRO H 52 28.46 -15.53 -15.38
CA PRO H 52 27.40 -14.54 -15.24
C PRO H 52 26.65 -14.66 -13.91
N PHE H 53 26.95 -15.73 -13.16
CA PHE H 53 26.34 -15.98 -11.86
C PHE H 53 27.39 -15.94 -10.76
N ALA H 54 26.92 -15.72 -9.53
CA ALA H 54 27.80 -15.68 -8.36
C ALA H 54 28.50 -17.01 -8.14
N PHE H 55 29.83 -16.95 -7.98
CA PHE H 55 30.64 -18.14 -7.72
C PHE H 55 30.19 -18.87 -6.46
N ASP H 56 29.63 -18.11 -5.51
CA ASP H 56 29.17 -18.63 -4.22
C ASP H 56 28.23 -19.83 -4.31
N ILE H 57 27.43 -19.91 -5.38
CA ILE H 57 26.45 -20.99 -5.54
C ILE H 57 27.10 -22.32 -5.94
N LEU H 58 28.40 -22.29 -6.22
CA LEU H 58 29.16 -23.48 -6.58
C LEU H 58 29.97 -24.03 -5.40
N SER H 59 30.14 -23.19 -4.38
CA SER H 59 31.04 -23.46 -3.25
C SER H 59 30.74 -24.76 -2.48
N HIS H 60 29.46 -25.05 -2.25
CA HIS H 60 29.08 -26.28 -1.56
C HIS H 60 29.42 -27.53 -2.37
N ALA H 61 29.42 -27.40 -3.69
CA ALA H 61 29.74 -28.53 -4.57
C ALA H 61 31.24 -28.80 -4.65
N PHE H 62 32.04 -27.76 -4.38
CA PHE H 62 33.49 -27.92 -4.28
C PHE H 62 33.88 -28.52 -2.94
N1 CRQ H 63 33.37 -28.01 -1.81
CA1 CRQ H 63 33.51 -28.66 -0.65
CB1 CRQ H 63 34.39 -27.92 0.31
CG1 CRQ H 63 35.65 -27.18 -0.09
C1 CRQ H 63 32.21 -28.96 0.01
N2 CRQ H 63 31.51 -28.24 0.95
N3 CRQ H 63 31.57 -30.11 -0.20
C2 CRQ H 63 30.45 -30.16 0.50
O2 CRQ H 63 29.55 -31.08 0.53
CA2 CRQ H 63 30.40 -28.99 1.24
CA3 CRQ H 63 32.05 -30.99 -1.14
CB2 CRQ H 63 29.38 -28.74 2.08
CG2 CRQ H 63 29.11 -27.76 2.87
CD1 CRQ H 63 27.92 -27.87 3.60
CD2 CRQ H 63 29.89 -26.61 3.03
CE1 CRQ H 63 27.51 -26.86 4.47
CE2 CRQ H 63 29.49 -25.60 3.92
CZ CRQ H 63 28.30 -25.73 4.64
OH CRQ H 63 27.93 -24.79 5.46
OE1 CRQ H 63 35.98 -25.04 0.94
C3 CRQ H 63 31.89 -32.48 -0.88
O3 CRQ H 63 32.37 -33.28 -1.77
CD3 CRQ H 63 36.53 -26.12 0.55
NE1 CRQ H 63 37.82 -26.12 0.13
N ILE H 64 34.00 -31.95 0.55
CA ILE H 64 34.62 -33.29 0.71
C ILE H 64 34.55 -33.58 2.20
N LYS H 65 33.53 -34.38 2.57
CA LYS H 65 33.21 -34.61 3.98
C LYS H 65 34.21 -35.52 4.70
N VAL H 66 35.19 -36.02 3.94
CA VAL H 66 36.34 -36.74 4.49
C VAL H 66 37.07 -35.85 5.49
N PHE H 67 37.10 -34.55 5.20
CA PHE H 67 37.69 -33.54 6.07
C PHE H 67 36.67 -33.06 7.09
N ALA H 68 36.50 -33.84 8.15
CA ALA H 68 35.57 -33.54 9.24
C ALA H 68 36.12 -34.11 10.54
N LYS H 69 36.17 -33.28 11.58
CA LYS H 69 36.66 -33.68 12.90
C LYS H 69 35.59 -34.52 13.61
N TYR H 70 35.82 -35.82 13.67
CA TYR H 70 34.87 -36.76 14.27
C TYR H 70 35.29 -37.25 15.65
N PRO H 71 34.33 -37.28 16.60
CA PRO H 71 34.59 -37.83 17.93
C PRO H 71 34.54 -39.35 17.93
N LYS H 72 35.18 -39.96 18.91
CA LYS H 72 35.31 -41.42 19.00
C LYS H 72 33.96 -42.16 18.98
N GLU H 73 32.97 -41.60 19.68
CA GLU H 73 31.67 -42.25 19.85
C GLU H 73 30.75 -42.24 18.62
N ILE H 74 31.11 -41.45 17.61
CA ILE H 74 30.33 -41.41 16.37
C ILE H 74 31.11 -42.01 15.19
N PRO H 75 30.54 -43.03 14.53
CA PRO H 75 31.12 -43.63 13.32
C PRO H 75 31.25 -42.62 12.18
N ASP H 76 32.38 -42.68 11.48
CA ASP H 76 32.68 -41.75 10.40
C ASP H 76 32.38 -42.40 9.05
N PHE H 77 31.19 -42.13 8.52
CA PHE H 77 30.74 -42.69 7.25
C PHE H 77 31.71 -42.39 6.09
N PHE H 78 32.18 -41.15 6.04
CA PHE H 78 32.98 -40.66 4.91
C PHE H 78 34.38 -41.25 4.86
N LYS H 79 35.00 -41.43 6.02
CA LYS H 79 36.32 -42.06 6.10
C LYS H 79 36.27 -43.57 5.88
N GLN H 80 35.16 -44.19 6.29
CA GLN H 80 34.92 -45.61 6.04
C GLN H 80 34.72 -45.88 4.56
N SER H 81 34.02 -44.96 3.88
CA SER H 81 33.58 -45.15 2.50
C SER H 81 34.63 -44.74 1.47
N LEU H 82 35.64 -43.98 1.90
CA LEU H 82 36.64 -43.40 1.00
C LEU H 82 37.48 -44.42 0.20
N PRO H 83 38.04 -45.45 0.86
CA PRO H 83 38.84 -46.43 0.11
C PRO H 83 38.07 -47.15 -0.99
N GLY H 84 36.84 -47.57 -0.71
CA GLY H 84 36.00 -48.23 -1.70
C GLY H 84 35.36 -47.26 -2.67
N GLY H 85 35.21 -46.02 -2.23
CA GLY H 85 34.57 -44.98 -3.03
C GLY H 85 33.14 -44.70 -2.57
N PHE H 86 32.76 -43.44 -2.59
CA PHE H 86 31.37 -43.04 -2.32
C PHE H 86 30.92 -41.90 -3.22
N SER H 87 29.62 -41.65 -3.26
CA SER H 87 29.04 -40.61 -4.09
C SER H 87 28.01 -39.80 -3.32
N TRP H 88 27.80 -38.55 -3.73
CA TRP H 88 26.73 -37.73 -3.16
C TRP H 88 25.96 -36.95 -4.21
N GLU H 89 24.71 -36.63 -3.88
CA GLU H 89 23.83 -35.85 -4.75
C GLU H 89 23.07 -34.81 -3.92
N ARG H 90 22.78 -33.66 -4.53
CA ARG H 90 22.22 -32.54 -3.77
C ARG H 90 21.23 -31.69 -4.57
N VAL H 91 20.16 -31.28 -3.88
CA VAL H 91 19.26 -30.23 -4.38
C VAL H 91 19.35 -29.03 -3.45
N SER H 92 19.74 -27.89 -3.99
CA SER H 92 19.77 -26.65 -3.24
C SER H 92 18.69 -25.71 -3.78
N THR H 93 17.69 -25.42 -2.94
CA THR H 93 16.54 -24.63 -3.34
C THR H 93 16.54 -23.26 -2.66
N TYR H 94 16.76 -22.22 -3.45
CA TYR H 94 16.85 -20.85 -2.94
C TYR H 94 15.46 -20.23 -2.75
N GLU H 95 15.33 -19.41 -1.72
CA GLU H 95 14.04 -18.81 -1.34
C GLU H 95 13.37 -17.96 -2.43
N ASP H 96 14.17 -17.51 -3.39
CA ASP H 96 13.65 -16.66 -4.48
C ASP H 96 13.47 -17.38 -5.83
N GLY H 97 13.59 -18.71 -5.82
CA GLY H 97 13.25 -19.52 -7.00
C GLY H 97 14.32 -20.39 -7.60
N GLY H 98 15.59 -20.01 -7.43
CA GLY H 98 16.71 -20.75 -8.02
C GLY H 98 16.88 -22.15 -7.44
N VAL H 99 17.16 -23.11 -8.33
CA VAL H 99 17.41 -24.49 -7.92
C VAL H 99 18.72 -25.02 -8.53
N LEU H 100 19.65 -25.42 -7.67
CA LEU H 100 20.92 -25.98 -8.10
C LEU H 100 20.99 -27.48 -7.78
N SER H 101 21.05 -28.29 -8.83
CA SER H 101 21.18 -29.74 -8.69
C SER H 101 22.64 -30.17 -8.92
N ALA H 102 23.09 -31.14 -8.13
CA ALA H 102 24.47 -31.61 -8.22
C ALA H 102 24.59 -33.11 -7.97
N THR H 103 25.57 -33.73 -8.62
CA THR H 103 25.98 -35.10 -8.33
C THR H 103 27.50 -35.20 -8.35
N GLN H 104 28.06 -36.06 -7.50
CA GLN H 104 29.50 -36.11 -7.30
C GLN H 104 29.97 -37.53 -7.00
N GLU H 105 31.14 -37.88 -7.54
CA GLU H 105 31.79 -39.15 -7.25
C GLU H 105 33.12 -38.89 -6.54
N THR H 106 33.38 -39.64 -5.48
CA THR H 106 34.61 -39.51 -4.73
C THR H 106 35.36 -40.85 -4.71
N SER H 107 36.64 -40.80 -5.09
CA SER H 107 37.50 -41.99 -5.07
C SER H 107 38.89 -41.66 -4.55
N LEU H 108 39.67 -42.71 -4.25
CA LEU H 108 41.03 -42.54 -3.74
C LEU H 108 42.06 -43.23 -4.63
N GLN H 109 43.13 -42.50 -4.94
CA GLN H 109 44.30 -43.04 -5.63
C GLN H 109 45.54 -42.60 -4.87
N GLY H 110 46.12 -43.52 -4.11
CA GLY H 110 47.24 -43.20 -3.21
C GLY H 110 46.75 -42.34 -2.06
N ASP H 111 47.27 -41.12 -1.97
CA ASP H 111 46.80 -40.15 -0.99
C ASP H 111 46.01 -39.01 -1.66
N CYS H 112 45.61 -39.24 -2.91
CA CYS H 112 44.91 -38.24 -3.70
C CYS H 112 43.41 -38.54 -3.79
N ILE H 113 42.61 -37.68 -3.17
CA ILE H 113 41.16 -37.78 -3.22
C ILE H 113 40.66 -37.17 -4.52
N ILE H 114 40.10 -38.01 -5.38
CA ILE H 114 39.62 -37.60 -6.71
C ILE H 114 38.13 -37.30 -6.68
N CYS H 115 37.78 -36.07 -7.06
CA CYS H 115 36.38 -35.63 -7.05
C CYS H 115 35.90 -35.25 -8.45
N LYS H 116 34.77 -35.81 -8.85
CA LYS H 116 34.16 -35.55 -10.15
C LYS H 116 32.76 -35.01 -9.94
N VAL H 117 32.58 -33.72 -10.21
CA VAL H 117 31.31 -33.03 -9.95
C VAL H 117 30.63 -32.60 -11.25
N LYS H 118 29.31 -32.77 -11.30
CA LYS H 118 28.50 -32.16 -12.35
C LYS H 118 27.32 -31.41 -11.75
N VAL H 119 27.04 -30.24 -12.31
CA VAL H 119 26.12 -29.28 -11.73
C VAL H 119 25.10 -28.80 -12.77
N LEU H 120 23.85 -28.65 -12.34
CA LEU H 120 22.80 -28.13 -13.21
C LEU H 120 21.93 -27.16 -12.42
N GLY H 121 22.06 -25.87 -12.73
CA GLY H 121 21.29 -24.82 -12.09
C GLY H 121 20.32 -24.15 -13.05
N THR H 122 19.07 -24.00 -12.60
CA THR H 122 18.03 -23.37 -13.41
C THR H 122 17.13 -22.46 -12.57
N ASN H 123 16.30 -21.68 -13.25
CA ASN H 123 15.25 -20.86 -12.63
C ASN H 123 15.72 -19.79 -11.65
N PHE H 124 17.00 -19.42 -11.71
CA PHE H 124 17.50 -18.29 -10.94
C PHE H 124 16.96 -17.00 -11.55
N PRO H 125 16.37 -16.12 -10.70
CA PRO H 125 15.80 -14.86 -11.18
C PRO H 125 16.83 -13.98 -11.86
N ALA H 126 16.51 -13.52 -13.07
CA ALA H 126 17.43 -12.75 -13.92
C ALA H 126 18.00 -11.51 -13.23
N ASN H 127 17.20 -10.88 -12.38
CA ASN H 127 17.62 -9.66 -11.68
C ASN H 127 17.81 -9.87 -10.17
N GLY H 128 17.91 -11.13 -9.77
CA GLY H 128 18.20 -11.50 -8.38
C GLY H 128 19.67 -11.35 -8.07
N PRO H 129 20.04 -11.46 -6.78
CA PRO H 129 21.44 -11.28 -6.33
C PRO H 129 22.44 -12.31 -6.88
N VAL H 130 21.96 -13.52 -7.19
CA VAL H 130 22.82 -14.56 -7.76
C VAL H 130 23.25 -14.23 -9.19
N MET H 131 22.27 -13.91 -10.04
CA MET H 131 22.54 -13.62 -11.44
C MET H 131 23.12 -12.21 -11.67
N GLN H 132 22.97 -11.34 -10.67
CA GLN H 132 23.54 -10.01 -10.70
C GLN H 132 24.87 -9.94 -9.94
N LYS H 133 25.29 -11.10 -9.43
CA LYS H 133 26.55 -11.26 -8.69
C LYS H 133 26.70 -10.26 -7.53
N LYS H 134 25.70 -10.25 -6.64
CA LYS H 134 25.71 -9.35 -5.49
C LYS H 134 25.74 -10.14 -4.18
N THR H 135 26.48 -11.24 -4.17
CA THR H 135 26.64 -12.10 -3.00
C THR H 135 28.03 -11.90 -2.39
N CYS H 136 28.17 -12.23 -1.10
CA CYS H 136 29.41 -11.96 -0.36
C CYS H 136 29.86 -13.12 0.53
N GLY H 137 29.74 -14.33 0.02
CA GLY H 137 30.15 -15.53 0.76
C GLY H 137 29.08 -16.07 1.68
N TRP H 138 29.27 -17.31 2.13
CA TRP H 138 28.30 -17.98 2.99
C TRP H 138 28.58 -17.75 4.46
N GLU H 139 27.52 -17.73 5.25
CA GLU H 139 27.63 -17.77 6.71
C GLU H 139 28.03 -19.18 7.14
N PRO H 140 28.54 -19.33 8.38
CA PRO H 140 28.67 -20.67 8.92
C PRO H 140 27.30 -21.34 9.07
N SER H 141 27.27 -22.66 9.10
CA SER H 141 26.01 -23.39 9.24
C SER H 141 26.19 -24.67 10.04
N THR H 142 25.07 -25.32 10.33
CA THR H 142 25.07 -26.62 10.97
C THR H 142 24.12 -27.57 10.24
N GLU H 143 24.68 -28.68 9.76
CA GLU H 143 23.97 -29.64 8.92
C GLU H 143 23.58 -30.86 9.75
N THR H 144 22.35 -31.34 9.55
CA THR H 144 21.86 -32.52 10.27
C THR H 144 22.16 -33.79 9.48
N VAL H 145 22.94 -34.68 10.11
CA VAL H 145 23.33 -35.95 9.49
C VAL H 145 22.36 -37.05 9.93
N ILE H 146 21.57 -37.53 8.98
CA ILE H 146 20.54 -38.54 9.25
C ILE H 146 20.87 -39.85 8.54
N PRO H 147 20.97 -40.95 9.32
CA PRO H 147 21.20 -42.26 8.72
C PRO H 147 19.96 -42.75 7.98
N ARG H 148 20.15 -43.17 6.74
CA ARG H 148 19.03 -43.64 5.93
C ARG H 148 19.42 -44.71 4.92
N ASP H 149 18.84 -45.88 5.14
CA ASP H 149 19.03 -47.12 4.36
C ASP H 149 20.39 -47.30 3.69
N GLY H 150 21.38 -47.65 4.51
CA GLY H 150 22.72 -47.95 4.03
C GLY H 150 23.56 -46.73 3.70
N GLY H 151 22.89 -45.58 3.58
CA GLY H 151 23.58 -44.31 3.30
C GLY H 151 23.18 -43.20 4.25
N LEU H 152 23.38 -41.97 3.79
CA LEU H 152 23.09 -40.78 4.60
C LEU H 152 22.18 -39.79 3.88
N LEU H 153 21.32 -39.13 4.65
CA LEU H 153 20.61 -37.94 4.17
C LEU H 153 21.00 -36.76 5.05
N LEU H 154 21.59 -35.73 4.43
CA LEU H 154 22.00 -34.52 5.16
C LEU H 154 21.13 -33.33 4.78
N ARG H 155 20.64 -32.62 5.79
CA ARG H 155 19.79 -31.45 5.59
C ARG H 155 20.35 -30.22 6.27
N ASP H 156 20.28 -29.09 5.57
CA ASP H 156 20.83 -27.83 6.04
C ASP H 156 19.99 -26.67 5.52
N THR H 157 20.09 -25.53 6.20
CA THR H 157 19.46 -24.30 5.75
C THR H 157 20.49 -23.15 5.74
N PRO H 158 21.48 -23.21 4.81
CA PRO H 158 22.55 -22.21 4.78
C PRO H 158 22.08 -20.83 4.30
N ALA H 159 22.72 -19.79 4.84
CA ALA H 159 22.41 -18.41 4.48
C ALA H 159 23.57 -17.75 3.75
N LEU H 160 23.25 -17.13 2.62
CA LEU H 160 24.25 -16.45 1.79
C LEU H 160 24.20 -14.95 2.04
N MET H 161 25.35 -14.38 2.45
CA MET H 161 25.46 -12.95 2.72
C MET H 161 25.33 -12.14 1.43
N LEU H 162 24.61 -11.04 1.50
CA LEU H 162 24.37 -10.19 0.32
C LEU H 162 25.09 -8.85 0.42
N ALA H 163 25.30 -8.22 -0.73
CA ALA H 163 25.95 -6.92 -0.82
C ALA H 163 25.17 -5.81 -0.11
N ASP H 164 23.85 -5.96 -0.05
CA ASP H 164 22.99 -4.98 0.61
C ASP H 164 23.01 -5.07 2.15
N GLY H 165 23.58 -6.16 2.66
CA GLY H 165 23.69 -6.36 4.11
C GLY H 165 22.74 -7.42 4.66
N GLY H 166 21.82 -7.87 3.82
CA GLY H 166 20.87 -8.91 4.20
C GLY H 166 21.37 -10.30 3.87
N HIS H 167 20.46 -11.26 3.81
CA HIS H 167 20.80 -12.65 3.51
C HIS H 167 19.86 -13.26 2.48
N LEU H 168 20.40 -14.16 1.67
CA LEU H 168 19.60 -15.01 0.80
C LEU H 168 19.79 -16.45 1.27
N SER H 169 18.67 -17.09 1.61
CA SER H 169 18.73 -18.43 2.17
C SER H 169 18.30 -19.51 1.19
N CYS H 170 18.82 -20.72 1.39
CA CYS H 170 18.43 -21.87 0.60
C CYS H 170 18.30 -23.11 1.47
N PHE H 171 17.55 -24.09 0.97
CA PHE H 171 17.43 -25.39 1.62
C PHE H 171 18.28 -26.40 0.87
N MET H 172 19.12 -27.12 1.60
CA MET H 172 19.97 -28.15 1.02
C MET H 172 19.52 -29.54 1.47
N GLU H 173 19.44 -30.46 0.51
CA GLU H 173 19.18 -31.87 0.81
C GLU H 173 20.18 -32.74 0.07
N THR H 174 21.09 -33.36 0.82
CA THR H 174 22.20 -34.11 0.24
C THR H 174 22.11 -35.59 0.61
N THR H 175 22.18 -36.45 -0.41
CA THR H 175 22.17 -37.91 -0.21
C THR H 175 23.57 -38.47 -0.40
N TYR H 176 23.90 -39.52 0.36
CA TYR H 176 25.21 -40.17 0.27
C TYR H 176 25.07 -41.68 0.10
N LYS H 177 25.83 -42.24 -0.84
CA LYS H 177 25.87 -43.70 -1.02
C LYS H 177 27.30 -44.20 -1.16
N SER H 178 27.61 -45.23 -0.37
CA SER H 178 28.91 -45.88 -0.40
C SER H 178 28.88 -47.11 -1.29
N LYS H 179 30.01 -47.40 -1.93
CA LYS H 179 30.15 -48.57 -2.79
C LYS H 179 30.24 -49.87 -1.98
N LYS H 180 30.93 -49.80 -0.85
CA LYS H 180 31.02 -50.91 0.09
C LYS H 180 30.14 -50.60 1.31
N GLU H 181 29.55 -51.63 1.90
CA GLU H 181 28.73 -51.45 3.10
C GLU H 181 29.61 -51.05 4.29
N VAL H 182 29.23 -49.96 4.94
CA VAL H 182 29.95 -49.42 6.09
C VAL H 182 29.00 -49.29 7.29
N LYS H 183 29.56 -49.01 8.46
CA LYS H 183 28.76 -48.86 9.68
C LYS H 183 28.21 -47.44 9.79
N LEU H 184 26.88 -47.35 9.79
CA LEU H 184 26.17 -46.08 9.86
C LEU H 184 26.12 -45.50 11.28
N PRO H 185 26.26 -44.18 11.41
CA PRO H 185 26.14 -43.53 12.72
C PRO H 185 24.68 -43.26 13.08
N GLU H 186 24.43 -42.89 14.33
CA GLU H 186 23.14 -42.32 14.73
C GLU H 186 23.07 -40.87 14.27
N LEU H 187 21.90 -40.25 14.44
CA LEU H 187 21.71 -38.85 14.05
C LEU H 187 22.65 -37.91 14.83
N HIS H 188 23.33 -37.04 14.10
CA HIS H 188 24.19 -36.02 14.68
C HIS H 188 24.29 -34.82 13.74
N PHE H 189 25.22 -33.90 14.04
CA PHE H 189 25.33 -32.66 13.28
C PHE H 189 26.75 -32.38 12.82
N HIS H 190 26.87 -31.67 11.70
CA HIS H 190 28.13 -31.07 11.27
C HIS H 190 28.04 -29.56 11.50
N HIS H 191 29.09 -28.99 12.09
CA HIS H 191 29.20 -27.54 12.21
C HIS H 191 30.27 -27.07 11.22
N LEU H 192 29.84 -26.28 10.24
CA LEU H 192 30.68 -25.94 9.09
C LEU H 192 31.00 -24.44 9.03
N ARG H 193 32.17 -24.11 8.50
CA ARG H 193 32.46 -22.75 8.05
C ARG H 193 33.29 -22.79 6.78
N MET H 194 32.68 -22.35 5.68
CA MET H 194 33.27 -22.38 4.36
C MET H 194 33.48 -20.94 3.88
N GLU H 195 34.72 -20.59 3.56
CA GLU H 195 35.10 -19.21 3.25
C GLU H 195 36.03 -19.11 2.04
N LYS H 196 35.78 -18.10 1.20
CA LYS H 196 36.70 -17.73 0.12
C LYS H 196 37.79 -16.84 0.71
N LEU H 197 39.04 -17.25 0.55
CA LEU H 197 40.16 -16.54 1.16
C LEU H 197 40.82 -15.56 0.19
N ASN H 198 40.83 -15.91 -1.09
CA ASN H 198 41.50 -15.11 -2.10
C ASN H 198 40.89 -15.31 -3.49
N ILE H 199 40.86 -14.23 -4.27
CA ILE H 199 40.40 -14.28 -5.66
C ILE H 199 41.47 -13.59 -6.53
N SER H 200 41.85 -14.25 -7.62
CA SER H 200 42.85 -13.73 -8.54
C SER H 200 42.37 -12.45 -9.24
N ASP H 201 43.32 -11.68 -9.77
CA ASP H 201 43.01 -10.42 -10.46
C ASP H 201 42.14 -10.63 -11.70
N ASP H 202 42.34 -11.75 -12.39
CA ASP H 202 41.54 -12.09 -13.57
C ASP H 202 40.24 -12.82 -13.25
N TRP H 203 39.96 -12.99 -11.96
CA TRP H 203 38.73 -13.63 -11.45
C TRP H 203 38.57 -15.11 -11.82
N LYS H 204 39.64 -15.73 -12.32
CA LYS H 204 39.61 -17.13 -12.74
C LYS H 204 40.03 -18.10 -11.64
N THR H 205 40.78 -17.62 -10.66
CA THR H 205 41.27 -18.47 -9.57
C THR H 205 40.77 -17.98 -8.20
N VAL H 206 40.30 -18.92 -7.39
CA VAL H 206 39.80 -18.61 -6.05
C VAL H 206 40.20 -19.69 -5.03
N GLU H 207 40.72 -19.23 -3.90
CA GLU H 207 41.10 -20.11 -2.79
C GLU H 207 39.95 -20.24 -1.81
N GLN H 208 39.51 -21.48 -1.59
CA GLN H 208 38.37 -21.76 -0.70
C GLN H 208 38.80 -22.67 0.46
N HIS H 209 38.47 -22.26 1.67
CA HIS H 209 38.83 -22.98 2.88
C HIS H 209 37.57 -23.46 3.62
N GLU H 210 37.68 -24.61 4.28
CA GLU H 210 36.56 -25.15 5.06
C GLU H 210 37.02 -25.89 6.32
N SER H 211 36.32 -25.64 7.41
CA SER H 211 36.51 -26.38 8.67
C SER H 211 35.20 -27.02 9.10
N VAL H 212 35.27 -28.28 9.52
CA VAL H 212 34.08 -29.06 9.88
C VAL H 212 34.29 -29.79 11.21
N VAL H 213 33.33 -29.65 12.11
CA VAL H 213 33.32 -30.39 13.37
C VAL H 213 32.01 -31.17 13.51
N ALA H 214 32.15 -32.50 13.66
CA ALA H 214 30.99 -33.37 13.87
C ALA H 214 30.75 -33.57 15.36
N SER H 215 29.49 -33.52 15.77
CA SER H 215 29.13 -33.65 17.18
C SER H 215 27.64 -33.94 17.38
N TYR H 216 27.33 -34.57 18.52
CA TYR H 216 25.95 -34.63 19.00
C TYR H 216 25.59 -33.25 19.55
N SER H 217 24.30 -33.04 19.80
CA SER H 217 23.81 -31.82 20.42
C SER H 217 24.43 -31.63 21.80
N GLN H 218 24.90 -30.42 22.10
CA GLN H 218 25.57 -30.14 23.37
C GLN H 218 24.60 -29.71 24.47
N VAL H 219 23.33 -29.58 24.13
CA VAL H 219 22.29 -29.26 25.11
C VAL H 219 21.76 -30.56 25.77
N PRO H 220 21.75 -30.59 27.12
CA PRO H 220 21.43 -31.77 27.91
C PRO H 220 20.04 -32.34 27.68
N SER H 221 19.90 -33.65 27.86
CA SER H 221 18.63 -34.35 27.67
C SER H 221 18.00 -34.73 29.01
N LYS H 222 16.68 -34.78 29.04
CA LYS H 222 15.92 -35.23 30.20
C LYS H 222 15.56 -36.72 30.07
N LEU H 223 15.72 -37.26 28.87
CA LEU H 223 15.36 -38.65 28.56
C LEU H 223 16.57 -39.56 28.34
N GLY H 224 17.77 -39.03 28.58
CA GLY H 224 19.01 -39.78 28.40
C GLY H 224 19.34 -40.04 26.94
N HIS H 225 18.86 -39.15 26.07
CA HIS H 225 19.05 -39.27 24.63
C HIS H 225 20.26 -38.43 24.18
N ASN H 226 20.96 -38.90 23.16
CA ASN H 226 22.12 -38.17 22.61
C ASN H 226 21.71 -36.86 21.94
#